data_1WG6
#
_entry.id   1WG6
#
_entity_poly.entity_id   1
_entity_poly.type   'polypeptide(L)'
_entity_poly.pdbx_seq_one_letter_code
;GSSGSSGLKGEPDCYALSLESSEQLTLEIPLNDSGSAGLGVSLKGNKSRETGTDLGIFIKSIIHGGAAFKDGRLRMNDQL
IAVNGETLLGKSNHEAMETLRRSMSMEGNIRGMIQLVILRRSGPSSG
;
_entity_poly.pdbx_strand_id   A
#
# COMPACT_ATOMS: atom_id res chain seq x y z
N GLY A 1 21.14 -6.79 26.71
CA GLY A 1 21.13 -5.40 26.31
C GLY A 1 22.11 -4.58 27.14
N SER A 2 21.75 -3.32 27.35
CA SER A 2 22.59 -2.43 28.12
C SER A 2 23.93 -2.20 27.40
N SER A 3 24.08 -0.98 26.89
CA SER A 3 25.30 -0.63 26.18
C SER A 3 25.21 0.81 25.67
N GLY A 4 26.27 1.56 25.91
CA GLY A 4 26.33 2.95 25.49
C GLY A 4 27.76 3.44 25.41
N SER A 5 27.90 4.76 25.32
CA SER A 5 29.21 5.38 25.24
C SER A 5 29.14 6.83 25.72
N SER A 6 30.31 7.41 25.92
CA SER A 6 30.39 8.79 26.37
C SER A 6 31.68 9.44 25.87
N GLY A 7 31.73 10.76 25.98
CA GLY A 7 32.89 11.50 25.53
C GLY A 7 32.64 12.19 24.19
N LEU A 8 33.57 12.01 23.27
CA LEU A 8 33.45 12.61 21.95
C LEU A 8 33.56 14.12 22.08
N LYS A 9 34.42 14.70 21.24
CA LYS A 9 34.62 16.14 21.25
C LYS A 9 34.62 16.65 19.81
N GLY A 10 33.45 17.09 19.37
CA GLY A 10 33.31 17.60 18.02
C GLY A 10 32.10 16.98 17.32
N GLU A 11 32.24 15.69 17.01
CA GLU A 11 31.17 14.97 16.34
C GLU A 11 30.91 15.56 14.95
N PRO A 12 31.59 14.97 13.94
CA PRO A 12 31.45 15.42 12.57
C PRO A 12 30.10 14.98 11.98
N ASP A 13 29.04 15.37 12.65
CA ASP A 13 27.70 15.02 12.21
C ASP A 13 26.67 15.57 13.20
N CYS A 14 25.52 15.94 12.67
CA CYS A 14 24.46 16.49 13.49
C CYS A 14 24.02 15.41 14.48
N TYR A 15 23.55 14.29 13.93
CA TYR A 15 23.09 13.19 14.75
C TYR A 15 22.76 11.97 13.88
N ALA A 16 23.28 10.83 14.29
CA ALA A 16 23.04 9.59 13.56
C ALA A 16 22.75 8.47 14.56
N LEU A 17 21.55 7.91 14.45
CA LEU A 17 21.15 6.83 15.34
C LEU A 17 20.72 5.63 14.50
N SER A 18 19.72 5.84 13.68
CA SER A 18 19.21 4.78 12.81
C SER A 18 18.97 5.33 11.41
N LEU A 19 19.44 4.57 10.42
CA LEU A 19 19.28 4.98 9.04
C LEU A 19 17.79 5.08 8.71
N GLU A 20 17.44 6.14 8.01
CA GLU A 20 16.06 6.38 7.63
C GLU A 20 15.68 5.47 6.45
N SER A 21 14.39 5.20 6.35
CA SER A 21 13.88 4.37 5.28
C SER A 21 12.36 4.49 5.18
N SER A 22 11.85 4.35 3.97
CA SER A 22 10.43 4.46 3.73
C SER A 22 9.66 3.59 4.75
N GLU A 23 8.43 3.99 5.01
CA GLU A 23 7.59 3.28 5.95
C GLU A 23 6.47 2.55 5.21
N GLN A 24 5.89 1.57 5.91
CA GLN A 24 4.81 0.79 5.33
C GLN A 24 3.69 0.61 6.35
N LEU A 25 2.46 0.68 5.86
CA LEU A 25 1.30 0.51 6.72
C LEU A 25 0.50 -0.70 6.27
N THR A 26 -0.16 -1.33 7.23
CA THR A 26 -0.97 -2.50 6.94
C THR A 26 -2.41 -2.30 7.43
N LEU A 27 -3.30 -2.14 6.45
CA LEU A 27 -4.71 -1.93 6.77
C LEU A 27 -5.49 -3.20 6.40
N GLU A 28 -6.41 -3.56 7.29
CA GLU A 28 -7.23 -4.74 7.08
C GLU A 28 -8.69 -4.33 6.85
N ILE A 29 -9.21 -4.76 5.71
CA ILE A 29 -10.59 -4.46 5.36
C ILE A 29 -11.36 -5.76 5.16
N PRO A 30 -12.44 -5.92 5.97
CA PRO A 30 -13.27 -7.12 5.88
C PRO A 30 -14.17 -7.07 4.64
N LEU A 31 -14.27 -8.22 3.98
CA LEU A 31 -15.09 -8.32 2.79
C LEU A 31 -16.23 -9.32 3.04
N ASN A 32 -16.91 -9.12 4.16
CA ASN A 32 -18.02 -10.00 4.52
C ASN A 32 -19.27 -9.57 3.75
N ASP A 33 -19.69 -8.35 3.99
CA ASP A 33 -20.86 -7.81 3.32
C ASP A 33 -20.44 -7.11 2.03
N SER A 34 -19.27 -6.51 2.08
CA SER A 34 -18.74 -5.80 0.92
C SER A 34 -18.22 -6.80 -0.10
N GLY A 35 -17.49 -7.79 0.39
CA GLY A 35 -16.93 -8.82 -0.47
C GLY A 35 -17.92 -9.22 -1.57
N SER A 36 -19.17 -9.39 -1.15
CA SER A 36 -20.22 -9.78 -2.09
C SER A 36 -20.01 -9.05 -3.42
N ALA A 37 -20.01 -7.73 -3.35
CA ALA A 37 -19.82 -6.91 -4.54
C ALA A 37 -18.33 -6.68 -4.77
N GLY A 38 -17.65 -6.34 -3.67
CA GLY A 38 -16.21 -6.08 -3.74
C GLY A 38 -15.80 -5.04 -2.71
N LEU A 39 -14.53 -4.68 -2.76
CA LEU A 39 -13.99 -3.70 -1.83
C LEU A 39 -14.96 -2.52 -1.75
N GLY A 40 -15.13 -1.84 -2.88
CA GLY A 40 -16.02 -0.70 -2.94
C GLY A 40 -15.23 0.59 -3.16
N VAL A 41 -13.98 0.43 -3.54
CA VAL A 41 -13.11 1.57 -3.78
C VAL A 41 -12.56 1.49 -5.21
N SER A 42 -12.21 2.65 -5.74
CA SER A 42 -11.67 2.72 -7.09
C SER A 42 -10.20 3.13 -7.04
N LEU A 43 -9.43 2.56 -7.96
CA LEU A 43 -8.01 2.85 -8.04
C LEU A 43 -7.69 3.42 -9.42
N LYS A 44 -6.51 4.03 -9.51
CA LYS A 44 -6.07 4.62 -10.76
C LYS A 44 -4.62 4.23 -11.03
N GLY A 45 -4.34 3.92 -12.28
CA GLY A 45 -3.00 3.53 -12.67
C GLY A 45 -2.17 4.74 -13.12
N ASN A 46 -0.90 4.73 -12.71
CA ASN A 46 -0.01 5.82 -13.05
C ASN A 46 1.16 5.27 -13.88
N LYS A 47 1.42 5.93 -15.00
CA LYS A 47 2.50 5.52 -15.87
C LYS A 47 3.58 6.61 -15.88
N SER A 48 4.82 6.17 -16.05
CA SER A 48 5.94 7.07 -16.08
C SER A 48 6.67 6.98 -17.43
N ARG A 49 6.89 8.14 -18.03
CA ARG A 49 7.56 8.20 -19.31
C ARG A 49 9.08 8.28 -19.12
N GLU A 50 9.47 8.81 -17.97
CA GLU A 50 10.88 8.94 -17.65
C GLU A 50 11.53 7.56 -17.54
N THR A 51 10.72 6.59 -17.15
CA THR A 51 11.20 5.22 -17.00
C THR A 51 10.65 4.34 -18.12
N GLY A 52 9.41 4.62 -18.49
CA GLY A 52 8.76 3.86 -19.55
C GLY A 52 8.12 2.58 -18.99
N THR A 53 7.86 2.61 -17.69
CA THR A 53 7.25 1.48 -17.02
C THR A 53 5.94 1.89 -16.35
N ASP A 54 5.49 1.03 -15.45
CA ASP A 54 4.25 1.28 -14.72
C ASP A 54 4.57 1.47 -13.23
N LEU A 55 4.54 2.72 -12.81
CA LEU A 55 4.83 3.05 -11.42
C LEU A 55 4.14 2.03 -10.52
N GLY A 56 2.92 1.67 -10.90
CA GLY A 56 2.14 0.72 -10.13
C GLY A 56 0.67 1.15 -10.04
N ILE A 57 0.04 0.75 -8.95
CA ILE A 57 -1.35 1.09 -8.72
C ILE A 57 -1.47 1.96 -7.47
N PHE A 58 -2.39 2.92 -7.53
CA PHE A 58 -2.61 3.81 -6.41
C PHE A 58 -4.10 4.09 -6.22
N ILE A 59 -4.50 4.16 -4.96
CA ILE A 59 -5.88 4.42 -4.63
C ILE A 59 -6.34 5.71 -5.33
N LYS A 60 -7.60 5.71 -5.73
CA LYS A 60 -8.17 6.86 -6.40
C LYS A 60 -8.97 7.70 -5.40
N SER A 61 -9.83 7.00 -4.66
CA SER A 61 -10.66 7.66 -3.66
C SER A 61 -11.57 6.64 -2.98
N ILE A 62 -11.71 6.79 -1.68
CA ILE A 62 -12.55 5.89 -0.90
C ILE A 62 -14.00 6.39 -0.95
N ILE A 63 -14.91 5.43 -1.08
CA ILE A 63 -16.33 5.75 -1.13
C ILE A 63 -16.94 5.60 0.26
N HIS A 64 -17.13 6.73 0.92
CA HIS A 64 -17.70 6.73 2.26
C HIS A 64 -19.02 5.96 2.25
N GLY A 65 -19.68 5.97 3.40
CA GLY A 65 -20.95 5.28 3.53
C GLY A 65 -20.88 3.87 2.96
N GLY A 66 -19.67 3.33 2.95
CA GLY A 66 -19.45 1.99 2.43
C GLY A 66 -18.70 1.12 3.45
N ALA A 67 -18.01 0.12 2.93
CA ALA A 67 -17.25 -0.79 3.77
C ALA A 67 -15.84 -0.25 3.95
N ALA A 68 -15.21 0.07 2.82
CA ALA A 68 -13.86 0.59 2.83
C ALA A 68 -13.83 1.89 3.65
N PHE A 69 -14.94 2.60 3.61
CA PHE A 69 -15.05 3.85 4.35
C PHE A 69 -14.31 3.76 5.68
N LYS A 70 -14.49 2.63 6.34
CA LYS A 70 -13.86 2.41 7.64
C LYS A 70 -12.36 2.72 7.53
N ASP A 71 -11.75 2.11 6.52
CA ASP A 71 -10.32 2.31 6.29
C ASP A 71 -10.12 3.56 5.44
N GLY A 72 -11.22 4.03 4.86
CA GLY A 72 -11.17 5.21 4.02
C GLY A 72 -10.28 6.30 4.65
N ARG A 73 -10.15 6.22 5.97
CA ARG A 73 -9.35 7.18 6.70
C ARG A 73 -8.10 7.55 5.89
N LEU A 74 -7.65 6.60 5.10
CA LEU A 74 -6.47 6.82 4.27
C LEU A 74 -6.78 7.85 3.20
N ARG A 75 -5.83 8.04 2.30
CA ARG A 75 -5.99 9.00 1.22
C ARG A 75 -5.53 8.39 -0.10
N MET A 76 -6.25 8.74 -1.17
CA MET A 76 -5.93 8.23 -2.48
C MET A 76 -4.44 8.41 -2.79
N ASN A 77 -4.03 7.86 -3.92
CA ASN A 77 -2.64 7.95 -4.34
C ASN A 77 -1.79 7.06 -3.45
N ASP A 78 -2.46 6.11 -2.79
CA ASP A 78 -1.76 5.18 -1.91
C ASP A 78 -1.24 3.99 -2.72
N GLN A 79 0.02 4.10 -3.12
CA GLN A 79 0.64 3.04 -3.90
C GLN A 79 0.47 1.70 -3.20
N LEU A 80 0.05 0.72 -3.98
CA LEU A 80 -0.17 -0.62 -3.46
C LEU A 80 1.07 -1.49 -3.76
N ILE A 81 1.97 -1.52 -2.80
CA ILE A 81 3.19 -2.30 -2.95
C ILE A 81 2.86 -3.79 -2.81
N ALA A 82 1.60 -4.06 -2.51
CA ALA A 82 1.13 -5.42 -2.35
C ALA A 82 -0.34 -5.42 -1.95
N VAL A 83 -0.86 -6.62 -1.70
CA VAL A 83 -2.25 -6.77 -1.31
C VAL A 83 -2.51 -8.22 -0.88
N ASN A 84 -2.81 -8.37 0.39
CA ASN A 84 -3.08 -9.69 0.94
C ASN A 84 -1.79 -10.53 0.92
N GLY A 85 -0.67 -9.81 0.85
CA GLY A 85 0.63 -10.47 0.82
C GLY A 85 1.12 -10.64 -0.62
N GLU A 86 0.24 -10.35 -1.56
CA GLU A 86 0.57 -10.47 -2.96
C GLU A 86 1.14 -9.15 -3.50
N THR A 87 2.27 -9.26 -4.18
CA THR A 87 2.92 -8.08 -4.74
C THR A 87 2.11 -7.54 -5.92
N LEU A 88 2.30 -6.26 -6.18
CA LEU A 88 1.59 -5.60 -7.28
C LEU A 88 2.61 -4.92 -8.19
N LEU A 89 3.56 -4.24 -7.56
CA LEU A 89 4.59 -3.54 -8.31
C LEU A 89 5.18 -4.48 -9.37
N GLY A 90 5.36 -5.73 -8.97
CA GLY A 90 5.91 -6.73 -9.87
C GLY A 90 5.02 -6.91 -11.10
N LYS A 91 3.74 -6.61 -10.91
CA LYS A 91 2.78 -6.74 -11.99
C LYS A 91 2.55 -5.37 -12.64
N SER A 92 1.61 -5.33 -13.57
CA SER A 92 1.29 -4.10 -14.27
C SER A 92 0.00 -3.50 -13.71
N ASN A 93 -0.44 -2.43 -14.35
CA ASN A 93 -1.66 -1.76 -13.94
C ASN A 93 -2.83 -2.73 -14.03
N HIS A 94 -2.96 -3.35 -15.19
CA HIS A 94 -4.03 -4.30 -15.43
C HIS A 94 -3.88 -5.49 -14.46
N GLU A 95 -2.88 -6.30 -14.73
CA GLU A 95 -2.61 -7.46 -13.91
C GLU A 95 -2.85 -7.13 -12.43
N ALA A 96 -2.04 -6.22 -11.92
CA ALA A 96 -2.16 -5.81 -10.53
C ALA A 96 -3.64 -5.69 -10.17
N MET A 97 -4.28 -4.68 -10.74
CA MET A 97 -5.69 -4.45 -10.48
C MET A 97 -6.50 -5.74 -10.64
N GLU A 98 -5.99 -6.62 -11.50
CA GLU A 98 -6.64 -7.89 -11.75
C GLU A 98 -6.47 -8.83 -10.56
N THR A 99 -5.37 -8.64 -9.86
CA THR A 99 -5.07 -9.46 -8.69
C THR A 99 -5.97 -9.06 -7.52
N LEU A 100 -6.12 -7.76 -7.34
CA LEU A 100 -6.95 -7.23 -6.27
C LEU A 100 -8.27 -8.01 -6.23
N ARG A 101 -9.13 -7.71 -7.19
CA ARG A 101 -10.42 -8.37 -7.28
C ARG A 101 -10.27 -9.87 -7.00
N ARG A 102 -9.14 -10.40 -7.42
CA ARG A 102 -8.86 -11.82 -7.22
C ARG A 102 -8.76 -12.13 -5.72
N SER A 103 -7.76 -11.52 -5.09
CA SER A 103 -7.54 -11.73 -3.67
C SER A 103 -8.80 -11.32 -2.88
N MET A 104 -9.53 -10.37 -3.45
CA MET A 104 -10.75 -9.89 -2.81
C MET A 104 -11.81 -11.00 -2.75
N SER A 105 -11.82 -11.81 -3.81
CA SER A 105 -12.78 -12.90 -3.88
C SER A 105 -12.14 -14.20 -3.40
N MET A 106 -10.82 -14.21 -3.43
CA MET A 106 -10.07 -15.38 -2.99
C MET A 106 -9.88 -15.38 -1.47
N GLU A 107 -9.27 -14.31 -0.99
CA GLU A 107 -9.01 -14.18 0.44
C GLU A 107 -10.32 -13.89 1.17
N GLY A 108 -11.15 -13.05 0.56
CA GLY A 108 -12.42 -12.69 1.15
C GLY A 108 -13.37 -13.88 1.18
N ASN A 109 -12.93 -14.96 0.56
CA ASN A 109 -13.72 -16.18 0.50
C ASN A 109 -13.40 -17.05 1.72
N ILE A 110 -12.17 -17.53 1.75
CA ILE A 110 -11.72 -18.37 2.86
C ILE A 110 -11.43 -17.50 4.08
N ARG A 111 -10.85 -16.34 3.80
CA ARG A 111 -10.52 -15.41 4.87
C ARG A 111 -11.70 -14.49 5.16
N GLY A 112 -11.97 -13.60 4.22
CA GLY A 112 -13.07 -12.66 4.37
C GLY A 112 -12.55 -11.23 4.56
N MET A 113 -11.25 -11.08 4.36
CA MET A 113 -10.62 -9.77 4.50
C MET A 113 -9.52 -9.58 3.48
N ILE A 114 -9.09 -8.34 3.33
CA ILE A 114 -8.04 -8.00 2.39
C ILE A 114 -7.08 -7.00 3.03
N GLN A 115 -5.79 -7.25 2.83
CA GLN A 115 -4.76 -6.38 3.38
C GLN A 115 -4.19 -5.48 2.28
N LEU A 116 -3.93 -4.23 2.65
CA LEU A 116 -3.36 -3.28 1.71
C LEU A 116 -2.03 -2.75 2.25
N VAL A 117 -0.98 -3.01 1.49
CA VAL A 117 0.35 -2.57 1.88
C VAL A 117 0.74 -1.35 1.06
N ILE A 118 0.89 -0.22 1.75
CA ILE A 118 1.26 1.01 1.10
C ILE A 118 2.68 1.40 1.52
N LEU A 119 3.27 2.30 0.74
CA LEU A 119 4.62 2.76 1.01
C LEU A 119 4.66 4.28 0.93
N ARG A 120 5.07 4.89 2.04
CA ARG A 120 5.15 6.35 2.10
C ARG A 120 6.44 6.77 2.80
N ARG A 121 7.33 7.38 2.03
CA ARG A 121 8.59 7.84 2.56
C ARG A 121 8.38 8.56 3.89
N SER A 122 9.48 8.78 4.60
CA SER A 122 9.44 9.46 5.89
C SER A 122 8.65 10.76 5.76
N GLY A 123 9.18 11.66 4.94
CA GLY A 123 8.54 12.94 4.71
C GLY A 123 8.75 13.43 3.28
N PRO A 124 7.69 14.06 2.72
CA PRO A 124 7.75 14.57 1.37
C PRO A 124 8.58 15.85 1.29
N SER A 125 9.82 15.73 1.76
CA SER A 125 10.72 16.87 1.76
C SER A 125 9.97 18.14 2.15
N SER A 126 9.74 18.28 3.45
CA SER A 126 9.03 19.44 3.96
C SER A 126 9.88 20.15 5.01
N GLY A 127 9.99 21.46 4.87
CA GLY A 127 10.77 22.27 5.79
C GLY A 127 11.30 23.53 5.11
N GLY A 1 36.30 24.98 24.88
CA GLY A 1 35.11 24.16 24.71
C GLY A 1 35.09 23.49 23.34
N SER A 2 34.31 24.08 22.43
CA SER A 2 34.19 23.55 21.09
C SER A 2 34.26 24.70 20.08
N SER A 3 33.32 25.63 20.22
CA SER A 3 33.26 26.77 19.33
C SER A 3 33.11 26.30 17.88
N GLY A 4 32.64 27.21 17.04
CA GLY A 4 32.45 26.90 15.63
C GLY A 4 33.10 27.96 14.74
N SER A 5 32.67 27.98 13.49
CA SER A 5 33.19 28.93 12.53
C SER A 5 32.50 28.75 11.18
N SER A 6 32.02 29.86 10.65
CA SER A 6 31.33 29.84 9.36
C SER A 6 32.28 29.32 8.28
N GLY A 7 31.70 28.64 7.31
CA GLY A 7 32.47 28.08 6.21
C GLY A 7 31.59 27.24 5.28
N LEU A 8 32.18 26.16 4.78
CA LEU A 8 31.46 25.27 3.89
C LEU A 8 32.26 23.97 3.72
N LYS A 9 33.40 24.10 3.04
CA LYS A 9 34.27 22.96 2.80
C LYS A 9 33.57 22.00 1.82
N GLY A 10 34.39 21.36 1.00
CA GLY A 10 33.88 20.42 0.02
C GLY A 10 33.34 19.16 0.70
N GLU A 11 32.08 19.22 1.09
CA GLU A 11 31.45 18.09 1.76
C GLU A 11 31.53 16.85 0.88
N PRO A 12 31.55 15.67 1.55
CA PRO A 12 31.65 14.39 0.85
C PRO A 12 30.30 14.04 0.20
N ASP A 13 29.24 14.28 0.95
CA ASP A 13 27.89 13.99 0.47
C ASP A 13 26.87 14.37 1.53
N CYS A 14 26.97 13.69 2.67
CA CYS A 14 26.07 13.94 3.77
C CYS A 14 24.65 13.58 3.34
N TYR A 15 24.19 12.43 3.83
CA TYR A 15 22.87 11.95 3.49
C TYR A 15 22.46 10.78 4.38
N ALA A 16 23.41 9.88 4.59
CA ALA A 16 23.18 8.72 5.42
C ALA A 16 22.11 7.83 4.76
N LEU A 17 22.03 6.60 5.23
CA LEU A 17 21.08 5.65 4.70
C LEU A 17 19.66 6.08 5.10
N SER A 18 19.09 5.33 6.03
CA SER A 18 17.75 5.62 6.51
C SER A 18 16.85 6.05 5.34
N LEU A 19 16.61 5.09 4.45
CA LEU A 19 15.78 5.35 3.29
C LEU A 19 15.12 4.04 2.83
N GLU A 20 15.94 3.00 2.76
CA GLU A 20 15.45 1.69 2.34
C GLU A 20 14.33 1.23 3.26
N SER A 21 13.45 0.41 2.70
CA SER A 21 12.32 -0.11 3.45
C SER A 21 11.20 0.92 3.48
N SER A 22 11.55 2.14 3.88
CA SER A 22 10.59 3.22 3.96
C SER A 22 9.47 2.85 4.94
N GLU A 23 8.51 3.76 5.06
CA GLU A 23 7.39 3.55 5.96
C GLU A 23 6.27 2.81 5.23
N GLN A 24 5.80 1.74 5.87
CA GLN A 24 4.72 0.94 5.29
C GLN A 24 3.59 0.76 6.31
N LEU A 25 2.37 0.81 5.79
CA LEU A 25 1.20 0.65 6.64
C LEU A 25 0.35 -0.51 6.13
N THR A 26 0.05 -1.43 7.03
CA THR A 26 -0.75 -2.60 6.67
C THR A 26 -2.18 -2.42 7.18
N LEU A 27 -3.08 -2.15 6.24
CA LEU A 27 -4.48 -1.96 6.58
C LEU A 27 -5.24 -3.24 6.25
N GLU A 28 -6.19 -3.56 7.12
CA GLU A 28 -7.01 -4.75 6.95
C GLU A 28 -8.48 -4.37 6.80
N ILE A 29 -9.04 -4.74 5.66
CA ILE A 29 -10.43 -4.45 5.38
C ILE A 29 -11.20 -5.76 5.19
N PRO A 30 -12.21 -5.97 6.06
CA PRO A 30 -13.03 -7.18 5.99
C PRO A 30 -14.01 -7.11 4.81
N LEU A 31 -14.29 -8.27 4.24
CA LEU A 31 -15.20 -8.35 3.11
C LEU A 31 -16.33 -9.33 3.46
N ASN A 32 -16.79 -9.25 4.70
CA ASN A 32 -17.87 -10.10 5.16
C ASN A 32 -19.12 -9.85 4.32
N ASP A 33 -19.62 -8.63 4.42
CA ASP A 33 -20.81 -8.23 3.67
C ASP A 33 -20.39 -7.51 2.40
N SER A 34 -19.21 -6.92 2.45
CA SER A 34 -18.69 -6.19 1.31
C SER A 34 -18.24 -7.17 0.22
N GLY A 35 -17.57 -8.22 0.65
CA GLY A 35 -17.09 -9.23 -0.28
C GLY A 35 -18.11 -9.48 -1.40
N SER A 36 -19.37 -9.49 -1.00
CA SER A 36 -20.45 -9.72 -1.95
C SER A 36 -20.13 -9.02 -3.27
N ALA A 37 -20.09 -7.69 -3.20
CA ALA A 37 -19.80 -6.89 -4.38
C ALA A 37 -18.30 -6.62 -4.45
N GLY A 38 -17.68 -6.58 -3.28
CA GLY A 38 -16.25 -6.32 -3.20
C GLY A 38 -15.95 -5.16 -2.25
N LEU A 39 -14.67 -4.88 -2.10
CA LEU A 39 -14.23 -3.80 -1.23
C LEU A 39 -15.20 -2.61 -1.38
N GLY A 40 -15.12 -1.97 -2.54
CA GLY A 40 -15.97 -0.83 -2.82
C GLY A 40 -15.14 0.45 -2.96
N VAL A 41 -13.93 0.28 -3.47
CA VAL A 41 -13.04 1.41 -3.66
C VAL A 41 -12.46 1.35 -5.08
N SER A 42 -12.12 2.53 -5.60
CA SER A 42 -11.55 2.63 -6.93
C SER A 42 -10.10 3.09 -6.85
N LEU A 43 -9.27 2.47 -7.68
CA LEU A 43 -7.86 2.81 -7.71
C LEU A 43 -7.52 3.43 -9.07
N LYS A 44 -6.44 4.20 -9.07
CA LYS A 44 -5.99 4.85 -10.30
C LYS A 44 -4.61 4.32 -10.68
N GLY A 45 -4.45 4.06 -11.97
CA GLY A 45 -3.18 3.55 -12.48
C GLY A 45 -2.25 4.70 -12.87
N ASN A 46 -0.99 4.55 -12.48
CA ASN A 46 0.00 5.57 -12.78
C ASN A 46 1.08 4.96 -13.68
N LYS A 47 1.44 5.71 -14.72
CA LYS A 47 2.45 5.27 -15.66
C LYS A 47 3.47 6.38 -15.88
N SER A 48 4.70 5.98 -16.15
CA SER A 48 5.77 6.93 -16.38
C SER A 48 6.32 6.76 -17.80
N ARG A 49 6.46 7.89 -18.48
CA ARG A 49 6.97 7.89 -19.84
C ARG A 49 8.50 7.88 -19.84
N GLU A 50 9.05 8.62 -18.89
CA GLU A 50 10.50 8.71 -18.77
C GLU A 50 11.11 7.32 -18.63
N THR A 51 10.78 6.67 -17.52
CA THR A 51 11.29 5.33 -17.25
C THR A 51 10.54 4.30 -18.11
N GLY A 52 9.39 4.72 -18.62
CA GLY A 52 8.59 3.85 -19.45
C GLY A 52 8.20 2.57 -18.71
N THR A 53 7.97 2.74 -17.41
CA THR A 53 7.59 1.60 -16.57
C THR A 53 6.25 1.87 -15.89
N ASP A 54 5.70 0.82 -15.29
CA ASP A 54 4.42 0.93 -14.62
C ASP A 54 4.66 1.20 -13.13
N LEU A 55 4.39 2.43 -12.72
CA LEU A 55 4.58 2.82 -11.34
C LEU A 55 3.85 1.84 -10.43
N GLY A 56 2.75 1.30 -10.95
CA GLY A 56 1.96 0.34 -10.20
C GLY A 56 0.49 0.80 -10.11
N ILE A 57 -0.05 0.69 -8.91
CA ILE A 57 -1.42 1.09 -8.67
C ILE A 57 -1.48 2.04 -7.48
N PHE A 58 -2.43 2.97 -7.54
CA PHE A 58 -2.60 3.94 -6.48
C PHE A 58 -4.08 4.23 -6.25
N ILE A 59 -4.45 4.21 -4.96
CA ILE A 59 -5.83 4.47 -4.59
C ILE A 59 -6.31 5.75 -5.25
N LYS A 60 -7.58 5.77 -5.60
CA LYS A 60 -8.17 6.94 -6.24
C LYS A 60 -8.95 7.74 -5.20
N SER A 61 -9.85 7.05 -4.53
CA SER A 61 -10.67 7.69 -3.51
C SER A 61 -11.54 6.65 -2.80
N ILE A 62 -11.75 6.86 -1.51
CA ILE A 62 -12.56 5.96 -0.72
C ILE A 62 -14.02 6.38 -0.79
N ILE A 63 -14.88 5.40 -0.98
CA ILE A 63 -16.31 5.66 -1.07
C ILE A 63 -16.94 5.56 0.32
N HIS A 64 -17.27 6.72 0.87
CA HIS A 64 -17.88 6.78 2.19
C HIS A 64 -19.16 5.95 2.20
N GLY A 65 -19.81 5.95 3.36
CA GLY A 65 -21.05 5.19 3.51
C GLY A 65 -20.90 3.77 2.97
N GLY A 66 -19.70 3.24 3.13
CA GLY A 66 -19.42 1.89 2.67
C GLY A 66 -18.57 1.12 3.69
N ALA A 67 -17.93 0.07 3.21
CA ALA A 67 -17.09 -0.74 4.06
C ALA A 67 -15.70 -0.11 4.17
N ALA A 68 -15.14 0.21 3.01
CA ALA A 68 -13.83 0.82 2.96
C ALA A 68 -13.84 2.13 3.75
N PHE A 69 -14.97 2.82 3.66
CA PHE A 69 -15.13 4.09 4.36
C PHE A 69 -14.41 4.06 5.71
N LYS A 70 -14.59 2.94 6.41
CA LYS A 70 -13.98 2.77 7.72
C LYS A 70 -12.48 3.06 7.62
N ASP A 71 -11.84 2.36 6.69
CA ASP A 71 -10.41 2.53 6.49
C ASP A 71 -10.17 3.79 5.63
N GLY A 72 -11.26 4.28 5.05
CA GLY A 72 -11.18 5.46 4.20
C GLY A 72 -10.21 6.49 4.81
N ARG A 73 -10.08 6.44 6.12
CA ARG A 73 -9.20 7.36 6.82
C ARG A 73 -7.94 7.62 6.00
N LEU A 74 -7.55 6.60 5.24
CA LEU A 74 -6.36 6.71 4.40
C LEU A 74 -6.57 7.82 3.37
N ARG A 75 -5.53 8.04 2.58
CA ARG A 75 -5.58 9.08 1.55
C ARG A 75 -5.25 8.48 0.18
N MET A 76 -6.09 8.81 -0.79
CA MET A 76 -5.89 8.32 -2.14
C MET A 76 -4.43 8.46 -2.58
N ASN A 77 -4.15 7.92 -3.75
CA ASN A 77 -2.80 7.98 -4.29
C ASN A 77 -1.87 7.14 -3.42
N ASP A 78 -2.45 6.13 -2.77
CA ASP A 78 -1.69 5.25 -1.91
C ASP A 78 -1.18 4.07 -2.73
N GLN A 79 0.07 4.19 -3.17
CA GLN A 79 0.69 3.14 -3.97
C GLN A 79 0.55 1.79 -3.27
N LEU A 80 0.27 0.77 -4.07
CA LEU A 80 0.11 -0.57 -3.53
C LEU A 80 1.38 -1.38 -3.80
N ILE A 81 2.08 -1.71 -2.73
CA ILE A 81 3.30 -2.47 -2.83
C ILE A 81 3.00 -3.96 -2.63
N ALA A 82 1.71 -4.25 -2.56
CA ALA A 82 1.27 -5.63 -2.38
C ALA A 82 -0.19 -5.63 -1.92
N VAL A 83 -0.80 -6.81 -1.98
CA VAL A 83 -2.18 -6.96 -1.59
C VAL A 83 -2.42 -8.39 -1.10
N ASN A 84 -2.85 -8.50 0.15
CA ASN A 84 -3.11 -9.80 0.74
C ASN A 84 -1.84 -10.64 0.68
N GLY A 85 -0.72 -9.96 0.50
CA GLY A 85 0.56 -10.65 0.42
C GLY A 85 1.04 -10.75 -1.03
N GLU A 86 0.10 -10.59 -1.94
CA GLU A 86 0.41 -10.66 -3.37
C GLU A 86 1.25 -9.46 -3.78
N THR A 87 1.90 -9.60 -4.93
CA THR A 87 2.75 -8.54 -5.45
C THR A 87 2.03 -7.79 -6.57
N LEU A 88 2.17 -6.48 -6.55
CA LEU A 88 1.55 -5.64 -7.56
C LEU A 88 2.62 -4.97 -8.40
N LEU A 89 3.70 -4.58 -7.74
CA LEU A 89 4.81 -3.93 -8.41
C LEU A 89 5.38 -4.87 -9.48
N GLY A 90 5.39 -6.16 -9.15
CA GLY A 90 5.89 -7.16 -10.07
C GLY A 90 4.98 -7.30 -11.29
N LYS A 91 3.72 -6.99 -11.07
CA LYS A 91 2.74 -7.08 -12.15
C LYS A 91 2.71 -5.75 -12.91
N SER A 92 1.50 -5.35 -13.29
CA SER A 92 1.33 -4.11 -14.04
C SER A 92 0.09 -3.37 -13.52
N ASN A 93 -0.53 -2.63 -14.43
CA ASN A 93 -1.71 -1.86 -14.08
C ASN A 93 -2.93 -2.79 -14.10
N HIS A 94 -3.11 -3.45 -15.24
CA HIS A 94 -4.23 -4.37 -15.40
C HIS A 94 -4.08 -5.54 -14.44
N GLU A 95 -3.02 -6.31 -14.65
CA GLU A 95 -2.76 -7.47 -13.81
C GLU A 95 -3.14 -7.16 -12.36
N ALA A 96 -2.36 -6.29 -11.75
CA ALA A 96 -2.61 -5.90 -10.37
C ALA A 96 -4.12 -5.83 -10.12
N MET A 97 -4.75 -4.88 -10.78
CA MET A 97 -6.19 -4.70 -10.66
C MET A 97 -6.93 -6.03 -10.80
N GLU A 98 -6.49 -6.80 -11.78
CA GLU A 98 -7.11 -8.10 -12.03
C GLU A 98 -6.90 -9.02 -10.82
N THR A 99 -5.91 -8.69 -10.02
CA THR A 99 -5.60 -9.47 -8.83
C THR A 99 -6.37 -8.93 -7.63
N LEU A 100 -6.23 -7.62 -7.41
CA LEU A 100 -6.90 -6.98 -6.30
C LEU A 100 -8.31 -7.56 -6.14
N ARG A 101 -9.16 -7.22 -7.10
CA ARG A 101 -10.53 -7.70 -7.07
C ARG A 101 -10.56 -9.22 -6.88
N ARG A 102 -9.51 -9.86 -7.36
CA ARG A 102 -9.41 -11.31 -7.24
C ARG A 102 -9.29 -11.71 -5.77
N SER A 103 -8.26 -11.21 -5.12
CA SER A 103 -8.03 -11.50 -3.72
C SER A 103 -9.28 -11.18 -2.90
N MET A 104 -9.97 -10.14 -3.33
CA MET A 104 -11.18 -9.72 -2.65
C MET A 104 -12.22 -10.84 -2.64
N SER A 105 -12.23 -11.61 -3.72
CA SER A 105 -13.16 -12.71 -3.84
C SER A 105 -12.49 -14.03 -3.41
N MET A 106 -11.24 -14.17 -3.83
CA MET A 106 -10.48 -15.36 -3.51
C MET A 106 -9.99 -15.31 -2.06
N GLU A 107 -9.20 -14.31 -1.76
CA GLU A 107 -8.66 -14.15 -0.41
C GLU A 107 -9.77 -13.70 0.55
N GLY A 108 -10.89 -13.28 -0.04
CA GLY A 108 -12.02 -12.84 0.75
C GLY A 108 -13.02 -13.98 0.96
N ASN A 109 -12.75 -15.09 0.30
CA ASN A 109 -13.62 -16.25 0.40
C ASN A 109 -13.15 -17.13 1.56
N ILE A 110 -11.89 -17.53 1.50
CA ILE A 110 -11.31 -18.36 2.53
C ILE A 110 -11.04 -17.51 3.77
N ARG A 111 -10.52 -16.32 3.53
CA ARG A 111 -10.21 -15.40 4.61
C ARG A 111 -11.45 -14.61 5.03
N GLY A 112 -11.85 -13.70 4.17
CA GLY A 112 -13.03 -12.89 4.43
C GLY A 112 -12.66 -11.40 4.48
N MET A 113 -11.42 -11.11 4.08
CA MET A 113 -10.94 -9.74 4.07
C MET A 113 -9.76 -9.59 3.11
N ILE A 114 -9.32 -8.35 2.96
CA ILE A 114 -8.21 -8.05 2.08
C ILE A 114 -7.27 -7.05 2.77
N GLN A 115 -6.00 -7.14 2.41
CA GLN A 115 -5.00 -6.26 2.99
C GLN A 115 -4.40 -5.36 1.91
N LEU A 116 -3.94 -4.19 2.34
CA LEU A 116 -3.35 -3.24 1.43
C LEU A 116 -2.02 -2.74 2.00
N VAL A 117 -0.97 -2.91 1.22
CA VAL A 117 0.36 -2.49 1.64
C VAL A 117 0.75 -1.21 0.90
N ILE A 118 0.85 -0.13 1.65
CA ILE A 118 1.21 1.16 1.08
C ILE A 118 2.64 1.52 1.50
N LEU A 119 3.20 2.49 0.80
CA LEU A 119 4.56 2.95 1.09
C LEU A 119 4.61 4.47 0.97
N ARG A 120 5.15 5.09 2.01
CA ARG A 120 5.26 6.54 2.04
C ARG A 120 6.75 6.94 2.03
N ARG A 121 7.06 7.85 1.12
CA ARG A 121 8.43 8.33 0.99
C ARG A 121 8.58 9.70 1.68
N SER A 122 9.82 10.03 1.99
CA SER A 122 10.11 11.29 2.64
C SER A 122 9.36 12.44 1.93
N GLY A 123 9.80 12.71 0.71
CA GLY A 123 9.19 13.76 -0.07
C GLY A 123 10.23 14.48 -0.94
N PRO A 124 10.66 13.79 -2.02
CA PRO A 124 11.65 14.34 -2.93
C PRO A 124 11.02 15.42 -3.82
N SER A 125 9.74 15.67 -3.60
CA SER A 125 9.02 16.66 -4.37
C SER A 125 8.69 17.87 -3.49
N SER A 126 7.96 17.59 -2.42
CA SER A 126 7.56 18.65 -1.49
C SER A 126 7.23 18.04 -0.12
N GLY A 127 7.10 18.91 0.86
CA GLY A 127 6.78 18.48 2.21
C GLY A 127 5.27 18.35 2.39
N GLY A 1 35.46 16.21 23.17
CA GLY A 1 35.70 16.27 24.61
C GLY A 1 35.17 17.58 25.19
N SER A 2 35.97 18.62 25.06
CA SER A 2 35.59 19.93 25.57
C SER A 2 35.02 20.78 24.44
N SER A 3 33.82 21.31 24.69
CA SER A 3 33.16 22.14 23.70
C SER A 3 32.86 23.52 24.30
N GLY A 4 32.97 24.54 23.45
CA GLY A 4 32.71 25.90 23.88
C GLY A 4 32.91 26.89 22.73
N SER A 5 31.80 27.47 22.29
CA SER A 5 31.84 28.43 21.20
C SER A 5 30.50 29.16 21.10
N SER A 6 30.34 30.17 21.93
CA SER A 6 29.11 30.94 21.94
C SER A 6 27.99 30.15 22.61
N GLY A 7 27.72 28.98 22.03
CA GLY A 7 26.67 28.12 22.55
C GLY A 7 26.88 27.85 24.05
N LEU A 8 25.83 27.35 24.68
CA LEU A 8 25.89 27.05 26.10
C LEU A 8 26.99 26.02 26.36
N LYS A 9 26.81 24.85 25.75
CA LYS A 9 27.77 23.76 25.90
C LYS A 9 27.42 22.64 24.93
N GLY A 10 27.57 22.94 23.65
CA GLY A 10 27.28 21.97 22.60
C GLY A 10 26.00 21.19 22.93
N GLU A 11 26.08 19.89 22.75
CA GLU A 11 24.93 19.02 23.02
C GLU A 11 25.34 17.55 22.87
N PRO A 12 24.74 16.70 23.75
CA PRO A 12 25.02 15.27 23.72
C PRO A 12 24.34 14.60 22.53
N ASP A 13 23.02 14.76 22.48
CA ASP A 13 22.23 14.17 21.41
C ASP A 13 21.97 12.70 21.73
N CYS A 14 23.04 11.92 21.77
CA CYS A 14 22.92 10.51 22.07
C CYS A 14 22.45 9.79 20.79
N TYR A 15 21.26 10.15 20.35
CA TYR A 15 20.69 9.55 19.16
C TYR A 15 21.20 10.26 17.90
N ALA A 16 21.23 9.49 16.81
CA ALA A 16 21.70 10.03 15.54
C ALA A 16 21.04 9.26 14.40
N LEU A 17 20.64 10.00 13.38
CA LEU A 17 19.99 9.40 12.22
C LEU A 17 20.99 9.31 11.07
N SER A 18 21.23 8.09 10.63
CA SER A 18 22.17 7.86 9.54
C SER A 18 21.44 7.23 8.35
N LEU A 19 20.81 6.09 8.61
CA LEU A 19 20.08 5.39 7.57
C LEU A 19 18.63 5.90 7.55
N GLU A 20 18.10 5.98 6.34
CA GLU A 20 16.74 6.45 6.16
C GLU A 20 15.84 5.31 5.65
N SER A 21 14.85 4.98 6.47
CA SER A 21 13.92 3.92 6.12
C SER A 21 12.56 4.52 5.73
N SER A 22 11.83 3.76 4.92
CA SER A 22 10.52 4.19 4.48
C SER A 22 9.46 3.79 5.50
N GLU A 23 8.27 4.36 5.33
CA GLU A 23 7.16 4.06 6.22
C GLU A 23 6.09 3.26 5.49
N GLN A 24 5.73 2.12 6.09
CA GLN A 24 4.72 1.27 5.52
C GLN A 24 3.51 1.18 6.44
N LEU A 25 2.34 1.18 5.83
CA LEU A 25 1.10 1.10 6.58
C LEU A 25 0.24 -0.05 6.04
N THR A 26 0.05 -1.05 6.88
CA THR A 26 -0.74 -2.21 6.50
C THR A 26 -2.14 -2.11 7.09
N LEU A 27 -3.11 -1.94 6.19
CA LEU A 27 -4.50 -1.81 6.58
C LEU A 27 -5.28 -3.02 6.06
N GLU A 28 -5.95 -3.69 6.98
CA GLU A 28 -6.74 -4.87 6.62
C GLU A 28 -8.22 -4.50 6.53
N ILE A 29 -8.86 -4.99 5.48
CA ILE A 29 -10.28 -4.73 5.28
C ILE A 29 -11.01 -6.06 5.10
N PRO A 30 -12.03 -6.26 5.99
CA PRO A 30 -12.81 -7.48 5.95
C PRO A 30 -13.80 -7.46 4.78
N LEU A 31 -14.06 -8.63 4.23
CA LEU A 31 -14.98 -8.75 3.11
C LEU A 31 -16.04 -9.81 3.44
N ASN A 32 -16.65 -9.65 4.60
CA ASN A 32 -17.67 -10.58 5.04
C ASN A 32 -19.04 -10.07 4.60
N ASP A 33 -19.40 -8.89 5.11
CA ASP A 33 -20.67 -8.29 4.77
C ASP A 33 -20.60 -7.70 3.37
N SER A 34 -19.54 -6.96 3.12
CA SER A 34 -19.34 -6.34 1.82
C SER A 34 -18.86 -7.38 0.81
N GLY A 35 -18.32 -8.46 1.34
CA GLY A 35 -17.82 -9.55 0.50
C GLY A 35 -18.70 -9.74 -0.73
N SER A 36 -20.01 -9.62 -0.50
CA SER A 36 -20.98 -9.78 -1.57
C SER A 36 -20.62 -8.87 -2.74
N ALA A 37 -20.53 -7.58 -2.45
CA ALA A 37 -20.20 -6.60 -3.46
C ALA A 37 -18.68 -6.57 -3.65
N GLY A 38 -17.98 -6.39 -2.54
CA GLY A 38 -16.53 -6.33 -2.57
C GLY A 38 -16.01 -5.10 -1.82
N LEU A 39 -14.70 -4.91 -1.90
CA LEU A 39 -14.07 -3.78 -1.23
C LEU A 39 -14.95 -2.54 -1.40
N GLY A 40 -15.02 -2.07 -2.63
CA GLY A 40 -15.82 -0.89 -2.94
C GLY A 40 -14.96 0.38 -2.93
N VAL A 41 -13.89 0.32 -3.70
CA VAL A 41 -12.98 1.46 -3.79
C VAL A 41 -12.45 1.57 -5.22
N SER A 42 -12.05 2.78 -5.59
CA SER A 42 -11.52 3.03 -6.92
C SER A 42 -10.05 3.45 -6.82
N LEU A 43 -9.25 2.83 -7.67
CA LEU A 43 -7.82 3.12 -7.69
C LEU A 43 -7.46 3.72 -9.05
N LYS A 44 -6.19 4.12 -9.17
CA LYS A 44 -5.70 4.70 -10.41
C LYS A 44 -4.34 4.09 -10.75
N GLY A 45 -4.12 3.91 -12.04
CA GLY A 45 -2.86 3.34 -12.51
C GLY A 45 -1.90 4.45 -12.95
N ASN A 46 -0.76 4.51 -12.28
CA ASN A 46 0.25 5.50 -12.59
C ASN A 46 1.30 4.88 -13.50
N LYS A 47 1.62 5.61 -14.57
CA LYS A 47 2.61 5.14 -15.53
C LYS A 47 3.73 6.17 -15.63
N SER A 48 4.91 5.69 -16.01
CA SER A 48 6.07 6.55 -16.15
C SER A 48 6.53 6.56 -17.60
N ARG A 49 7.04 7.71 -18.02
CA ARG A 49 7.52 7.87 -19.37
C ARG A 49 9.00 7.48 -19.47
N GLU A 50 9.77 8.01 -18.53
CA GLU A 50 11.20 7.73 -18.49
C GLU A 50 11.45 6.23 -18.59
N THR A 51 11.03 5.52 -17.56
CA THR A 51 11.20 4.08 -17.52
C THR A 51 10.32 3.40 -18.58
N GLY A 52 9.31 4.14 -19.02
CA GLY A 52 8.39 3.64 -20.02
C GLY A 52 7.71 2.36 -19.54
N THR A 53 7.50 2.30 -18.23
CA THR A 53 6.84 1.14 -17.64
C THR A 53 5.89 1.59 -16.54
N ASP A 54 4.87 0.75 -16.31
CA ASP A 54 3.88 1.04 -15.29
C ASP A 54 4.57 1.20 -13.94
N LEU A 55 4.16 2.22 -13.22
CA LEU A 55 4.73 2.50 -11.91
C LEU A 55 4.13 1.53 -10.89
N GLY A 56 2.82 1.37 -10.96
CA GLY A 56 2.12 0.47 -10.06
C GLY A 56 0.64 0.83 -9.97
N ILE A 57 0.15 0.88 -8.73
CA ILE A 57 -1.25 1.22 -8.50
C ILE A 57 -1.35 2.25 -7.37
N PHE A 58 -2.29 3.16 -7.52
CA PHE A 58 -2.50 4.20 -6.51
C PHE A 58 -3.99 4.38 -6.22
N ILE A 59 -4.30 4.41 -4.93
CA ILE A 59 -5.67 4.59 -4.50
C ILE A 59 -6.21 5.91 -5.04
N LYS A 60 -7.50 5.91 -5.34
CA LYS A 60 -8.15 7.09 -5.87
C LYS A 60 -8.89 7.82 -4.73
N SER A 61 -9.72 7.06 -4.04
CA SER A 61 -10.50 7.61 -2.94
C SER A 61 -11.25 6.49 -2.22
N ILE A 62 -11.73 6.82 -1.02
CA ILE A 62 -12.47 5.86 -0.23
C ILE A 62 -13.94 6.26 -0.20
N ILE A 63 -14.80 5.30 -0.55
CA ILE A 63 -16.23 5.55 -0.57
C ILE A 63 -16.81 5.27 0.82
N HIS A 64 -17.25 6.33 1.46
CA HIS A 64 -17.83 6.22 2.80
C HIS A 64 -19.12 5.41 2.73
N GLY A 65 -19.57 4.97 3.90
CA GLY A 65 -20.79 4.18 3.99
C GLY A 65 -20.59 2.78 3.41
N GLY A 66 -19.32 2.44 3.21
CA GLY A 66 -18.97 1.13 2.66
C GLY A 66 -18.07 0.36 3.64
N ALA A 67 -17.39 -0.63 3.09
CA ALA A 67 -16.50 -1.46 3.89
C ALA A 67 -15.12 -0.79 3.97
N ALA A 68 -14.73 -0.20 2.84
CA ALA A 68 -13.44 0.47 2.76
C ALA A 68 -13.45 1.68 3.69
N PHE A 69 -14.63 2.28 3.83
CA PHE A 69 -14.79 3.45 4.67
C PHE A 69 -14.03 3.27 5.99
N LYS A 70 -14.11 2.06 6.52
CA LYS A 70 -13.44 1.75 7.78
C LYS A 70 -11.95 2.04 7.65
N ASP A 71 -11.40 1.65 6.50
CA ASP A 71 -9.99 1.88 6.23
C ASP A 71 -9.81 3.25 5.59
N GLY A 72 -10.92 3.83 5.16
CA GLY A 72 -10.90 5.14 4.54
C GLY A 72 -9.87 6.05 5.22
N ARG A 73 -9.67 5.80 6.50
CA ARG A 73 -8.72 6.59 7.28
C ARG A 73 -7.49 6.92 6.43
N LEU A 74 -7.19 6.02 5.51
CA LEU A 74 -6.04 6.20 4.64
C LEU A 74 -6.27 7.43 3.75
N ARG A 75 -5.33 7.64 2.84
CA ARG A 75 -5.43 8.77 1.93
C ARG A 75 -5.10 8.32 0.50
N MET A 76 -6.00 8.68 -0.41
CA MET A 76 -5.82 8.32 -1.81
C MET A 76 -4.38 8.55 -2.26
N ASN A 77 -4.07 8.02 -3.43
CA ASN A 77 -2.72 8.17 -3.98
C ASN A 77 -1.75 7.32 -3.17
N ASP A 78 -2.30 6.32 -2.50
CA ASP A 78 -1.49 5.42 -1.68
C ASP A 78 -1.01 4.25 -2.55
N GLN A 79 0.24 4.34 -2.96
CA GLN A 79 0.84 3.30 -3.78
C GLN A 79 0.73 1.94 -3.08
N LEU A 80 0.33 0.95 -3.86
CA LEU A 80 0.18 -0.39 -3.32
C LEU A 80 1.46 -1.19 -3.57
N ILE A 81 1.93 -1.83 -2.51
CA ILE A 81 3.14 -2.62 -2.60
C ILE A 81 2.82 -4.09 -2.34
N ALA A 82 1.52 -4.37 -2.25
CA ALA A 82 1.06 -5.72 -2.01
C ALA A 82 -0.39 -5.69 -1.53
N VAL A 83 -1.06 -6.83 -1.68
CA VAL A 83 -2.44 -6.93 -1.28
C VAL A 83 -2.72 -8.35 -0.78
N ASN A 84 -3.14 -8.44 0.47
CA ASN A 84 -3.44 -9.73 1.07
C ASN A 84 -2.27 -10.69 0.82
N GLY A 85 -1.11 -10.10 0.57
CA GLY A 85 0.08 -10.89 0.31
C GLY A 85 0.46 -10.84 -1.17
N GLU A 86 -0.55 -10.64 -2.00
CA GLU A 86 -0.34 -10.58 -3.44
C GLU A 86 0.54 -9.37 -3.78
N THR A 87 1.41 -9.58 -4.77
CA THR A 87 2.31 -8.52 -5.21
C THR A 87 1.70 -7.75 -6.38
N LEU A 88 1.91 -6.44 -6.36
CA LEU A 88 1.38 -5.59 -7.41
C LEU A 88 2.55 -4.97 -8.19
N LEU A 89 3.58 -4.60 -7.44
CA LEU A 89 4.77 -4.00 -8.05
C LEU A 89 5.24 -4.89 -9.20
N GLY A 90 5.45 -6.16 -8.88
CA GLY A 90 5.90 -7.12 -9.88
C GLY A 90 4.96 -7.15 -11.08
N LYS A 91 3.71 -6.82 -10.82
CA LYS A 91 2.69 -6.80 -11.86
C LYS A 91 2.67 -5.43 -12.53
N SER A 92 1.51 -5.10 -13.07
CA SER A 92 1.34 -3.81 -13.74
C SER A 92 0.05 -3.14 -13.25
N ASN A 93 -0.53 -2.34 -14.15
CA ASN A 93 -1.76 -1.64 -13.83
C ASN A 93 -2.94 -2.60 -13.99
N HIS A 94 -3.00 -3.23 -15.15
CA HIS A 94 -4.08 -4.17 -15.43
C HIS A 94 -3.95 -5.38 -14.50
N GLU A 95 -2.90 -6.14 -14.72
CA GLU A 95 -2.66 -7.33 -13.92
C GLU A 95 -3.02 -7.07 -12.45
N ALA A 96 -2.27 -6.16 -11.85
CA ALA A 96 -2.50 -5.81 -10.46
C ALA A 96 -4.00 -5.74 -10.20
N MET A 97 -4.64 -4.75 -10.79
CA MET A 97 -6.08 -4.56 -10.63
C MET A 97 -6.81 -5.90 -10.77
N GLU A 98 -6.50 -6.59 -11.86
CA GLU A 98 -7.13 -7.88 -12.13
C GLU A 98 -6.93 -8.82 -10.94
N THR A 99 -5.82 -8.62 -10.24
CA THR A 99 -5.50 -9.44 -9.08
C THR A 99 -6.27 -8.95 -7.85
N LEU A 100 -6.17 -7.66 -7.59
CA LEU A 100 -6.84 -7.06 -6.45
C LEU A 100 -8.24 -7.68 -6.32
N ARG A 101 -9.07 -7.41 -7.31
CA ARG A 101 -10.42 -7.93 -7.32
C ARG A 101 -10.41 -9.45 -7.16
N ARG A 102 -9.39 -10.07 -7.73
CA ARG A 102 -9.25 -11.51 -7.65
C ARG A 102 -9.21 -11.97 -6.20
N SER A 103 -8.33 -11.33 -5.44
CA SER A 103 -8.19 -11.66 -4.02
C SER A 103 -9.51 -11.42 -3.29
N MET A 104 -10.16 -10.33 -3.66
CA MET A 104 -11.42 -9.97 -3.04
C MET A 104 -12.44 -11.12 -3.16
N SER A 105 -12.26 -11.91 -4.21
CA SER A 105 -13.14 -13.04 -4.45
C SER A 105 -12.50 -14.32 -3.91
N MET A 106 -11.20 -14.43 -4.12
CA MET A 106 -10.47 -15.59 -3.65
C MET A 106 -10.15 -15.48 -2.16
N GLU A 107 -9.34 -14.49 -1.84
CA GLU A 107 -8.94 -14.26 -0.45
C GLU A 107 -10.17 -13.99 0.40
N GLY A 108 -11.28 -13.73 -0.27
CA GLY A 108 -12.54 -13.45 0.43
C GLY A 108 -13.37 -14.73 0.59
N ASN A 109 -12.89 -15.79 -0.04
CA ASN A 109 -13.57 -17.06 0.04
C ASN A 109 -12.98 -17.89 1.18
N ILE A 110 -11.69 -18.16 1.06
CA ILE A 110 -10.98 -18.93 2.07
C ILE A 110 -10.77 -18.07 3.32
N ARG A 111 -10.45 -16.82 3.08
CA ARG A 111 -10.22 -15.88 4.16
C ARG A 111 -11.49 -15.08 4.47
N GLY A 112 -11.82 -14.18 3.56
CA GLY A 112 -13.01 -13.35 3.71
C GLY A 112 -12.64 -11.89 3.96
N MET A 113 -11.43 -11.54 3.50
CA MET A 113 -10.95 -10.18 3.66
C MET A 113 -9.77 -9.91 2.72
N ILE A 114 -9.36 -8.65 2.68
CA ILE A 114 -8.26 -8.24 1.83
C ILE A 114 -7.43 -7.18 2.55
N GLN A 115 -6.11 -7.34 2.45
CA GLN A 115 -5.20 -6.40 3.09
C GLN A 115 -4.56 -5.48 2.04
N LEU A 116 -4.15 -4.31 2.50
CA LEU A 116 -3.53 -3.34 1.62
C LEU A 116 -2.23 -2.84 2.25
N VAL A 117 -1.15 -2.94 1.49
CA VAL A 117 0.15 -2.51 1.96
C VAL A 117 0.56 -1.24 1.21
N ILE A 118 0.57 -0.13 1.93
CA ILE A 118 0.94 1.15 1.36
C ILE A 118 2.35 1.52 1.80
N LEU A 119 2.94 2.46 1.09
CA LEU A 119 4.28 2.93 1.40
C LEU A 119 4.34 4.45 1.28
N ARG A 120 5.00 5.06 2.26
CA ARG A 120 5.13 6.51 2.27
C ARG A 120 6.50 6.91 2.82
N ARG A 121 7.04 7.99 2.27
CA ARG A 121 8.33 8.48 2.69
C ARG A 121 8.26 8.97 4.15
N SER A 122 9.44 9.19 4.71
CA SER A 122 9.53 9.66 6.09
C SER A 122 8.48 10.75 6.35
N GLY A 123 8.55 11.79 5.52
CA GLY A 123 7.61 12.90 5.63
C GLY A 123 7.84 13.92 4.52
N PRO A 124 8.08 15.19 4.95
CA PRO A 124 8.32 16.27 4.01
C PRO A 124 9.72 16.17 3.40
N SER A 125 10.66 15.76 4.23
CA SER A 125 12.04 15.63 3.79
C SER A 125 12.55 16.96 3.24
N SER A 126 13.86 17.04 3.10
CA SER A 126 14.49 18.25 2.58
C SER A 126 13.81 19.48 3.19
N GLY A 127 14.17 19.77 4.42
CA GLY A 127 13.62 20.92 5.11
C GLY A 127 12.40 20.51 5.95
N GLY A 1 62.51 -36.46 2.55
CA GLY A 1 62.08 -35.10 2.82
C GLY A 1 61.17 -35.05 4.05
N SER A 2 60.98 -33.84 4.55
CA SER A 2 60.14 -33.64 5.72
C SER A 2 59.93 -32.14 5.98
N SER A 3 58.67 -31.76 6.11
CA SER A 3 58.33 -30.37 6.36
C SER A 3 56.81 -30.20 6.40
N GLY A 4 56.40 -29.02 6.85
CA GLY A 4 54.98 -28.73 6.95
C GLY A 4 54.72 -27.60 7.95
N SER A 5 54.21 -26.49 7.42
CA SER A 5 53.92 -25.33 8.24
C SER A 5 52.98 -24.38 7.50
N SER A 6 51.79 -24.21 8.07
CA SER A 6 50.80 -23.34 7.48
C SER A 6 49.65 -23.10 8.47
N GLY A 7 48.81 -22.13 8.13
CA GLY A 7 47.67 -21.79 8.98
C GLY A 7 48.04 -20.69 9.96
N LEU A 8 47.06 -19.83 10.23
CA LEU A 8 47.27 -18.72 11.15
C LEU A 8 45.95 -18.42 11.87
N LYS A 9 45.00 -17.92 11.09
CA LYS A 9 43.70 -17.58 11.65
C LYS A 9 42.76 -17.17 10.50
N GLY A 10 41.51 -16.90 10.88
CA GLY A 10 40.52 -16.50 9.89
C GLY A 10 39.93 -15.14 10.25
N GLU A 11 38.61 -15.02 10.08
CA GLU A 11 37.92 -13.79 10.37
C GLU A 11 36.55 -14.07 10.98
N PRO A 12 36.11 -13.15 11.87
CA PRO A 12 34.82 -13.31 12.52
C PRO A 12 33.67 -12.96 11.56
N ASP A 13 33.66 -11.70 11.15
CA ASP A 13 32.64 -11.23 10.23
C ASP A 13 31.31 -11.09 10.99
N CYS A 14 31.10 -9.90 11.53
CA CYS A 14 29.89 -9.62 12.29
C CYS A 14 29.26 -8.35 11.72
N TYR A 15 29.78 -7.93 10.58
CA TYR A 15 29.28 -6.72 9.93
C TYR A 15 27.75 -6.68 9.97
N ALA A 16 27.24 -5.52 10.36
CA ALA A 16 25.80 -5.33 10.45
C ALA A 16 25.26 -4.90 9.08
N LEU A 17 24.01 -4.48 9.09
CA LEU A 17 23.36 -4.05 7.86
C LEU A 17 22.83 -2.63 8.04
N SER A 18 21.52 -2.52 8.14
CA SER A 18 20.87 -1.23 8.32
C SER A 18 19.49 -1.42 8.94
N LEU A 19 18.91 -0.31 9.37
CA LEU A 19 17.59 -0.34 9.99
C LEU A 19 16.75 0.81 9.41
N GLU A 20 17.34 1.99 9.38
CA GLU A 20 16.66 3.16 8.86
C GLU A 20 16.15 2.90 7.44
N SER A 21 14.84 3.04 7.28
CA SER A 21 14.23 2.83 5.98
C SER A 21 12.85 3.51 5.93
N SER A 22 12.28 3.54 4.73
CA SER A 22 10.99 4.15 4.54
C SER A 22 9.97 3.55 5.51
N GLU A 23 8.78 4.15 5.52
CA GLU A 23 7.73 3.67 6.40
C GLU A 23 6.63 3.00 5.58
N GLN A 24 6.01 1.99 6.19
CA GLN A 24 4.96 1.25 5.53
C GLN A 24 3.82 0.96 6.52
N LEU A 25 2.60 0.99 6.00
CA LEU A 25 1.44 0.73 6.82
C LEU A 25 0.67 -0.46 6.24
N THR A 26 -0.04 -1.15 7.12
CA THR A 26 -0.82 -2.30 6.72
C THR A 26 -2.23 -2.24 7.32
N LEU A 27 -3.21 -2.10 6.43
CA LEU A 27 -4.59 -2.02 6.86
C LEU A 27 -5.31 -3.32 6.50
N GLU A 28 -6.31 -3.66 7.29
CA GLU A 28 -7.08 -4.87 7.07
C GLU A 28 -8.56 -4.53 6.84
N ILE A 29 -9.07 -5.01 5.71
CA ILE A 29 -10.46 -4.77 5.36
C ILE A 29 -11.17 -6.11 5.16
N PRO A 30 -12.20 -6.34 6.02
CA PRO A 30 -12.97 -7.57 5.95
C PRO A 30 -13.93 -7.55 4.77
N LEU A 31 -14.08 -8.71 4.13
CA LEU A 31 -14.96 -8.83 2.99
C LEU A 31 -16.06 -9.85 3.30
N ASN A 32 -16.51 -9.83 4.55
CA ASN A 32 -17.54 -10.74 4.99
C ASN A 32 -18.84 -10.44 4.23
N ASP A 33 -19.35 -9.24 4.45
CA ASP A 33 -20.57 -8.82 3.79
C ASP A 33 -20.23 -8.00 2.54
N SER A 34 -19.09 -7.33 2.62
CA SER A 34 -18.63 -6.51 1.51
C SER A 34 -18.08 -7.41 0.39
N GLY A 35 -17.75 -8.64 0.77
CA GLY A 35 -17.21 -9.59 -0.17
C GLY A 35 -18.16 -9.78 -1.36
N SER A 36 -19.44 -9.55 -1.10
CA SER A 36 -20.45 -9.69 -2.13
C SER A 36 -20.03 -8.92 -3.39
N ALA A 37 -19.82 -7.63 -3.21
CA ALA A 37 -19.42 -6.77 -4.30
C ALA A 37 -17.89 -6.66 -4.33
N GLY A 38 -17.33 -6.44 -3.15
CA GLY A 38 -15.88 -6.31 -3.02
C GLY A 38 -15.51 -5.08 -2.18
N LEU A 39 -14.23 -4.77 -2.17
CA LEU A 39 -13.73 -3.63 -1.43
C LEU A 39 -14.71 -2.47 -1.58
N GLY A 40 -14.81 -1.97 -2.80
CA GLY A 40 -15.70 -0.86 -3.10
C GLY A 40 -14.96 0.47 -3.03
N VAL A 41 -13.90 0.56 -3.82
CA VAL A 41 -13.09 1.77 -3.85
C VAL A 41 -12.56 1.99 -5.27
N SER A 42 -12.30 3.25 -5.60
CA SER A 42 -11.79 3.59 -6.91
C SER A 42 -10.27 3.79 -6.84
N LEU A 43 -9.59 3.20 -7.81
CA LEU A 43 -8.14 3.30 -7.88
C LEU A 43 -7.74 3.85 -9.24
N LYS A 44 -6.43 4.00 -9.42
CA LYS A 44 -5.90 4.53 -10.67
C LYS A 44 -4.53 3.91 -10.92
N GLY A 45 -4.24 3.69 -12.20
CA GLY A 45 -2.97 3.11 -12.59
C GLY A 45 -2.09 4.15 -13.30
N ASN A 46 -1.04 4.56 -12.62
CA ASN A 46 -0.12 5.54 -13.17
C ASN A 46 0.93 4.82 -14.01
N LYS A 47 1.26 5.43 -15.14
CA LYS A 47 2.25 4.86 -16.03
C LYS A 47 3.27 5.93 -16.40
N SER A 48 4.49 5.48 -16.65
CA SER A 48 5.57 6.38 -17.01
C SER A 48 6.02 6.13 -18.46
N ARG A 49 6.15 7.21 -19.20
CA ARG A 49 6.56 7.12 -20.59
C ARG A 49 8.09 7.21 -20.69
N GLU A 50 8.65 8.15 -19.95
CA GLU A 50 10.09 8.35 -19.96
C GLU A 50 10.81 7.01 -19.82
N THR A 51 10.56 6.36 -18.69
CA THR A 51 11.18 5.07 -18.42
C THR A 51 10.59 3.99 -19.34
N GLY A 52 9.27 4.04 -19.49
CA GLY A 52 8.57 3.09 -20.34
C GLY A 52 8.10 1.88 -19.52
N THR A 53 7.75 2.15 -18.27
CA THR A 53 7.27 1.11 -17.38
C THR A 53 6.00 1.55 -16.67
N ASP A 54 5.69 0.85 -15.58
CA ASP A 54 4.52 1.16 -14.80
C ASP A 54 4.93 1.63 -13.40
N LEU A 55 4.59 2.87 -13.09
CA LEU A 55 4.93 3.44 -11.80
C LEU A 55 4.36 2.55 -10.70
N GLY A 56 3.25 1.90 -11.01
CA GLY A 56 2.60 1.02 -10.05
C GLY A 56 1.11 1.33 -9.93
N ILE A 57 0.57 1.04 -8.76
CA ILE A 57 -0.84 1.28 -8.51
C ILE A 57 -0.99 2.41 -7.49
N PHE A 58 -2.19 2.95 -7.42
CA PHE A 58 -2.49 4.03 -6.49
C PHE A 58 -3.98 4.16 -6.24
N ILE A 59 -4.33 4.36 -4.98
CA ILE A 59 -5.73 4.50 -4.60
C ILE A 59 -6.27 5.83 -5.14
N LYS A 60 -7.54 5.82 -5.48
CA LYS A 60 -8.19 7.01 -6.01
C LYS A 60 -8.90 7.75 -4.88
N SER A 61 -9.76 7.01 -4.19
CA SER A 61 -10.52 7.58 -3.09
C SER A 61 -11.35 6.49 -2.40
N ILE A 62 -11.76 6.78 -1.18
CA ILE A 62 -12.56 5.85 -0.41
C ILE A 62 -14.03 6.27 -0.46
N ILE A 63 -14.89 5.27 -0.56
CA ILE A 63 -16.32 5.51 -0.62
C ILE A 63 -16.92 5.35 0.77
N HIS A 64 -17.24 6.47 1.39
CA HIS A 64 -17.83 6.47 2.72
C HIS A 64 -19.12 5.65 2.71
N GLY A 65 -19.75 5.57 3.88
CA GLY A 65 -20.98 4.83 4.01
C GLY A 65 -20.88 3.47 3.32
N GLY A 66 -19.69 2.90 3.38
CA GLY A 66 -19.45 1.60 2.76
C GLY A 66 -18.55 0.73 3.64
N ALA A 67 -17.82 -0.17 2.99
CA ALA A 67 -16.92 -1.05 3.69
C ALA A 67 -15.56 -0.38 3.86
N ALA A 68 -14.96 -0.03 2.73
CA ALA A 68 -13.66 0.62 2.74
C ALA A 68 -13.73 1.86 3.65
N PHE A 69 -14.89 2.48 3.67
CA PHE A 69 -15.10 3.66 4.48
C PHE A 69 -14.34 3.54 5.81
N LYS A 70 -14.46 2.37 6.42
CA LYS A 70 -13.80 2.12 7.69
C LYS A 70 -12.31 2.40 7.55
N ASP A 71 -11.71 1.80 6.53
CA ASP A 71 -10.29 1.98 6.27
C ASP A 71 -10.07 3.34 5.61
N GLY A 72 -11.17 3.92 5.16
CA GLY A 72 -11.10 5.22 4.50
C GLY A 72 -10.04 6.11 5.14
N ARG A 73 -9.84 5.91 6.43
CA ARG A 73 -8.87 6.68 7.18
C ARG A 73 -7.62 6.91 6.32
N LEU A 74 -7.36 5.96 5.44
CA LEU A 74 -6.20 6.04 4.57
C LEU A 74 -6.37 7.24 3.63
N ARG A 75 -5.34 7.46 2.81
CA ARG A 75 -5.36 8.56 1.86
C ARG A 75 -5.03 8.06 0.46
N MET A 76 -5.91 8.37 -0.47
CA MET A 76 -5.73 7.96 -1.85
C MET A 76 -4.29 8.17 -2.30
N ASN A 77 -3.96 7.59 -3.44
CA ASN A 77 -2.62 7.71 -3.99
C ASN A 77 -1.67 6.82 -3.19
N ASP A 78 -2.25 6.02 -2.31
CA ASP A 78 -1.47 5.12 -1.48
C ASP A 78 -0.98 3.95 -2.32
N GLN A 79 0.22 4.10 -2.84
CA GLN A 79 0.82 3.07 -3.68
C GLN A 79 0.60 1.69 -3.05
N LEU A 80 0.20 0.74 -3.90
CA LEU A 80 -0.05 -0.61 -3.43
C LEU A 80 1.19 -1.47 -3.70
N ILE A 81 1.94 -1.72 -2.64
CA ILE A 81 3.14 -2.52 -2.74
C ILE A 81 2.79 -4.00 -2.56
N ALA A 82 1.49 -4.26 -2.45
CA ALA A 82 1.01 -5.61 -2.28
C ALA A 82 -0.48 -5.58 -1.89
N VAL A 83 -1.08 -6.75 -1.89
CA VAL A 83 -2.49 -6.87 -1.54
C VAL A 83 -2.79 -8.33 -1.17
N ASN A 84 -3.27 -8.49 0.05
CA ASN A 84 -3.61 -9.83 0.55
C ASN A 84 -2.38 -10.74 0.43
N GLY A 85 -1.22 -10.10 0.31
CA GLY A 85 0.02 -10.84 0.20
C GLY A 85 0.51 -10.86 -1.26
N GLU A 86 -0.41 -10.55 -2.16
CA GLU A 86 -0.08 -10.53 -3.58
C GLU A 86 0.86 -9.37 -3.90
N THR A 87 1.51 -9.47 -5.05
CA THR A 87 2.43 -8.44 -5.48
C THR A 87 1.86 -7.66 -6.65
N LEU A 88 2.00 -6.35 -6.58
CA LEU A 88 1.50 -5.47 -7.63
C LEU A 88 2.68 -4.82 -8.36
N LEU A 89 3.72 -4.55 -7.59
CA LEU A 89 4.92 -3.93 -8.13
C LEU A 89 5.53 -4.85 -9.18
N GLY A 90 5.27 -6.14 -9.03
CA GLY A 90 5.79 -7.12 -9.95
C GLY A 90 4.94 -7.17 -11.23
N LYS A 91 3.67 -6.85 -11.08
CA LYS A 91 2.75 -6.84 -12.21
C LYS A 91 2.67 -5.43 -12.78
N SER A 92 1.60 -5.20 -13.54
CA SER A 92 1.39 -3.90 -14.16
C SER A 92 0.16 -3.23 -13.55
N ASN A 93 -0.39 -2.28 -14.29
CA ASN A 93 -1.56 -1.56 -13.83
C ASN A 93 -2.79 -2.46 -13.94
N HIS A 94 -2.94 -3.07 -15.11
CA HIS A 94 -4.06 -3.96 -15.35
C HIS A 94 -3.97 -5.17 -14.43
N GLU A 95 -2.96 -6.00 -14.69
CA GLU A 95 -2.75 -7.19 -13.89
C GLU A 95 -3.05 -6.90 -12.41
N ALA A 96 -2.20 -6.07 -11.82
CA ALA A 96 -2.36 -5.70 -10.42
C ALA A 96 -3.85 -5.51 -10.12
N MET A 97 -4.38 -4.40 -10.64
CA MET A 97 -5.79 -4.09 -10.44
C MET A 97 -6.65 -5.33 -10.58
N GLU A 98 -6.44 -6.05 -11.67
CA GLU A 98 -7.20 -7.25 -11.94
C GLU A 98 -6.99 -8.27 -10.81
N THR A 99 -5.77 -8.27 -10.28
CA THR A 99 -5.44 -9.18 -9.20
C THR A 99 -6.05 -8.71 -7.88
N LEU A 100 -6.05 -7.39 -7.71
CA LEU A 100 -6.61 -6.80 -6.51
C LEU A 100 -8.02 -7.35 -6.28
N ARG A 101 -8.90 -7.01 -7.20
CA ARG A 101 -10.29 -7.45 -7.12
C ARG A 101 -10.35 -8.97 -7.03
N ARG A 102 -9.58 -9.61 -7.90
CA ARG A 102 -9.54 -11.06 -7.93
C ARG A 102 -9.25 -11.62 -6.53
N SER A 103 -8.30 -10.98 -5.87
CA SER A 103 -7.93 -11.41 -4.53
C SER A 103 -9.11 -11.25 -3.57
N MET A 104 -9.78 -10.11 -3.69
CA MET A 104 -10.93 -9.83 -2.85
C MET A 104 -11.94 -10.98 -2.91
N SER A 105 -11.96 -11.65 -4.04
CA SER A 105 -12.87 -12.78 -4.23
C SER A 105 -12.15 -14.09 -3.95
N MET A 106 -11.06 -14.30 -4.68
CA MET A 106 -10.27 -15.51 -4.51
C MET A 106 -9.57 -15.52 -3.15
N GLU A 107 -8.74 -14.51 -2.95
CA GLU A 107 -8.00 -14.40 -1.70
C GLU A 107 -8.95 -14.11 -0.54
N GLY A 108 -10.12 -13.59 -0.89
CA GLY A 108 -11.12 -13.27 0.11
C GLY A 108 -12.13 -14.40 0.25
N ASN A 109 -12.03 -15.36 -0.65
CA ASN A 109 -12.93 -16.50 -0.64
C ASN A 109 -12.46 -17.51 0.41
N ILE A 110 -11.16 -17.75 0.40
CA ILE A 110 -10.56 -18.68 1.34
C ILE A 110 -10.37 -18.00 2.69
N ARG A 111 -10.02 -16.71 2.61
CA ARG A 111 -9.79 -15.93 3.81
C ARG A 111 -11.11 -15.30 4.30
N GLY A 112 -11.56 -14.31 3.54
CA GLY A 112 -12.81 -13.64 3.88
C GLY A 112 -12.59 -12.12 3.98
N MET A 113 -11.39 -11.71 3.63
CA MET A 113 -11.04 -10.30 3.68
C MET A 113 -9.86 -9.99 2.76
N ILE A 114 -9.35 -8.77 2.87
CA ILE A 114 -8.22 -8.35 2.06
C ILE A 114 -7.36 -7.36 2.86
N GLN A 115 -6.16 -7.14 2.36
CA GLN A 115 -5.23 -6.23 3.01
C GLN A 115 -4.66 -5.24 2.00
N LEU A 116 -4.16 -4.13 2.54
CA LEU A 116 -3.59 -3.09 1.69
C LEU A 116 -2.24 -2.66 2.28
N VAL A 117 -1.20 -2.79 1.47
CA VAL A 117 0.14 -2.41 1.89
C VAL A 117 0.54 -1.11 1.18
N ILE A 118 0.58 -0.05 1.96
CA ILE A 118 0.96 1.25 1.43
C ILE A 118 2.39 1.58 1.85
N LEU A 119 3.05 2.37 1.01
CA LEU A 119 4.43 2.77 1.30
C LEU A 119 4.52 4.29 1.30
N ARG A 120 4.82 4.82 2.49
CA ARG A 120 4.94 6.27 2.65
C ARG A 120 6.41 6.69 2.62
N ARG A 121 6.80 7.27 1.50
CA ARG A 121 8.17 7.72 1.33
C ARG A 121 8.32 9.15 1.85
N SER A 122 7.88 10.09 1.03
CA SER A 122 7.97 11.50 1.40
C SER A 122 6.65 11.96 2.03
N GLY A 123 5.58 11.83 1.25
CA GLY A 123 4.26 12.22 1.72
C GLY A 123 3.36 12.59 0.55
N PRO A 124 2.94 11.54 -0.20
CA PRO A 124 2.06 11.74 -1.35
C PRO A 124 0.63 12.04 -0.90
N SER A 125 0.46 12.07 0.41
CA SER A 125 -0.86 12.34 0.98
C SER A 125 -1.13 13.85 0.99
N SER A 126 -2.21 14.23 0.35
CA SER A 126 -2.59 15.63 0.27
C SER A 126 -4.10 15.76 0.10
N GLY A 127 -4.70 16.53 1.01
CA GLY A 127 -6.14 16.74 0.98
C GLY A 127 -6.52 17.68 -0.17
N GLY A 1 50.40 -17.31 45.28
CA GLY A 1 49.98 -16.87 43.95
C GLY A 1 49.82 -18.07 43.01
N SER A 2 48.68 -18.09 42.33
CA SER A 2 48.38 -19.16 41.40
C SER A 2 47.03 -18.92 40.73
N SER A 3 46.81 -19.63 39.64
CA SER A 3 45.57 -19.50 38.89
C SER A 3 45.45 -18.08 38.33
N GLY A 4 44.78 -17.99 37.19
CA GLY A 4 44.58 -16.70 36.54
C GLY A 4 44.05 -16.88 35.11
N SER A 5 43.15 -15.98 34.73
CA SER A 5 42.56 -16.04 33.40
C SER A 5 41.97 -14.66 33.05
N SER A 6 41.65 -14.52 31.78
CA SER A 6 41.08 -13.27 31.29
C SER A 6 40.56 -13.45 29.86
N GLY A 7 39.79 -12.46 29.41
CA GLY A 7 39.24 -12.50 28.08
C GLY A 7 39.49 -11.18 27.34
N LEU A 8 38.62 -10.90 26.38
CA LEU A 8 38.73 -9.68 25.60
C LEU A 8 37.34 -9.17 25.24
N LYS A 9 36.66 -9.92 24.38
CA LYS A 9 35.33 -9.56 23.96
C LYS A 9 35.39 -8.26 23.14
N GLY A 10 34.93 -8.36 21.90
CA GLY A 10 34.93 -7.21 21.02
C GLY A 10 33.87 -7.35 19.92
N GLU A 11 34.20 -8.16 18.93
CA GLU A 11 33.28 -8.39 17.82
C GLU A 11 33.01 -7.09 17.07
N PRO A 12 32.93 -7.20 15.73
CA PRO A 12 32.66 -6.03 14.89
C PRO A 12 31.19 -5.62 14.98
N ASP A 13 30.32 -6.55 14.62
CA ASP A 13 28.89 -6.29 14.66
C ASP A 13 28.57 -5.13 13.72
N CYS A 14 27.98 -5.48 12.58
CA CYS A 14 27.62 -4.48 11.59
C CYS A 14 27.16 -5.20 10.33
N TYR A 15 25.90 -4.99 9.98
CA TYR A 15 25.33 -5.61 8.80
C TYR A 15 24.34 -4.67 8.11
N ALA A 16 24.41 -4.65 6.79
CA ALA A 16 23.53 -3.80 6.00
C ALA A 16 22.10 -3.93 6.53
N LEU A 17 21.54 -2.79 6.89
CA LEU A 17 20.19 -2.76 7.42
C LEU A 17 19.43 -1.59 6.79
N SER A 18 18.13 -1.56 7.04
CA SER A 18 17.28 -0.51 6.51
C SER A 18 17.17 -0.65 4.99
N LEU A 19 18.27 -0.35 4.32
CA LEU A 19 18.31 -0.44 2.87
C LEU A 19 17.72 0.83 2.27
N GLU A 20 16.40 0.96 2.42
CA GLU A 20 15.70 2.12 1.89
C GLU A 20 15.05 2.91 3.04
N SER A 21 14.77 4.17 2.76
CA SER A 21 14.15 5.03 3.76
C SER A 21 12.69 5.29 3.37
N SER A 22 11.83 4.38 3.80
CA SER A 22 10.41 4.50 3.51
C SER A 22 9.60 3.69 4.53
N GLU A 23 8.40 4.18 4.81
CA GLU A 23 7.52 3.52 5.75
C GLU A 23 6.40 2.80 5.01
N GLN A 24 5.80 1.84 5.70
CA GLN A 24 4.70 1.06 5.13
C GLN A 24 3.60 0.86 6.16
N LEU A 25 2.36 0.88 5.67
CA LEU A 25 1.22 0.69 6.54
C LEU A 25 0.39 -0.49 6.04
N THR A 26 -0.12 -1.26 6.99
CA THR A 26 -0.93 -2.42 6.67
C THR A 26 -2.28 -2.34 7.36
N LEU A 27 -3.31 -2.06 6.58
CA LEU A 27 -4.65 -1.95 7.12
C LEU A 27 -5.52 -3.09 6.55
N GLU A 28 -6.07 -3.87 7.46
CA GLU A 28 -6.93 -4.99 7.07
C GLU A 28 -8.35 -4.51 6.80
N ILE A 29 -8.97 -5.12 5.80
CA ILE A 29 -10.33 -4.77 5.43
C ILE A 29 -11.16 -6.04 5.28
N PRO A 30 -12.18 -6.16 6.18
CA PRO A 30 -13.05 -7.32 6.15
C PRO A 30 -14.03 -7.25 4.98
N LEU A 31 -14.10 -8.35 4.24
CA LEU A 31 -14.99 -8.42 3.09
C LEU A 31 -16.08 -9.45 3.36
N ASN A 32 -16.79 -9.25 4.47
CA ASN A 32 -17.86 -10.15 4.86
C ASN A 32 -19.16 -9.71 4.19
N ASP A 33 -19.60 -8.51 4.55
CA ASP A 33 -20.82 -7.96 4.00
C ASP A 33 -20.50 -7.22 2.69
N SER A 34 -19.36 -6.55 2.69
CA SER A 34 -18.92 -5.81 1.52
C SER A 34 -18.41 -6.77 0.46
N GLY A 35 -17.60 -7.73 0.90
CA GLY A 35 -17.04 -8.71 -0.01
C GLY A 35 -18.07 -9.16 -1.04
N SER A 36 -19.31 -9.27 -0.59
CA SER A 36 -20.40 -9.69 -1.47
C SER A 36 -20.30 -8.95 -2.80
N ALA A 37 -20.19 -7.63 -2.71
CA ALA A 37 -20.09 -6.81 -3.89
C ALA A 37 -18.62 -6.55 -4.21
N GLY A 38 -17.84 -6.36 -3.15
CA GLY A 38 -16.42 -6.09 -3.30
C GLY A 38 -15.98 -4.94 -2.41
N LEU A 39 -14.68 -4.67 -2.45
CA LEU A 39 -14.12 -3.59 -1.65
C LEU A 39 -15.07 -2.39 -1.68
N GLY A 40 -15.13 -1.75 -2.83
CA GLY A 40 -16.00 -0.59 -2.99
C GLY A 40 -15.18 0.69 -3.08
N VAL A 41 -14.06 0.60 -3.79
CA VAL A 41 -13.19 1.75 -3.96
C VAL A 41 -12.60 1.73 -5.38
N SER A 42 -12.19 2.91 -5.82
CA SER A 42 -11.62 3.05 -7.15
C SER A 42 -10.13 3.42 -7.05
N LEU A 43 -9.34 2.81 -7.90
CA LEU A 43 -7.91 3.07 -7.91
C LEU A 43 -7.52 3.72 -9.25
N LYS A 44 -6.25 4.07 -9.35
CA LYS A 44 -5.75 4.71 -10.56
C LYS A 44 -4.37 4.13 -10.89
N GLY A 45 -4.13 3.95 -12.18
CA GLY A 45 -2.86 3.41 -12.63
C GLY A 45 -1.96 4.53 -13.19
N ASN A 46 -0.78 4.62 -12.62
CA ASN A 46 0.19 5.63 -13.04
C ASN A 46 1.30 4.96 -13.86
N LYS A 47 1.74 5.68 -14.88
CA LYS A 47 2.79 5.16 -15.75
C LYS A 47 3.93 6.18 -15.81
N SER A 48 5.13 5.67 -15.97
CA SER A 48 6.31 6.52 -16.05
C SER A 48 6.90 6.47 -17.47
N ARG A 49 7.28 7.64 -17.96
CA ARG A 49 7.86 7.74 -19.29
C ARG A 49 9.38 7.57 -19.22
N GLU A 50 10.00 8.36 -18.37
CA GLU A 50 11.43 8.31 -18.20
C GLU A 50 11.92 6.86 -18.21
N THR A 51 11.53 6.13 -17.17
CA THR A 51 11.91 4.74 -17.04
C THR A 51 11.21 3.89 -18.11
N GLY A 52 9.92 4.14 -18.26
CA GLY A 52 9.13 3.42 -19.24
C GLY A 52 8.49 2.18 -18.61
N THR A 53 7.86 2.39 -17.45
CA THR A 53 7.21 1.30 -16.74
C THR A 53 6.03 1.83 -15.93
N ASP A 54 5.15 0.91 -15.56
CA ASP A 54 3.97 1.27 -14.78
C ASP A 54 4.37 1.43 -13.31
N LEU A 55 4.35 2.68 -12.86
CA LEU A 55 4.70 2.98 -11.48
C LEU A 55 3.99 2.00 -10.55
N GLY A 56 2.73 1.74 -10.87
CA GLY A 56 1.93 0.82 -10.07
C GLY A 56 0.49 1.32 -9.94
N ILE A 57 -0.23 0.73 -8.99
CA ILE A 57 -1.61 1.11 -8.75
C ILE A 57 -1.68 2.08 -7.58
N PHE A 58 -2.43 3.15 -7.77
CA PHE A 58 -2.59 4.16 -6.74
C PHE A 58 -4.06 4.39 -6.43
N ILE A 59 -4.38 4.33 -5.14
CA ILE A 59 -5.75 4.52 -4.69
C ILE A 59 -6.28 5.85 -5.25
N LYS A 60 -7.57 5.87 -5.52
CA LYS A 60 -8.20 7.06 -6.05
C LYS A 60 -8.91 7.81 -4.92
N SER A 61 -9.81 7.09 -4.25
CA SER A 61 -10.56 7.66 -3.15
C SER A 61 -11.39 6.58 -2.46
N ILE A 62 -11.66 6.80 -1.18
CA ILE A 62 -12.44 5.85 -0.41
C ILE A 62 -13.89 6.34 -0.33
N ILE A 63 -14.79 5.41 -0.61
CA ILE A 63 -16.21 5.73 -0.58
C ILE A 63 -16.73 5.60 0.86
N HIS A 64 -17.80 6.34 1.14
CA HIS A 64 -18.39 6.32 2.47
C HIS A 64 -19.67 5.48 2.44
N GLY A 65 -19.99 4.92 3.59
CA GLY A 65 -21.18 4.10 3.72
C GLY A 65 -20.87 2.64 3.35
N GLY A 66 -19.59 2.32 3.33
CA GLY A 66 -19.15 0.97 2.99
C GLY A 66 -18.09 0.49 3.97
N ALA A 67 -17.41 -0.58 3.57
CA ALA A 67 -16.36 -1.15 4.40
C ALA A 67 -15.08 -0.33 4.24
N ALA A 68 -14.78 0.00 3.00
CA ALA A 68 -13.59 0.78 2.69
C ALA A 68 -13.54 1.99 3.62
N PHE A 69 -14.68 2.66 3.73
CA PHE A 69 -14.77 3.83 4.58
C PHE A 69 -13.93 3.66 5.85
N LYS A 70 -14.06 2.48 6.45
CA LYS A 70 -13.32 2.18 7.66
C LYS A 70 -11.84 2.44 7.44
N ASP A 71 -11.33 1.87 6.36
CA ASP A 71 -9.93 2.03 6.01
C ASP A 71 -9.73 3.38 5.33
N GLY A 72 -10.83 3.99 4.94
CA GLY A 72 -10.80 5.28 4.28
C GLY A 72 -9.79 6.22 4.96
N ARG A 73 -9.56 5.95 6.24
CA ARG A 73 -8.64 6.76 7.01
C ARG A 73 -7.40 7.09 6.17
N LEU A 74 -7.10 6.20 5.24
CA LEU A 74 -5.95 6.38 4.37
C LEU A 74 -6.21 7.55 3.41
N ARG A 75 -5.19 7.89 2.64
CA ARG A 75 -5.31 8.98 1.69
C ARG A 75 -5.01 8.48 0.27
N MET A 76 -5.93 8.77 -0.64
CA MET A 76 -5.77 8.36 -2.02
C MET A 76 -4.32 8.52 -2.48
N ASN A 77 -4.00 7.83 -3.56
CA ASN A 77 -2.64 7.88 -4.11
C ASN A 77 -1.71 7.06 -3.24
N ASP A 78 -2.22 5.92 -2.79
CA ASP A 78 -1.44 5.03 -1.95
C ASP A 78 -0.98 3.82 -2.78
N GLN A 79 0.21 3.96 -3.35
CA GLN A 79 0.78 2.90 -4.16
C GLN A 79 0.61 1.55 -3.47
N LEU A 80 0.05 0.60 -4.20
CA LEU A 80 -0.17 -0.73 -3.67
C LEU A 80 1.06 -1.60 -3.95
N ILE A 81 2.00 -1.54 -3.03
CA ILE A 81 3.24 -2.31 -3.17
C ILE A 81 2.91 -3.81 -3.07
N ALA A 82 1.67 -4.09 -2.67
CA ALA A 82 1.21 -5.46 -2.54
C ALA A 82 -0.26 -5.47 -2.13
N VAL A 83 -0.78 -6.68 -1.95
CA VAL A 83 -2.17 -6.83 -1.56
C VAL A 83 -2.39 -8.27 -1.08
N ASN A 84 -2.74 -8.38 0.19
CA ASN A 84 -2.99 -9.68 0.79
C ASN A 84 -1.70 -10.50 0.78
N GLY A 85 -0.59 -9.78 0.65
CA GLY A 85 0.72 -10.43 0.63
C GLY A 85 1.20 -10.62 -0.81
N GLU A 86 0.30 -10.37 -1.74
CA GLU A 86 0.62 -10.52 -3.15
C GLU A 86 1.22 -9.23 -3.70
N THR A 87 2.23 -9.38 -4.53
CA THR A 87 2.91 -8.24 -5.12
C THR A 87 2.07 -7.67 -6.27
N LEU A 88 2.19 -6.36 -6.45
CA LEU A 88 1.46 -5.68 -7.51
C LEU A 88 2.45 -4.99 -8.45
N LEU A 89 3.43 -4.34 -7.84
CA LEU A 89 4.44 -3.63 -8.62
C LEU A 89 5.02 -4.57 -9.68
N GLY A 90 5.23 -5.81 -9.26
CA GLY A 90 5.78 -6.81 -10.17
C GLY A 90 4.95 -6.92 -11.43
N LYS A 91 3.66 -6.64 -11.29
CA LYS A 91 2.75 -6.70 -12.42
C LYS A 91 2.55 -5.29 -12.99
N SER A 92 1.53 -5.16 -13.82
CA SER A 92 1.23 -3.89 -14.43
C SER A 92 -0.07 -3.31 -13.85
N ASN A 93 -0.49 -2.18 -14.40
CA ASN A 93 -1.71 -1.53 -13.94
C ASN A 93 -2.88 -2.50 -14.09
N HIS A 94 -2.95 -3.12 -15.26
CA HIS A 94 -4.02 -4.05 -15.55
C HIS A 94 -3.90 -5.26 -14.62
N GLU A 95 -2.90 -6.09 -14.91
CA GLU A 95 -2.66 -7.28 -14.11
C GLU A 95 -2.91 -6.99 -12.64
N ALA A 96 -2.10 -6.10 -12.10
CA ALA A 96 -2.21 -5.72 -10.70
C ALA A 96 -3.69 -5.63 -10.32
N MET A 97 -4.35 -4.62 -10.88
CA MET A 97 -5.76 -4.42 -10.61
C MET A 97 -6.55 -5.72 -10.76
N GLU A 98 -6.07 -6.56 -11.66
CA GLU A 98 -6.71 -7.84 -11.92
C GLU A 98 -6.56 -8.76 -10.71
N THR A 99 -5.42 -8.62 -10.03
CA THR A 99 -5.14 -9.43 -8.86
C THR A 99 -6.06 -9.03 -7.70
N LEU A 100 -6.18 -7.73 -7.50
CA LEU A 100 -7.02 -7.21 -6.44
C LEU A 100 -8.34 -7.96 -6.44
N ARG A 101 -9.18 -7.65 -7.41
CA ARG A 101 -10.48 -8.29 -7.53
C ARG A 101 -10.36 -9.79 -7.28
N ARG A 102 -9.24 -10.35 -7.75
CA ARG A 102 -8.99 -11.77 -7.58
C ARG A 102 -8.98 -12.14 -6.10
N SER A 103 -8.08 -11.49 -5.37
CA SER A 103 -7.97 -11.73 -3.94
C SER A 103 -9.28 -11.39 -3.23
N MET A 104 -9.89 -10.30 -3.70
CA MET A 104 -11.15 -9.86 -3.12
C MET A 104 -12.21 -10.96 -3.20
N SER A 105 -12.08 -11.80 -4.21
CA SER A 105 -13.02 -12.88 -4.41
C SER A 105 -12.46 -14.17 -3.81
N MET A 106 -11.13 -14.29 -3.87
CA MET A 106 -10.46 -15.47 -3.33
C MET A 106 -10.16 -15.29 -1.84
N GLU A 107 -9.25 -14.38 -1.55
CA GLU A 107 -8.87 -14.12 -0.17
C GLU A 107 -10.11 -13.79 0.67
N GLY A 108 -11.17 -13.40 -0.02
CA GLY A 108 -12.42 -13.06 0.64
C GLY A 108 -13.37 -14.26 0.67
N ASN A 109 -12.96 -15.32 -0.03
CA ASN A 109 -13.76 -16.52 -0.08
C ASN A 109 -13.32 -17.48 1.03
N ILE A 110 -12.03 -17.78 1.03
CA ILE A 110 -11.47 -18.68 2.04
C ILE A 110 -11.29 -17.92 3.34
N ARG A 111 -10.84 -16.67 3.21
CA ARG A 111 -10.61 -15.83 4.37
C ARG A 111 -11.83 -14.93 4.62
N GLY A 112 -11.97 -13.93 3.76
CA GLY A 112 -13.08 -13.01 3.88
C GLY A 112 -12.59 -11.60 4.15
N MET A 113 -11.28 -11.41 3.97
CA MET A 113 -10.68 -10.12 4.20
C MET A 113 -9.62 -9.81 3.13
N ILE A 114 -9.12 -8.58 3.18
CA ILE A 114 -8.11 -8.15 2.22
C ILE A 114 -7.19 -7.13 2.89
N GLN A 115 -5.90 -7.27 2.59
CA GLN A 115 -4.91 -6.37 3.15
C GLN A 115 -4.36 -5.42 2.07
N LEU A 116 -4.00 -4.22 2.50
CA LEU A 116 -3.47 -3.23 1.58
C LEU A 116 -2.15 -2.69 2.13
N VAL A 117 -1.10 -2.92 1.38
CA VAL A 117 0.23 -2.46 1.77
C VAL A 117 0.59 -1.20 0.99
N ILE A 118 0.61 -0.08 1.69
CA ILE A 118 0.93 1.19 1.07
C ILE A 118 2.37 1.58 1.43
N LEU A 119 2.93 2.48 0.63
CA LEU A 119 4.28 2.94 0.85
C LEU A 119 4.29 4.47 0.95
N ARG A 120 4.82 4.96 2.06
CA ARG A 120 4.89 6.39 2.28
C ARG A 120 6.33 6.82 2.55
N ARG A 121 6.78 7.81 1.79
CA ARG A 121 8.14 8.31 1.93
C ARG A 121 8.18 9.38 3.03
N SER A 122 9.40 9.70 3.43
CA SER A 122 9.61 10.70 4.47
C SER A 122 8.75 11.93 4.19
N GLY A 123 9.07 12.60 3.09
CA GLY A 123 8.34 13.79 2.70
C GLY A 123 8.61 14.14 1.24
N PRO A 124 7.50 14.42 0.50
CA PRO A 124 7.61 14.78 -0.91
C PRO A 124 8.13 16.20 -1.08
N SER A 125 9.33 16.43 -0.58
CA SER A 125 9.95 17.74 -0.66
C SER A 125 8.94 18.82 -0.27
N SER A 126 8.80 19.02 1.03
CA SER A 126 7.87 20.01 1.53
C SER A 126 8.48 20.71 2.75
N GLY A 127 9.05 21.88 2.51
CA GLY A 127 9.67 22.65 3.57
C GLY A 127 9.09 24.07 3.62
N GLY A 1 42.27 -7.35 3.35
CA GLY A 1 41.62 -7.21 4.64
C GLY A 1 40.86 -8.49 5.01
N SER A 2 41.17 -9.00 6.20
CA SER A 2 40.53 -10.21 6.68
C SER A 2 41.11 -10.60 8.04
N SER A 3 40.22 -11.00 8.93
CA SER A 3 40.63 -11.41 10.27
C SER A 3 39.42 -11.86 11.08
N GLY A 4 39.69 -12.48 12.21
CA GLY A 4 38.64 -12.97 13.08
C GLY A 4 39.17 -14.01 14.07
N SER A 5 39.01 -13.70 15.34
CA SER A 5 39.46 -14.60 16.39
C SER A 5 39.22 -13.96 17.77
N SER A 6 38.51 -14.71 18.61
CA SER A 6 38.20 -14.24 19.95
C SER A 6 37.34 -15.27 20.68
N GLY A 7 37.17 -15.06 21.97
CA GLY A 7 36.38 -15.95 22.79
C GLY A 7 35.53 -15.17 23.80
N LEU A 8 34.37 -15.73 24.11
CA LEU A 8 33.47 -15.11 25.07
C LEU A 8 32.27 -16.04 25.31
N LYS A 9 32.03 -16.29 26.59
CA LYS A 9 30.92 -17.16 26.97
C LYS A 9 29.71 -16.30 27.34
N GLY A 10 29.23 -15.56 26.36
CA GLY A 10 28.08 -14.68 26.56
C GLY A 10 27.79 -13.85 25.31
N GLU A 11 26.54 -13.42 25.21
CA GLU A 11 26.12 -12.61 24.08
C GLU A 11 26.28 -11.12 24.40
N PRO A 12 26.53 -10.32 23.33
CA PRO A 12 26.70 -8.89 23.49
C PRO A 12 25.36 -8.20 23.74
N ASP A 13 24.39 -8.56 22.90
CA ASP A 13 23.05 -7.99 23.02
C ASP A 13 23.14 -6.47 22.80
N CYS A 14 22.57 -6.04 21.68
CA CYS A 14 22.58 -4.62 21.35
C CYS A 14 21.12 -4.13 21.34
N TYR A 15 20.97 -2.82 21.50
CA TYR A 15 19.66 -2.21 21.51
C TYR A 15 19.56 -1.10 20.48
N ALA A 16 18.47 -1.12 19.72
CA ALA A 16 18.24 -0.13 18.69
C ALA A 16 16.90 0.56 18.94
N LEU A 17 16.63 1.58 18.13
CA LEU A 17 15.38 2.32 18.25
C LEU A 17 14.97 2.81 16.87
N SER A 18 13.67 3.05 16.73
CA SER A 18 13.11 3.52 15.47
C SER A 18 13.32 2.48 14.38
N LEU A 19 12.61 2.66 13.29
CA LEU A 19 12.70 1.74 12.16
C LEU A 19 13.69 2.29 11.13
N GLU A 20 13.94 1.49 10.11
CA GLU A 20 14.86 1.88 9.06
C GLU A 20 14.15 1.86 7.70
N SER A 21 14.69 2.64 6.78
CA SER A 21 14.13 2.71 5.44
C SER A 21 12.75 3.37 5.49
N SER A 22 12.09 3.39 4.34
CA SER A 22 10.77 3.98 4.24
C SER A 22 9.82 3.29 5.23
N GLU A 23 8.63 3.87 5.36
CA GLU A 23 7.63 3.32 6.26
C GLU A 23 6.51 2.66 5.47
N GLN A 24 5.80 1.76 6.14
CA GLN A 24 4.70 1.04 5.52
C GLN A 24 3.59 0.79 6.53
N LEU A 25 2.36 0.85 6.04
CA LEU A 25 1.20 0.62 6.90
C LEU A 25 0.41 -0.58 6.37
N THR A 26 -0.04 -1.40 7.29
CA THR A 26 -0.82 -2.58 6.93
C THR A 26 -2.29 -2.39 7.31
N LEU A 27 -3.10 -2.17 6.29
CA LEU A 27 -4.53 -1.98 6.50
C LEU A 27 -5.27 -3.29 6.20
N GLU A 28 -6.15 -3.65 7.12
CA GLU A 28 -6.92 -4.87 6.97
C GLU A 28 -8.40 -4.54 6.82
N ILE A 29 -8.96 -4.90 5.67
CA ILE A 29 -10.36 -4.65 5.39
C ILE A 29 -11.09 -5.98 5.20
N PRO A 30 -12.13 -6.20 6.04
CA PRO A 30 -12.90 -7.42 5.98
C PRO A 30 -13.84 -7.41 4.77
N LEU A 31 -14.05 -8.58 4.20
CA LEU A 31 -14.91 -8.72 3.04
C LEU A 31 -16.02 -9.73 3.36
N ASN A 32 -16.48 -9.68 4.60
CA ASN A 32 -17.53 -10.59 5.04
C ASN A 32 -18.83 -10.25 4.30
N ASP A 33 -19.31 -9.05 4.54
CA ASP A 33 -20.54 -8.59 3.92
C ASP A 33 -20.19 -7.79 2.65
N SER A 34 -19.02 -7.18 2.68
CA SER A 34 -18.56 -6.38 1.55
C SER A 34 -18.10 -7.31 0.42
N GLY A 35 -17.51 -8.43 0.81
CA GLY A 35 -17.03 -9.40 -0.15
C GLY A 35 -18.04 -9.59 -1.29
N SER A 36 -19.31 -9.57 -0.92
CA SER A 36 -20.38 -9.75 -1.90
C SER A 36 -20.03 -9.00 -3.19
N ALA A 37 -19.92 -7.69 -3.06
CA ALA A 37 -19.59 -6.86 -4.21
C ALA A 37 -18.09 -6.62 -4.26
N GLY A 38 -17.46 -6.77 -3.09
CA GLY A 38 -16.02 -6.58 -2.98
C GLY A 38 -15.69 -5.36 -2.13
N LEU A 39 -14.41 -5.06 -2.06
CA LEU A 39 -13.95 -3.92 -1.29
C LEU A 39 -14.93 -2.75 -1.48
N GLY A 40 -14.95 -2.23 -2.70
CA GLY A 40 -15.83 -1.12 -3.03
C GLY A 40 -15.04 0.19 -3.08
N VAL A 41 -13.91 0.14 -3.79
CA VAL A 41 -13.08 1.31 -3.92
C VAL A 41 -12.50 1.36 -5.34
N SER A 42 -12.12 2.55 -5.76
CA SER A 42 -11.56 2.75 -7.09
C SER A 42 -10.10 3.20 -6.97
N LEU A 43 -9.27 2.66 -7.85
CA LEU A 43 -7.86 3.01 -7.86
C LEU A 43 -7.51 3.62 -9.22
N LYS A 44 -6.25 4.05 -9.34
CA LYS A 44 -5.77 4.65 -10.56
C LYS A 44 -4.47 3.96 -10.99
N GLY A 45 -3.98 4.36 -12.15
CA GLY A 45 -2.75 3.80 -12.68
C GLY A 45 -1.83 4.89 -13.21
N ASN A 46 -0.58 4.84 -12.76
CA ASN A 46 0.41 5.81 -13.19
C ASN A 46 1.51 5.12 -13.99
N LYS A 47 1.70 5.60 -15.21
CA LYS A 47 2.72 5.03 -16.08
C LYS A 47 3.86 6.03 -16.26
N SER A 48 5.07 5.50 -16.26
CA SER A 48 6.26 6.34 -16.40
C SER A 48 6.82 6.18 -17.82
N ARG A 49 7.14 7.33 -18.43
CA ARG A 49 7.68 7.34 -19.77
C ARG A 49 9.19 7.13 -19.73
N GLU A 50 9.79 7.61 -18.65
CA GLU A 50 11.23 7.48 -18.48
C GLU A 50 11.64 6.02 -18.50
N THR A 51 11.00 5.24 -17.64
CA THR A 51 11.29 3.82 -17.55
C THR A 51 10.45 3.04 -18.56
N GLY A 52 9.59 3.78 -19.26
CA GLY A 52 8.73 3.16 -20.26
C GLY A 52 8.00 1.95 -19.68
N THR A 53 7.56 2.08 -18.43
CA THR A 53 6.86 1.01 -17.76
C THR A 53 5.71 1.58 -16.92
N ASP A 54 5.38 0.86 -15.86
CA ASP A 54 4.31 1.27 -14.97
C ASP A 54 4.90 1.61 -13.60
N LEU A 55 4.24 2.53 -12.92
CA LEU A 55 4.68 2.96 -11.60
C LEU A 55 3.99 2.10 -10.54
N GLY A 56 2.72 1.82 -10.77
CA GLY A 56 1.95 1.02 -9.84
C GLY A 56 0.49 1.48 -9.81
N ILE A 57 -0.19 1.09 -8.74
CA ILE A 57 -1.59 1.45 -8.57
C ILE A 57 -1.73 2.36 -7.35
N PHE A 58 -2.46 3.45 -7.54
CA PHE A 58 -2.68 4.40 -6.47
C PHE A 58 -4.18 4.61 -6.21
N ILE A 59 -4.55 4.52 -4.94
CA ILE A 59 -5.93 4.70 -4.54
C ILE A 59 -6.51 5.93 -5.25
N LYS A 60 -7.78 5.85 -5.56
CA LYS A 60 -8.46 6.94 -6.24
C LYS A 60 -9.25 7.77 -5.21
N SER A 61 -10.14 7.09 -4.51
CA SER A 61 -10.95 7.74 -3.49
C SER A 61 -11.82 6.71 -2.78
N ILE A 62 -11.79 6.75 -1.46
CA ILE A 62 -12.58 5.83 -0.66
C ILE A 62 -14.05 6.22 -0.75
N ILE A 63 -14.90 5.20 -0.81
CA ILE A 63 -16.33 5.42 -0.90
C ILE A 63 -16.94 5.38 0.51
N HIS A 64 -17.12 6.57 1.06
CA HIS A 64 -17.69 6.69 2.39
C HIS A 64 -19.11 6.14 2.40
N GLY A 65 -19.54 5.69 3.58
CA GLY A 65 -20.87 5.14 3.72
C GLY A 65 -20.89 3.65 3.37
N GLY A 66 -19.70 3.11 3.16
CA GLY A 66 -19.57 1.70 2.82
C GLY A 66 -18.57 1.00 3.74
N ALA A 67 -17.87 0.02 3.18
CA ALA A 67 -16.89 -0.72 3.94
C ALA A 67 -15.55 0.02 3.91
N ALA A 68 -15.02 0.16 2.71
CA ALA A 68 -13.75 0.84 2.53
C ALA A 68 -13.72 2.10 3.38
N PHE A 69 -14.91 2.64 3.61
CA PHE A 69 -15.05 3.84 4.41
C PHE A 69 -14.24 3.73 5.71
N LYS A 70 -14.44 2.61 6.39
CA LYS A 70 -13.74 2.37 7.64
C LYS A 70 -12.27 2.76 7.49
N ASP A 71 -11.55 1.94 6.74
CA ASP A 71 -10.14 2.19 6.51
C ASP A 71 -9.97 3.48 5.69
N GLY A 72 -11.09 3.94 5.16
CA GLY A 72 -11.09 5.16 4.36
C GLY A 72 -10.24 6.25 5.01
N ARG A 73 -10.06 6.10 6.32
CA ARG A 73 -9.28 7.06 7.08
C ARG A 73 -8.10 7.56 6.24
N LEU A 74 -7.61 6.69 5.37
CA LEU A 74 -6.50 7.02 4.51
C LEU A 74 -6.96 8.06 3.47
N ARG A 75 -6.07 8.31 2.52
CA ARG A 75 -6.36 9.28 1.47
C ARG A 75 -5.88 8.75 0.12
N MET A 76 -6.57 9.17 -0.93
CA MET A 76 -6.22 8.76 -2.27
C MET A 76 -4.73 8.95 -2.55
N ASN A 77 -4.24 8.25 -3.56
CA ASN A 77 -2.84 8.34 -3.92
C ASN A 77 -2.01 7.49 -2.97
N ASP A 78 -2.44 6.25 -2.80
CA ASP A 78 -1.76 5.32 -1.92
C ASP A 78 -1.25 4.13 -2.74
N GLN A 79 0.01 4.21 -3.14
CA GLN A 79 0.63 3.16 -3.93
C GLN A 79 0.45 1.82 -3.23
N LEU A 80 0.06 0.82 -4.01
CA LEU A 80 -0.15 -0.51 -3.49
C LEU A 80 1.09 -1.37 -3.78
N ILE A 81 1.99 -1.40 -2.80
CA ILE A 81 3.22 -2.18 -2.94
C ILE A 81 2.88 -3.66 -2.82
N ALA A 82 1.62 -3.95 -2.53
CA ALA A 82 1.17 -5.31 -2.38
C ALA A 82 -0.29 -5.32 -1.94
N VAL A 83 -0.77 -6.52 -1.60
CA VAL A 83 -2.15 -6.67 -1.16
C VAL A 83 -2.39 -8.13 -0.79
N ASN A 84 -2.84 -8.32 0.45
CA ASN A 84 -3.12 -9.66 0.94
C ASN A 84 -1.83 -10.48 0.92
N GLY A 85 -0.70 -9.77 0.88
CA GLY A 85 0.59 -10.42 0.85
C GLY A 85 1.10 -10.58 -0.58
N GLU A 86 0.21 -10.29 -1.53
CA GLU A 86 0.55 -10.40 -2.94
C GLU A 86 1.12 -9.07 -3.44
N THR A 87 2.24 -9.18 -4.14
CA THR A 87 2.90 -7.99 -4.68
C THR A 87 2.10 -7.45 -5.87
N LEU A 88 2.27 -6.16 -6.12
CA LEU A 88 1.58 -5.51 -7.22
C LEU A 88 2.61 -4.85 -8.15
N LEU A 89 3.59 -4.19 -7.53
CA LEU A 89 4.63 -3.52 -8.28
C LEU A 89 5.23 -4.50 -9.29
N GLY A 90 5.47 -5.72 -8.82
CA GLY A 90 6.05 -6.74 -9.67
C GLY A 90 5.20 -6.97 -10.91
N LYS A 91 3.89 -6.79 -10.74
CA LYS A 91 2.96 -6.96 -11.84
C LYS A 91 2.80 -5.64 -12.59
N SER A 92 1.68 -5.53 -13.30
CA SER A 92 1.40 -4.32 -14.06
C SER A 92 0.17 -3.61 -13.48
N ASN A 93 -0.27 -2.59 -14.19
CA ASN A 93 -1.43 -1.83 -13.77
C ASN A 93 -2.68 -2.70 -13.90
N HIS A 94 -2.66 -3.58 -14.87
CA HIS A 94 -3.78 -4.48 -15.11
C HIS A 94 -3.73 -5.64 -14.11
N GLU A 95 -2.71 -6.47 -14.27
CA GLU A 95 -2.54 -7.63 -13.40
C GLU A 95 -2.80 -7.23 -11.95
N ALA A 96 -1.96 -6.33 -11.46
CA ALA A 96 -2.09 -5.86 -10.09
C ALA A 96 -3.58 -5.69 -9.75
N MET A 97 -4.17 -4.66 -10.33
CA MET A 97 -5.58 -4.37 -10.10
C MET A 97 -6.42 -5.64 -10.22
N GLU A 98 -6.13 -6.40 -11.27
CA GLU A 98 -6.85 -7.65 -11.51
C GLU A 98 -6.67 -8.60 -10.32
N THR A 99 -5.50 -8.52 -9.71
CA THR A 99 -5.19 -9.37 -8.58
C THR A 99 -5.96 -8.91 -7.34
N LEU A 100 -6.07 -7.59 -7.20
CA LEU A 100 -6.77 -7.01 -6.07
C LEU A 100 -8.16 -7.66 -5.96
N ARG A 101 -9.02 -7.31 -6.90
CA ARG A 101 -10.38 -7.84 -6.91
C ARG A 101 -10.35 -9.36 -6.72
N ARG A 102 -9.21 -9.95 -7.07
CA ARG A 102 -9.04 -11.38 -6.95
C ARG A 102 -8.76 -11.76 -5.50
N SER A 103 -7.69 -11.19 -4.97
CA SER A 103 -7.29 -11.47 -3.59
C SER A 103 -8.43 -11.07 -2.64
N MET A 104 -9.38 -10.32 -3.19
CA MET A 104 -10.51 -9.87 -2.39
C MET A 104 -11.43 -11.04 -2.04
N SER A 105 -11.87 -11.73 -3.07
CA SER A 105 -12.75 -12.88 -2.88
C SER A 105 -11.95 -14.17 -2.92
N MET A 106 -10.90 -14.16 -3.74
CA MET A 106 -10.05 -15.32 -3.87
C MET A 106 -9.25 -15.57 -2.59
N GLU A 107 -8.54 -14.54 -2.15
CA GLU A 107 -7.74 -14.64 -0.95
C GLU A 107 -8.60 -14.34 0.28
N GLY A 108 -9.74 -13.72 0.04
CA GLY A 108 -10.66 -13.37 1.11
C GLY A 108 -11.72 -14.46 1.30
N ASN A 109 -11.72 -15.40 0.36
CA ASN A 109 -12.67 -16.50 0.41
C ASN A 109 -12.34 -17.41 1.60
N ILE A 110 -11.07 -17.74 1.72
CA ILE A 110 -10.61 -18.59 2.80
C ILE A 110 -10.28 -17.73 4.02
N ARG A 111 -9.81 -16.52 3.73
CA ARG A 111 -9.45 -15.60 4.80
C ARG A 111 -10.70 -14.90 5.34
N GLY A 112 -11.35 -14.13 4.45
CA GLY A 112 -12.54 -13.42 4.83
C GLY A 112 -12.30 -11.91 4.84
N MET A 113 -11.18 -11.52 4.25
CA MET A 113 -10.82 -10.12 4.19
C MET A 113 -9.65 -9.88 3.22
N ILE A 114 -9.17 -8.65 3.20
CA ILE A 114 -8.07 -8.29 2.32
C ILE A 114 -7.16 -7.29 3.04
N GLN A 115 -5.91 -7.26 2.62
CA GLN A 115 -4.94 -6.36 3.22
C GLN A 115 -4.37 -5.42 2.14
N LEU A 116 -4.05 -4.21 2.57
CA LEU A 116 -3.50 -3.21 1.66
C LEU A 116 -2.19 -2.68 2.24
N VAL A 117 -1.12 -2.89 1.50
CA VAL A 117 0.19 -2.43 1.91
C VAL A 117 0.57 -1.18 1.14
N ILE A 118 0.68 -0.08 1.87
CA ILE A 118 1.03 1.19 1.24
C ILE A 118 2.45 1.58 1.66
N LEU A 119 3.03 2.50 0.89
CA LEU A 119 4.39 2.95 1.17
C LEU A 119 4.38 4.48 1.29
N ARG A 120 5.00 4.95 2.37
CA ARG A 120 5.08 6.38 2.62
C ARG A 120 6.53 6.80 2.90
N ARG A 121 6.88 7.95 2.37
CA ARG A 121 8.24 8.47 2.55
C ARG A 121 8.32 9.30 3.84
N SER A 122 9.54 9.52 4.28
CA SER A 122 9.77 10.29 5.49
C SER A 122 9.09 11.66 5.37
N GLY A 123 9.46 12.38 4.32
CA GLY A 123 8.90 13.69 4.07
C GLY A 123 8.54 13.86 2.59
N PRO A 124 8.70 15.13 2.11
CA PRO A 124 8.38 15.44 0.72
C PRO A 124 9.46 14.90 -0.22
N SER A 125 10.69 14.88 0.29
CA SER A 125 11.81 14.40 -0.50
C SER A 125 11.91 15.16 -1.82
N SER A 126 12.84 16.10 -1.86
CA SER A 126 13.04 16.90 -3.06
C SER A 126 14.53 16.96 -3.41
N GLY A 127 14.83 16.59 -4.65
CA GLY A 127 16.21 16.60 -5.11
C GLY A 127 16.46 17.78 -6.05
N GLY A 1 17.78 -0.72 -37.60
CA GLY A 1 16.70 -1.32 -36.84
C GLY A 1 17.21 -1.90 -35.52
N SER A 2 16.29 -2.44 -34.74
CA SER A 2 16.64 -3.03 -33.46
C SER A 2 15.41 -3.71 -32.84
N SER A 3 15.67 -4.81 -32.16
CA SER A 3 14.60 -5.56 -31.52
C SER A 3 15.19 -6.69 -30.67
N GLY A 4 14.49 -7.00 -29.59
CA GLY A 4 14.92 -8.07 -28.69
C GLY A 4 14.00 -8.17 -27.48
N SER A 5 14.39 -9.03 -26.55
CA SER A 5 13.61 -9.24 -25.34
C SER A 5 14.11 -8.32 -24.23
N SER A 6 13.60 -7.09 -24.25
CA SER A 6 13.99 -6.11 -23.25
C SER A 6 13.15 -4.84 -23.41
N GLY A 7 13.04 -4.09 -22.32
CA GLY A 7 12.28 -2.86 -22.34
C GLY A 7 12.65 -1.97 -21.15
N LEU A 8 13.63 -1.11 -21.38
CA LEU A 8 14.09 -0.20 -20.33
C LEU A 8 15.04 0.83 -20.95
N LYS A 9 16.17 0.34 -21.41
CA LYS A 9 17.17 1.20 -22.02
C LYS A 9 17.69 2.19 -20.98
N GLY A 10 18.88 1.90 -20.47
CA GLY A 10 19.49 2.74 -19.46
C GLY A 10 19.94 1.93 -18.25
N GLU A 11 20.60 2.60 -17.33
CA GLU A 11 21.08 1.96 -16.12
C GLU A 11 20.31 2.46 -14.90
N PRO A 12 20.31 1.63 -13.83
CA PRO A 12 19.61 1.98 -12.60
C PRO A 12 20.39 3.04 -11.82
N ASP A 13 21.67 2.77 -11.63
CA ASP A 13 22.53 3.70 -10.91
C ASP A 13 22.04 3.81 -9.46
N CYS A 14 22.89 3.36 -8.55
CA CYS A 14 22.56 3.40 -7.13
C CYS A 14 23.46 4.45 -6.46
N TYR A 15 22.96 4.98 -5.35
CA TYR A 15 23.71 5.97 -4.60
C TYR A 15 24.13 5.45 -3.23
N ALA A 16 25.27 5.92 -2.77
CA ALA A 16 25.79 5.50 -1.48
C ALA A 16 24.72 5.71 -0.41
N LEU A 17 25.06 5.31 0.81
CA LEU A 17 24.13 5.44 1.92
C LEU A 17 22.77 4.88 1.51
N SER A 18 21.79 5.09 2.39
CA SER A 18 20.45 4.61 2.13
C SER A 18 19.44 5.47 2.90
N LEU A 19 18.19 5.42 2.44
CA LEU A 19 17.14 6.18 3.08
C LEU A 19 16.39 5.29 4.08
N GLU A 20 17.16 4.44 4.75
CA GLU A 20 16.60 3.52 5.72
C GLU A 20 15.32 2.88 5.17
N SER A 21 14.52 2.35 6.09
CA SER A 21 13.27 1.70 5.71
C SER A 21 12.20 2.76 5.44
N SER A 22 11.56 2.62 4.28
CA SER A 22 10.51 3.55 3.89
C SER A 22 9.30 3.38 4.80
N GLU A 23 8.31 4.24 4.58
CA GLU A 23 7.10 4.21 5.39
C GLU A 23 6.10 3.22 4.77
N GLN A 24 5.68 2.26 5.59
CA GLN A 24 4.73 1.26 5.14
C GLN A 24 3.61 1.11 6.17
N LEU A 25 2.41 0.86 5.65
CA LEU A 25 1.25 0.68 6.51
C LEU A 25 0.38 -0.45 5.97
N THR A 26 0.03 -1.36 6.87
CA THR A 26 -0.80 -2.50 6.49
C THR A 26 -2.20 -2.37 7.11
N LEU A 27 -3.14 -1.99 6.25
CA LEU A 27 -4.52 -1.82 6.69
C LEU A 27 -5.37 -2.96 6.12
N GLU A 28 -5.96 -3.73 7.03
CA GLU A 28 -6.80 -4.84 6.64
C GLU A 28 -8.26 -4.42 6.61
N ILE A 29 -8.98 -4.94 5.61
CA ILE A 29 -10.38 -4.62 5.45
C ILE A 29 -11.18 -5.92 5.30
N PRO A 30 -12.23 -6.05 6.14
CA PRO A 30 -13.07 -7.23 6.10
C PRO A 30 -14.01 -7.20 4.89
N LEU A 31 -14.26 -8.38 4.35
CA LEU A 31 -15.14 -8.50 3.19
C LEU A 31 -16.26 -9.48 3.52
N ASN A 32 -16.74 -9.40 4.74
CA ASN A 32 -17.82 -10.27 5.19
C ASN A 32 -19.12 -9.86 4.49
N ASP A 33 -19.55 -8.63 4.78
CA ASP A 33 -20.77 -8.12 4.20
C ASP A 33 -20.44 -7.42 2.87
N SER A 34 -19.24 -6.87 2.82
CA SER A 34 -18.79 -6.17 1.63
C SER A 34 -18.40 -7.19 0.55
N GLY A 35 -17.89 -8.32 0.99
CA GLY A 35 -17.48 -9.37 0.08
C GLY A 35 -18.45 -9.48 -1.10
N SER A 36 -19.73 -9.37 -0.78
CA SER A 36 -20.76 -9.46 -1.80
C SER A 36 -20.32 -8.72 -3.06
N ALA A 37 -20.11 -7.42 -2.90
CA ALA A 37 -19.68 -6.59 -4.02
C ALA A 37 -18.15 -6.51 -4.03
N GLY A 38 -17.59 -6.30 -2.84
CA GLY A 38 -16.15 -6.20 -2.70
C GLY A 38 -15.77 -5.02 -1.80
N LEU A 39 -14.48 -4.75 -1.75
CA LEU A 39 -13.97 -3.65 -0.94
C LEU A 39 -14.93 -2.46 -1.04
N GLY A 40 -15.01 -1.90 -2.24
CA GLY A 40 -15.87 -0.76 -2.48
C GLY A 40 -15.07 0.52 -2.66
N VAL A 41 -13.95 0.39 -3.36
CA VAL A 41 -13.08 1.53 -3.61
C VAL A 41 -12.44 1.38 -4.99
N SER A 42 -12.09 2.52 -5.57
CA SER A 42 -11.47 2.52 -6.89
C SER A 42 -10.02 2.99 -6.78
N LEU A 43 -9.20 2.50 -7.69
CA LEU A 43 -7.79 2.86 -7.71
C LEU A 43 -7.47 3.57 -9.03
N LYS A 44 -6.28 4.16 -9.06
CA LYS A 44 -5.83 4.87 -10.25
C LYS A 44 -4.45 4.36 -10.66
N GLY A 45 -4.24 4.28 -11.96
CA GLY A 45 -2.98 3.81 -12.48
C GLY A 45 -2.05 4.98 -12.80
N ASN A 46 -0.78 4.80 -12.45
CA ASN A 46 0.21 5.83 -12.69
C ASN A 46 1.36 5.26 -13.51
N LYS A 47 1.69 5.97 -14.58
CA LYS A 47 2.77 5.54 -15.46
C LYS A 47 3.84 6.62 -15.52
N SER A 48 5.08 6.17 -15.68
CA SER A 48 6.21 7.09 -15.76
C SER A 48 6.79 7.09 -17.16
N ARG A 49 7.07 8.29 -17.66
CA ARG A 49 7.63 8.44 -19.00
C ARG A 49 9.15 8.37 -18.93
N GLU A 50 9.70 8.97 -17.88
CA GLU A 50 11.14 8.99 -17.70
C GLU A 50 11.71 7.58 -17.85
N THR A 51 11.30 6.71 -16.95
CA THR A 51 11.77 5.33 -16.96
C THR A 51 11.06 4.55 -18.07
N GLY A 52 9.76 4.78 -18.17
CA GLY A 52 8.96 4.11 -19.17
C GLY A 52 8.44 2.77 -18.65
N THR A 53 7.90 2.81 -17.44
CA THR A 53 7.36 1.61 -16.82
C THR A 53 6.11 1.95 -15.99
N ASP A 54 5.40 0.91 -15.62
CA ASP A 54 4.19 1.08 -14.82
C ASP A 54 4.55 1.05 -13.34
N LEU A 55 4.55 2.23 -12.74
CA LEU A 55 4.87 2.35 -11.33
C LEU A 55 4.06 1.32 -10.54
N GLY A 56 2.78 1.25 -10.86
CA GLY A 56 1.89 0.31 -10.19
C GLY A 56 0.47 0.88 -10.10
N ILE A 57 -0.16 0.64 -8.96
CA ILE A 57 -1.51 1.12 -8.74
C ILE A 57 -1.53 2.05 -7.53
N PHE A 58 -2.41 3.03 -7.59
CA PHE A 58 -2.53 4.00 -6.51
C PHE A 58 -4.00 4.30 -6.22
N ILE A 59 -4.37 4.10 -4.96
CA ILE A 59 -5.74 4.34 -4.53
C ILE A 59 -6.25 5.62 -5.19
N LYS A 60 -7.54 5.62 -5.51
CA LYS A 60 -8.16 6.77 -6.13
C LYS A 60 -8.92 7.58 -5.07
N SER A 61 -9.79 6.88 -4.35
CA SER A 61 -10.58 7.52 -3.31
C SER A 61 -11.39 6.46 -2.55
N ILE A 62 -11.76 6.82 -1.33
CA ILE A 62 -12.53 5.92 -0.50
C ILE A 62 -13.99 6.38 -0.46
N ILE A 63 -14.89 5.46 -0.77
CA ILE A 63 -16.31 5.76 -0.78
C ILE A 63 -16.88 5.57 0.63
N HIS A 64 -17.30 6.67 1.22
CA HIS A 64 -17.86 6.63 2.57
C HIS A 64 -19.17 5.84 2.55
N GLY A 65 -19.63 5.50 3.74
CA GLY A 65 -20.86 4.74 3.88
C GLY A 65 -20.69 3.31 3.37
N GLY A 66 -19.44 2.87 3.36
CA GLY A 66 -19.12 1.53 2.92
C GLY A 66 -18.22 0.81 3.92
N ALA A 67 -17.63 -0.28 3.47
CA ALA A 67 -16.76 -1.08 4.31
C ALA A 67 -15.36 -0.46 4.31
N ALA A 68 -14.97 0.05 3.16
CA ALA A 68 -13.67 0.67 3.01
C ALA A 68 -13.62 1.96 3.85
N PHE A 69 -14.75 2.63 3.89
CA PHE A 69 -14.86 3.87 4.64
C PHE A 69 -14.11 3.76 5.98
N LYS A 70 -14.24 2.60 6.60
CA LYS A 70 -13.59 2.36 7.87
C LYS A 70 -12.09 2.66 7.73
N ASP A 71 -11.51 2.14 6.67
CA ASP A 71 -10.09 2.34 6.41
C ASP A 71 -9.91 3.63 5.59
N GLY A 72 -11.02 4.12 5.07
CA GLY A 72 -10.99 5.34 4.27
C GLY A 72 -10.05 6.37 4.89
N ARG A 73 -9.87 6.27 6.19
CA ARG A 73 -9.00 7.19 6.90
C ARG A 73 -7.74 7.48 6.08
N LEU A 74 -7.37 6.50 5.26
CA LEU A 74 -6.21 6.63 4.42
C LEU A 74 -6.43 7.78 3.43
N ARG A 75 -5.45 7.95 2.53
CA ARG A 75 -5.53 9.00 1.53
C ARG A 75 -5.21 8.42 0.15
N MET A 76 -6.07 8.76 -0.81
CA MET A 76 -5.89 8.29 -2.17
C MET A 76 -4.43 8.46 -2.62
N ASN A 77 -4.14 7.90 -3.79
CA ASN A 77 -2.80 7.99 -4.34
C ASN A 77 -1.86 7.11 -3.50
N ASP A 78 -2.45 6.13 -2.84
CA ASP A 78 -1.68 5.23 -2.00
C ASP A 78 -1.20 4.04 -2.85
N GLN A 79 0.07 4.08 -3.20
CA GLN A 79 0.65 3.02 -4.01
C GLN A 79 0.42 1.67 -3.34
N LEU A 80 0.02 0.71 -4.16
CA LEU A 80 -0.24 -0.64 -3.67
C LEU A 80 0.98 -1.52 -3.93
N ILE A 81 1.77 -1.71 -2.88
CA ILE A 81 2.97 -2.52 -2.98
C ILE A 81 2.62 -3.98 -2.72
N ALA A 82 1.32 -4.23 -2.62
CA ALA A 82 0.83 -5.58 -2.38
C ALA A 82 -0.62 -5.52 -1.91
N VAL A 83 -1.21 -6.69 -1.73
CA VAL A 83 -2.59 -6.78 -1.28
C VAL A 83 -2.91 -8.23 -0.92
N ASN A 84 -3.22 -8.43 0.35
CA ASN A 84 -3.55 -9.76 0.84
C ASN A 84 -2.29 -10.63 0.80
N GLY A 85 -1.16 -9.98 0.60
CA GLY A 85 0.11 -10.69 0.54
C GLY A 85 0.58 -10.85 -0.91
N GLU A 86 -0.34 -10.62 -1.83
CA GLU A 86 -0.03 -10.73 -3.24
C GLU A 86 0.62 -9.44 -3.75
N THR A 87 1.72 -9.62 -4.48
CA THR A 87 2.45 -8.49 -5.03
C THR A 87 1.63 -7.81 -6.13
N LEU A 88 1.95 -6.55 -6.37
CA LEU A 88 1.26 -5.79 -7.39
C LEU A 88 2.28 -5.16 -8.34
N LEU A 89 3.32 -4.58 -7.74
CA LEU A 89 4.37 -3.95 -8.52
C LEU A 89 4.87 -4.92 -9.58
N GLY A 90 5.07 -6.16 -9.16
CA GLY A 90 5.54 -7.19 -10.06
C GLY A 90 4.57 -7.39 -11.23
N LYS A 91 3.31 -7.08 -10.97
CA LYS A 91 2.28 -7.23 -11.98
C LYS A 91 2.14 -5.90 -12.74
N SER A 92 1.13 -5.85 -13.59
CA SER A 92 0.86 -4.66 -14.39
C SER A 92 -0.36 -3.92 -13.85
N ASN A 93 -0.58 -2.74 -14.39
CA ASN A 93 -1.70 -1.92 -13.97
C ASN A 93 -3.00 -2.72 -14.15
N HIS A 94 -2.98 -3.62 -15.12
CA HIS A 94 -4.14 -4.45 -15.40
C HIS A 94 -4.18 -5.62 -14.41
N GLU A 95 -3.25 -6.54 -14.60
CA GLU A 95 -3.17 -7.71 -13.73
C GLU A 95 -3.39 -7.31 -12.28
N ALA A 96 -2.53 -6.42 -11.81
CA ALA A 96 -2.62 -5.94 -10.43
C ALA A 96 -4.08 -5.73 -10.07
N MET A 97 -4.66 -4.70 -10.64
CA MET A 97 -6.07 -4.38 -10.40
C MET A 97 -6.94 -5.62 -10.50
N GLU A 98 -6.66 -6.43 -11.51
CA GLU A 98 -7.40 -7.65 -11.74
C GLU A 98 -7.23 -8.61 -10.56
N THR A 99 -6.07 -8.52 -9.93
CA THR A 99 -5.77 -9.36 -8.79
C THR A 99 -6.50 -8.85 -7.54
N LEU A 100 -6.54 -7.53 -7.41
CA LEU A 100 -7.20 -6.92 -6.27
C LEU A 100 -8.60 -7.51 -6.11
N ARG A 101 -9.48 -7.16 -7.04
CA ARG A 101 -10.84 -7.65 -7.01
C ARG A 101 -10.85 -9.15 -6.70
N ARG A 102 -9.76 -9.80 -7.05
CA ARG A 102 -9.63 -11.23 -6.82
C ARG A 102 -9.28 -11.50 -5.34
N SER A 103 -8.18 -10.90 -4.92
CA SER A 103 -7.73 -11.06 -3.54
C SER A 103 -8.83 -10.64 -2.58
N MET A 104 -9.83 -9.96 -3.12
CA MET A 104 -10.95 -9.48 -2.32
C MET A 104 -11.84 -10.66 -1.90
N SER A 105 -12.37 -11.34 -2.90
CA SER A 105 -13.24 -12.48 -2.64
C SER A 105 -12.45 -13.78 -2.75
N MET A 106 -11.55 -13.82 -3.72
CA MET A 106 -10.73 -14.99 -3.94
C MET A 106 -9.91 -15.33 -2.71
N GLU A 107 -9.36 -14.28 -2.10
CA GLU A 107 -8.55 -14.45 -0.91
C GLU A 107 -9.38 -14.16 0.35
N GLY A 108 -10.46 -13.42 0.15
CA GLY A 108 -11.34 -13.06 1.24
C GLY A 108 -12.44 -14.11 1.42
N ASN A 109 -12.51 -15.02 0.46
CA ASN A 109 -13.50 -16.08 0.50
C ASN A 109 -13.20 -17.01 1.67
N ILE A 110 -11.92 -17.34 1.82
CA ILE A 110 -11.49 -18.21 2.89
C ILE A 110 -10.98 -17.37 4.06
N ARG A 111 -10.34 -16.26 3.72
CA ARG A 111 -9.81 -15.36 4.72
C ARG A 111 -10.94 -14.60 5.40
N GLY A 112 -11.74 -13.92 4.58
CA GLY A 112 -12.86 -13.15 5.08
C GLY A 112 -12.51 -11.67 5.17
N MET A 113 -11.48 -11.30 4.42
CA MET A 113 -11.03 -9.91 4.39
C MET A 113 -9.85 -9.74 3.44
N ILE A 114 -9.49 -8.47 3.22
CA ILE A 114 -8.38 -8.16 2.34
C ILE A 114 -7.43 -7.20 3.05
N GLN A 115 -6.20 -7.17 2.57
CA GLN A 115 -5.17 -6.31 3.15
C GLN A 115 -4.59 -5.39 2.07
N LEU A 116 -4.18 -4.20 2.51
CA LEU A 116 -3.60 -3.23 1.60
C LEU A 116 -2.26 -2.76 2.16
N VAL A 117 -1.22 -2.95 1.36
CA VAL A 117 0.11 -2.55 1.75
C VAL A 117 0.51 -1.28 1.00
N ILE A 118 0.61 -0.19 1.75
CA ILE A 118 0.98 1.09 1.17
C ILE A 118 2.43 1.41 1.52
N LEU A 119 3.06 2.18 0.65
CA LEU A 119 4.45 2.57 0.87
C LEU A 119 4.61 4.05 0.53
N ARG A 120 5.04 4.81 1.53
CA ARG A 120 5.25 6.23 1.37
C ARG A 120 6.73 6.58 1.53
N ARG A 121 7.14 7.63 0.84
CA ARG A 121 8.51 8.08 0.90
C ARG A 121 8.58 9.54 1.37
N SER A 122 9.81 10.03 1.49
CA SER A 122 10.02 11.40 1.93
C SER A 122 9.31 12.37 0.99
N GLY A 123 9.77 12.38 -0.26
CA GLY A 123 9.20 13.24 -1.27
C GLY A 123 10.25 13.67 -2.29
N PRO A 124 10.58 14.99 -2.28
CA PRO A 124 11.56 15.53 -3.20
C PRO A 124 12.98 15.12 -2.78
N SER A 125 13.12 14.80 -1.51
CA SER A 125 14.41 14.41 -0.97
C SER A 125 15.32 15.63 -0.84
N SER A 126 15.80 16.09 -1.99
CA SER A 126 16.69 17.24 -2.02
C SER A 126 16.05 18.36 -2.85
N GLY A 127 15.39 19.28 -2.15
CA GLY A 127 14.74 20.39 -2.81
C GLY A 127 15.17 21.73 -2.20
N GLY A 1 38.15 30.68 59.58
CA GLY A 1 37.52 30.22 58.36
C GLY A 1 38.15 28.91 57.88
N SER A 2 37.89 28.59 56.62
CA SER A 2 38.42 27.37 56.04
C SER A 2 38.58 27.54 54.53
N SER A 3 39.24 26.56 53.92
CA SER A 3 39.47 26.60 52.49
C SER A 3 39.35 25.18 51.90
N GLY A 4 38.31 25.00 51.09
CA GLY A 4 38.07 23.72 50.47
C GLY A 4 38.58 23.70 49.02
N SER A 5 38.21 22.65 48.32
CA SER A 5 38.63 22.49 46.93
C SER A 5 37.73 21.47 46.23
N SER A 6 37.93 21.36 44.92
CA SER A 6 37.16 20.43 44.12
C SER A 6 37.83 20.23 42.75
N GLY A 7 37.35 19.22 42.04
CA GLY A 7 37.89 18.91 40.73
C GLY A 7 36.78 18.80 39.68
N LEU A 8 37.15 19.03 38.44
CA LEU A 8 36.20 18.96 37.35
C LEU A 8 36.71 17.99 36.28
N LYS A 9 36.27 16.75 36.41
CA LYS A 9 36.68 15.71 35.47
C LYS A 9 35.48 15.33 34.59
N GLY A 10 35.79 15.00 33.35
CA GLY A 10 34.76 14.61 32.40
C GLY A 10 35.36 13.86 31.21
N GLU A 11 34.47 13.36 30.36
CA GLU A 11 34.90 12.62 29.19
C GLU A 11 33.87 12.76 28.06
N PRO A 12 34.11 13.78 27.19
CA PRO A 12 33.21 14.04 26.08
C PRO A 12 33.40 13.01 24.97
N ASP A 13 32.88 11.82 25.21
CA ASP A 13 32.98 10.73 24.25
C ASP A 13 31.61 10.06 24.09
N CYS A 14 31.05 10.19 22.90
CA CYS A 14 29.76 9.61 22.62
C CYS A 14 29.50 9.72 21.11
N TYR A 15 28.53 8.95 20.65
CA TYR A 15 28.19 8.95 19.24
C TYR A 15 26.88 8.18 19.00
N ALA A 16 26.35 8.35 17.80
CA ALA A 16 25.11 7.68 17.43
C ALA A 16 24.85 7.88 15.93
N LEU A 17 24.34 6.83 15.31
CA LEU A 17 24.05 6.88 13.88
C LEU A 17 22.64 6.34 13.64
N SER A 18 22.10 6.67 12.47
CA SER A 18 20.78 6.22 12.10
C SER A 18 20.78 5.67 10.67
N LEU A 19 19.84 4.77 10.42
CA LEU A 19 19.73 4.15 9.12
C LEU A 19 18.45 4.64 8.43
N GLU A 20 18.50 4.65 7.11
CA GLU A 20 17.35 5.09 6.33
C GLU A 20 16.41 3.92 6.04
N SER A 21 15.14 4.23 5.92
CA SER A 21 14.14 3.21 5.64
C SER A 21 12.81 3.87 5.25
N SER A 22 11.98 3.08 4.57
CA SER A 22 10.69 3.58 4.14
C SER A 22 9.61 3.20 5.17
N GLU A 23 8.46 3.86 5.05
CA GLU A 23 7.36 3.61 5.95
C GLU A 23 6.22 2.90 5.20
N GLN A 24 5.80 1.78 5.77
CA GLN A 24 4.72 0.99 5.18
C GLN A 24 3.61 0.77 6.19
N LEU A 25 2.38 0.88 5.72
CA LEU A 25 1.23 0.68 6.58
C LEU A 25 0.43 -0.53 6.08
N THR A 26 -0.11 -1.27 7.03
CA THR A 26 -0.89 -2.45 6.72
C THR A 26 -2.30 -2.33 7.29
N LEU A 27 -3.27 -2.20 6.39
CA LEU A 27 -4.66 -2.07 6.80
C LEU A 27 -5.40 -3.38 6.47
N GLU A 28 -6.26 -3.77 7.40
CA GLU A 28 -7.04 -4.99 7.22
C GLU A 28 -8.50 -4.66 6.95
N ILE A 29 -8.91 -4.92 5.72
CA ILE A 29 -10.29 -4.65 5.31
C ILE A 29 -11.02 -5.97 5.10
N PRO A 30 -12.05 -6.20 5.96
CA PRO A 30 -12.83 -7.43 5.88
C PRO A 30 -13.79 -7.38 4.69
N LEU A 31 -13.99 -8.53 4.07
CA LEU A 31 -14.87 -8.63 2.92
C LEU A 31 -15.88 -9.76 3.17
N ASN A 32 -16.60 -9.64 4.26
CA ASN A 32 -17.60 -10.63 4.62
C ASN A 32 -18.96 -10.20 4.06
N ASP A 33 -19.44 -9.07 4.56
CA ASP A 33 -20.72 -8.55 4.12
C ASP A 33 -20.52 -7.75 2.82
N SER A 34 -19.46 -6.94 2.82
CA SER A 34 -19.15 -6.13 1.66
C SER A 34 -18.55 -6.99 0.56
N GLY A 35 -17.87 -8.04 0.98
CA GLY A 35 -17.24 -8.96 0.04
C GLY A 35 -18.20 -9.32 -1.10
N SER A 36 -19.45 -9.57 -0.73
CA SER A 36 -20.46 -9.91 -1.71
C SER A 36 -20.27 -9.10 -2.99
N ALA A 37 -20.11 -7.80 -2.80
CA ALA A 37 -19.91 -6.90 -3.92
C ALA A 37 -18.41 -6.70 -4.15
N GLY A 38 -17.68 -6.65 -3.05
CA GLY A 38 -16.24 -6.46 -3.12
C GLY A 38 -15.80 -5.29 -2.23
N LEU A 39 -14.54 -4.91 -2.40
CA LEU A 39 -13.99 -3.81 -1.63
C LEU A 39 -14.95 -2.62 -1.67
N GLY A 40 -15.06 -2.04 -2.85
CA GLY A 40 -15.95 -0.90 -3.03
C GLY A 40 -15.15 0.41 -3.07
N VAL A 41 -14.03 0.36 -3.78
CA VAL A 41 -13.17 1.53 -3.89
C VAL A 41 -12.61 1.60 -5.31
N SER A 42 -12.28 2.81 -5.72
CA SER A 42 -11.72 3.03 -7.05
C SER A 42 -10.25 3.41 -6.94
N LEU A 43 -9.45 2.80 -7.81
CA LEU A 43 -8.02 3.08 -7.83
C LEU A 43 -7.63 3.69 -9.18
N LYS A 44 -6.37 4.07 -9.29
CA LYS A 44 -5.87 4.67 -10.51
C LYS A 44 -4.64 3.89 -10.99
N GLY A 45 -4.14 4.29 -12.15
CA GLY A 45 -2.98 3.63 -12.73
C GLY A 45 -2.04 4.65 -13.36
N ASN A 46 -0.88 4.83 -12.72
CA ASN A 46 0.11 5.77 -13.20
C ASN A 46 1.18 5.01 -14.00
N LYS A 47 1.73 5.70 -14.99
CA LYS A 47 2.76 5.10 -15.82
C LYS A 47 3.97 6.03 -15.88
N SER A 48 5.14 5.43 -16.01
CA SER A 48 6.37 6.20 -16.08
C SER A 48 6.86 6.27 -17.53
N ARG A 49 6.96 7.49 -18.03
CA ARG A 49 7.41 7.72 -19.39
C ARG A 49 8.93 7.83 -19.43
N GLU A 50 9.48 8.39 -18.36
CA GLU A 50 10.92 8.57 -18.26
C GLU A 50 11.63 7.22 -18.38
N THR A 51 10.87 6.16 -18.11
CA THR A 51 11.41 4.81 -18.19
C THR A 51 10.58 3.96 -19.15
N GLY A 52 9.27 4.13 -19.06
CA GLY A 52 8.37 3.39 -19.92
C GLY A 52 7.76 2.19 -19.17
N THR A 53 7.87 2.25 -17.85
CA THR A 53 7.34 1.19 -17.02
C THR A 53 6.11 1.69 -16.24
N ASP A 54 5.40 0.73 -15.64
CA ASP A 54 4.22 1.06 -14.87
C ASP A 54 4.62 1.32 -13.42
N LEU A 55 4.38 2.56 -12.98
CA LEU A 55 4.70 2.95 -11.63
C LEU A 55 4.02 1.99 -10.65
N GLY A 56 2.78 1.64 -10.98
CA GLY A 56 2.02 0.73 -10.14
C GLY A 56 0.54 1.14 -10.09
N ILE A 57 -0.03 1.04 -8.91
CA ILE A 57 -1.43 1.40 -8.71
C ILE A 57 -1.57 2.25 -7.45
N PHE A 58 -2.45 3.22 -7.52
CA PHE A 58 -2.69 4.10 -6.40
C PHE A 58 -4.19 4.29 -6.15
N ILE A 59 -4.53 4.40 -4.87
CA ILE A 59 -5.92 4.58 -4.48
C ILE A 59 -6.45 5.90 -5.06
N LYS A 60 -7.73 5.88 -5.40
CA LYS A 60 -8.37 7.07 -5.97
C LYS A 60 -9.10 7.82 -4.86
N SER A 61 -10.01 7.11 -4.20
CA SER A 61 -10.78 7.70 -3.13
C SER A 61 -11.64 6.62 -2.45
N ILE A 62 -11.76 6.75 -1.14
CA ILE A 62 -12.54 5.79 -0.36
C ILE A 62 -14.01 6.21 -0.39
N ILE A 63 -14.87 5.21 -0.56
CA ILE A 63 -16.30 5.46 -0.61
C ILE A 63 -16.88 5.35 0.80
N HIS A 64 -18.02 5.99 1.00
CA HIS A 64 -18.69 5.97 2.28
C HIS A 64 -19.94 5.09 2.20
N GLY A 65 -20.20 4.37 3.28
CA GLY A 65 -21.36 3.50 3.34
C GLY A 65 -20.98 2.07 2.96
N GLY A 66 -19.68 1.81 2.96
CA GLY A 66 -19.18 0.49 2.61
C GLY A 66 -18.21 -0.03 3.67
N ALA A 67 -17.34 -0.93 3.25
CA ALA A 67 -16.35 -1.50 4.14
C ALA A 67 -15.08 -0.66 4.11
N ALA A 68 -14.77 -0.15 2.93
CA ALA A 68 -13.59 0.68 2.74
C ALA A 68 -13.72 1.93 3.61
N PHE A 69 -14.92 2.49 3.61
CA PHE A 69 -15.18 3.69 4.39
C PHE A 69 -14.45 3.64 5.74
N LYS A 70 -14.53 2.48 6.37
CA LYS A 70 -13.89 2.29 7.66
C LYS A 70 -12.39 2.57 7.52
N ASP A 71 -11.80 1.97 6.50
CA ASP A 71 -10.37 2.14 6.25
C ASP A 71 -10.15 3.51 5.60
N GLY A 72 -11.23 4.11 5.16
CA GLY A 72 -11.16 5.42 4.52
C GLY A 72 -10.11 6.29 5.20
N ARG A 73 -9.93 6.06 6.49
CA ARG A 73 -8.95 6.82 7.26
C ARG A 73 -7.72 7.11 6.42
N LEU A 74 -7.43 6.19 5.52
CA LEU A 74 -6.27 6.34 4.64
C LEU A 74 -6.50 7.52 3.69
N ARG A 75 -5.58 7.66 2.76
CA ARG A 75 -5.67 8.75 1.78
C ARG A 75 -5.28 8.26 0.40
N MET A 76 -6.13 8.57 -0.57
CA MET A 76 -5.88 8.16 -1.94
C MET A 76 -4.42 8.40 -2.34
N ASN A 77 -4.05 7.83 -3.48
CA ASN A 77 -2.69 7.97 -3.97
C ASN A 77 -1.78 6.99 -3.23
N ASP A 78 -2.40 6.19 -2.37
CA ASP A 78 -1.65 5.22 -1.60
C ASP A 78 -1.23 4.06 -2.51
N GLN A 79 -0.01 4.17 -3.03
CA GLN A 79 0.52 3.15 -3.91
C GLN A 79 0.34 1.76 -3.28
N LEU A 80 -0.08 0.82 -4.13
CA LEU A 80 -0.29 -0.54 -3.67
C LEU A 80 0.95 -1.39 -3.99
N ILE A 81 1.83 -1.46 -3.00
CA ILE A 81 3.06 -2.22 -3.17
C ILE A 81 2.75 -3.71 -3.02
N ALA A 82 1.49 -4.00 -2.74
CA ALA A 82 1.05 -5.38 -2.57
C ALA A 82 -0.40 -5.39 -2.09
N VAL A 83 -0.94 -6.59 -1.95
CA VAL A 83 -2.30 -6.76 -1.50
C VAL A 83 -2.57 -8.23 -1.19
N ASN A 84 -2.92 -8.49 0.06
CA ASN A 84 -3.19 -9.85 0.49
C ASN A 84 -1.90 -10.68 0.42
N GLY A 85 -0.79 -9.97 0.40
CA GLY A 85 0.52 -10.62 0.33
C GLY A 85 0.98 -10.75 -1.12
N GLU A 86 0.08 -10.44 -2.03
CA GLU A 86 0.39 -10.52 -3.45
C GLU A 86 1.05 -9.23 -3.92
N THR A 87 1.98 -9.39 -4.85
CA THR A 87 2.69 -8.24 -5.39
C THR A 87 1.83 -7.54 -6.45
N LEU A 88 2.09 -6.25 -6.61
CA LEU A 88 1.34 -5.45 -7.58
C LEU A 88 2.34 -4.75 -8.51
N LEU A 89 3.36 -4.17 -7.91
CA LEU A 89 4.37 -3.46 -8.66
C LEU A 89 4.91 -4.38 -9.77
N GLY A 90 5.24 -5.60 -9.38
CA GLY A 90 5.74 -6.57 -10.33
C GLY A 90 4.77 -6.79 -11.49
N LYS A 91 3.51 -6.48 -11.22
CA LYS A 91 2.47 -6.63 -12.22
C LYS A 91 2.29 -5.30 -12.96
N SER A 92 1.23 -5.24 -13.76
CA SER A 92 0.94 -4.05 -14.53
C SER A 92 -0.25 -3.31 -13.90
N ASN A 93 -0.63 -2.21 -14.54
CA ASN A 93 -1.74 -1.41 -14.07
C ASN A 93 -3.03 -2.24 -14.15
N HIS A 94 -3.04 -3.15 -15.12
CA HIS A 94 -4.20 -4.01 -15.32
C HIS A 94 -4.13 -5.20 -14.37
N GLU A 95 -3.19 -6.09 -14.65
CA GLU A 95 -3.01 -7.27 -13.84
C GLU A 95 -3.20 -6.93 -12.35
N ALA A 96 -2.39 -5.99 -11.89
CA ALA A 96 -2.45 -5.57 -10.50
C ALA A 96 -3.91 -5.42 -10.09
N MET A 97 -4.53 -4.36 -10.59
CA MET A 97 -5.93 -4.10 -10.28
C MET A 97 -6.79 -5.35 -10.51
N GLU A 98 -6.39 -6.13 -11.51
CA GLU A 98 -7.11 -7.34 -11.83
C GLU A 98 -6.90 -8.40 -10.74
N THR A 99 -5.78 -8.26 -10.05
CA THR A 99 -5.45 -9.19 -8.99
C THR A 99 -6.24 -8.86 -7.72
N LEU A 100 -6.42 -7.57 -7.49
CA LEU A 100 -7.15 -7.12 -6.33
C LEU A 100 -8.47 -7.89 -6.22
N ARG A 101 -9.34 -7.66 -7.20
CA ARG A 101 -10.63 -8.33 -7.23
C ARG A 101 -10.46 -9.83 -6.97
N ARG A 102 -9.39 -10.37 -7.53
CA ARG A 102 -9.10 -11.78 -7.38
C ARG A 102 -8.79 -12.10 -5.91
N SER A 103 -7.74 -11.47 -5.41
CA SER A 103 -7.33 -11.68 -4.03
C SER A 103 -8.44 -11.23 -3.08
N MET A 104 -9.41 -10.52 -3.65
CA MET A 104 -10.53 -10.03 -2.87
C MET A 104 -11.59 -11.13 -2.69
N SER A 105 -11.82 -11.87 -3.76
CA SER A 105 -12.79 -12.94 -3.74
C SER A 105 -12.10 -14.28 -3.49
N MET A 106 -10.93 -14.42 -4.10
CA MET A 106 -10.16 -15.64 -3.97
C MET A 106 -9.46 -15.70 -2.60
N GLU A 107 -8.51 -14.80 -2.42
CA GLU A 107 -7.77 -14.74 -1.17
C GLU A 107 -8.70 -14.35 -0.02
N GLY A 108 -9.82 -13.74 -0.37
CA GLY A 108 -10.79 -13.32 0.61
C GLY A 108 -11.88 -14.38 0.80
N ASN A 109 -11.85 -15.37 -0.08
CA ASN A 109 -12.82 -16.45 -0.03
C ASN A 109 -12.50 -17.35 1.17
N ILE A 110 -11.21 -17.55 1.40
CA ILE A 110 -10.76 -18.38 2.49
C ILE A 110 -10.43 -17.50 3.70
N ARG A 111 -9.89 -16.33 3.40
CA ARG A 111 -9.52 -15.39 4.44
C ARG A 111 -10.76 -14.64 4.95
N GLY A 112 -11.46 -14.01 4.02
CA GLY A 112 -12.66 -13.27 4.35
C GLY A 112 -12.37 -11.76 4.43
N MET A 113 -11.17 -11.40 3.99
CA MET A 113 -10.77 -10.01 4.00
C MET A 113 -9.62 -9.76 3.02
N ILE A 114 -9.09 -8.54 3.06
CA ILE A 114 -8.00 -8.17 2.19
C ILE A 114 -7.07 -7.20 2.93
N GLN A 115 -5.81 -7.23 2.55
CA GLN A 115 -4.82 -6.36 3.16
C GLN A 115 -4.24 -5.40 2.11
N LEU A 116 -4.02 -4.17 2.55
CA LEU A 116 -3.46 -3.15 1.67
C LEU A 116 -2.13 -2.67 2.23
N VAL A 117 -1.10 -2.77 1.41
CA VAL A 117 0.23 -2.34 1.82
C VAL A 117 0.59 -1.05 1.08
N ILE A 118 0.62 0.03 1.83
CA ILE A 118 0.95 1.33 1.26
C ILE A 118 2.36 1.73 1.71
N LEU A 119 3.07 2.38 0.80
CA LEU A 119 4.43 2.83 1.10
C LEU A 119 4.48 4.36 1.02
N ARG A 120 4.99 4.95 2.09
CA ARG A 120 5.09 6.40 2.16
C ARG A 120 6.40 6.79 2.86
N ARG A 121 6.97 7.89 2.40
CA ARG A 121 8.21 8.39 2.96
C ARG A 121 8.00 8.83 4.41
N SER A 122 9.10 8.93 5.13
CA SER A 122 9.05 9.34 6.53
C SER A 122 8.17 10.58 6.68
N GLY A 123 8.68 11.69 6.16
CA GLY A 123 7.96 12.95 6.23
C GLY A 123 8.93 14.13 6.39
N PRO A 124 9.62 14.47 5.28
CA PRO A 124 10.57 15.56 5.28
C PRO A 124 9.86 16.91 5.29
N SER A 125 8.53 16.84 5.34
CA SER A 125 7.71 18.04 5.36
C SER A 125 6.83 18.06 6.60
N SER A 126 6.11 19.16 6.76
CA SER A 126 5.21 19.31 7.89
C SER A 126 3.80 19.65 7.41
N GLY A 127 2.82 19.21 8.18
CA GLY A 127 1.43 19.45 7.85
C GLY A 127 0.73 20.23 8.95
N GLY A 1 17.71 49.90 -13.58
CA GLY A 1 17.22 50.19 -12.24
C GLY A 1 16.06 49.26 -11.87
N SER A 2 16.42 48.09 -11.37
CA SER A 2 15.42 47.11 -10.97
C SER A 2 15.94 46.30 -9.79
N SER A 3 17.07 45.64 -9.99
CA SER A 3 17.67 44.83 -8.96
C SER A 3 16.73 43.68 -8.57
N GLY A 4 17.30 42.66 -7.95
CA GLY A 4 16.53 41.51 -7.53
C GLY A 4 17.44 40.34 -7.18
N SER A 5 17.34 39.88 -5.94
CA SER A 5 18.15 38.77 -5.47
C SER A 5 17.80 38.45 -4.03
N SER A 6 18.07 37.20 -3.65
CA SER A 6 17.80 36.76 -2.30
C SER A 6 18.36 35.34 -2.09
N GLY A 7 18.70 35.05 -0.85
CA GLY A 7 19.25 33.74 -0.51
C GLY A 7 20.42 33.88 0.47
N LEU A 8 20.57 32.86 1.30
CA LEU A 8 21.64 32.85 2.29
C LEU A 8 22.34 31.49 2.25
N LYS A 9 22.79 31.06 3.43
CA LYS A 9 23.48 29.79 3.53
C LYS A 9 22.76 28.92 4.58
N GLY A 10 23.25 27.70 4.71
CA GLY A 10 22.67 26.76 5.66
C GLY A 10 22.13 25.52 4.93
N GLU A 11 22.30 24.37 5.58
CA GLU A 11 21.84 23.12 5.03
C GLU A 11 22.13 21.97 5.99
N PRO A 12 21.03 21.38 6.53
CA PRO A 12 21.16 20.28 7.46
C PRO A 12 21.54 18.98 6.73
N ASP A 13 22.76 18.96 6.22
CA ASP A 13 23.25 17.80 5.50
C ASP A 13 23.36 16.62 6.47
N CYS A 14 22.32 15.80 6.48
CA CYS A 14 22.30 14.63 7.36
C CYS A 14 21.36 13.60 6.74
N TYR A 15 21.90 12.43 6.46
CA TYR A 15 21.13 11.35 5.87
C TYR A 15 21.62 10.00 6.37
N ALA A 16 20.77 8.99 6.17
CA ALA A 16 21.10 7.64 6.60
C ALA A 16 20.18 6.65 5.89
N LEU A 17 20.79 5.56 5.43
CA LEU A 17 20.03 4.53 4.73
C LEU A 17 20.16 3.21 5.48
N SER A 18 21.20 2.47 5.13
CA SER A 18 21.45 1.18 5.77
C SER A 18 20.27 0.24 5.52
N LEU A 19 20.52 -0.77 4.71
CA LEU A 19 19.50 -1.75 4.38
C LEU A 19 18.20 -1.02 4.01
N GLU A 20 17.15 -1.80 3.82
CA GLU A 20 15.85 -1.24 3.46
C GLU A 20 15.21 -0.56 4.68
N SER A 21 15.09 0.75 4.59
CA SER A 21 14.50 1.52 5.67
C SER A 21 13.44 2.47 5.11
N SER A 22 12.20 1.99 5.15
CA SER A 22 11.09 2.78 4.66
C SER A 22 9.87 2.59 5.56
N GLU A 23 8.91 3.50 5.41
CA GLU A 23 7.69 3.43 6.20
C GLU A 23 6.58 2.71 5.42
N GLN A 24 5.91 1.80 6.12
CA GLN A 24 4.84 1.05 5.50
C GLN A 24 3.70 0.83 6.51
N LEU A 25 2.48 1.01 6.02
CA LEU A 25 1.31 0.84 6.87
C LEU A 25 0.51 -0.37 6.36
N THR A 26 -0.21 -0.98 7.30
CA THR A 26 -1.02 -2.14 6.97
C THR A 26 -2.48 -1.90 7.38
N LEU A 27 -3.34 -1.81 6.38
CA LEU A 27 -4.75 -1.59 6.63
C LEU A 27 -5.55 -2.79 6.11
N GLU A 28 -6.21 -3.47 7.05
CA GLU A 28 -7.00 -4.63 6.71
C GLU A 28 -8.47 -4.24 6.51
N ILE A 29 -9.11 -4.91 5.57
CA ILE A 29 -10.50 -4.63 5.27
C ILE A 29 -11.26 -5.96 5.13
N PRO A 30 -12.30 -6.13 6.00
CA PRO A 30 -13.10 -7.33 5.98
C PRO A 30 -14.05 -7.35 4.77
N LEU A 31 -14.26 -8.54 4.23
CA LEU A 31 -15.14 -8.69 3.09
C LEU A 31 -16.17 -9.78 3.39
N ASN A 32 -16.86 -9.61 4.52
CA ASN A 32 -17.87 -10.57 4.92
C ASN A 32 -19.22 -10.15 4.35
N ASP A 33 -19.67 -8.97 4.76
CA ASP A 33 -20.94 -8.45 4.29
C ASP A 33 -20.72 -7.67 3.00
N SER A 34 -19.67 -6.85 3.00
CA SER A 34 -19.34 -6.04 1.84
C SER A 34 -18.72 -6.93 0.76
N GLY A 35 -18.17 -8.05 1.19
CA GLY A 35 -17.54 -8.98 0.27
C GLY A 35 -18.48 -9.33 -0.87
N SER A 36 -19.75 -9.47 -0.53
CA SER A 36 -20.77 -9.82 -1.52
C SER A 36 -20.48 -9.08 -2.83
N ALA A 37 -20.30 -7.77 -2.70
CA ALA A 37 -20.03 -6.94 -3.87
C ALA A 37 -18.52 -6.78 -4.03
N GLY A 38 -17.85 -6.69 -2.89
CA GLY A 38 -16.39 -6.54 -2.90
C GLY A 38 -15.98 -5.28 -2.13
N LEU A 39 -14.68 -5.03 -2.12
CA LEU A 39 -14.14 -3.86 -1.44
C LEU A 39 -15.06 -2.66 -1.69
N GLY A 40 -15.07 -2.21 -2.93
CA GLY A 40 -15.90 -1.08 -3.31
C GLY A 40 -15.08 0.21 -3.36
N VAL A 41 -13.85 0.07 -3.84
CA VAL A 41 -12.95 1.21 -3.95
C VAL A 41 -12.37 1.26 -5.36
N SER A 42 -12.06 2.48 -5.79
CA SER A 42 -11.50 2.68 -7.11
C SER A 42 -10.03 3.12 -7.01
N LEU A 43 -9.21 2.54 -7.87
CA LEU A 43 -7.79 2.85 -7.87
C LEU A 43 -7.43 3.52 -9.21
N LYS A 44 -6.26 4.14 -9.22
CA LYS A 44 -5.79 4.81 -10.41
C LYS A 44 -4.41 4.29 -10.78
N GLY A 45 -4.22 4.05 -12.08
CA GLY A 45 -2.96 3.54 -12.56
C GLY A 45 -2.03 4.68 -13.00
N ASN A 46 -0.84 4.68 -12.43
CA ASN A 46 0.14 5.71 -12.75
C ASN A 46 1.26 5.10 -13.60
N LYS A 47 1.35 5.58 -14.83
CA LYS A 47 2.36 5.09 -15.74
C LYS A 47 3.37 6.22 -16.04
N SER A 48 4.63 5.82 -16.16
CA SER A 48 5.69 6.79 -16.42
C SER A 48 5.97 6.82 -17.94
N ARG A 49 6.13 8.04 -18.44
CA ARG A 49 6.41 8.23 -19.85
C ARG A 49 7.92 8.27 -20.08
N GLU A 50 8.64 8.58 -19.03
CA GLU A 50 10.09 8.66 -19.11
C GLU A 50 10.65 7.41 -19.79
N THR A 51 10.19 6.26 -19.34
CA THR A 51 10.63 5.00 -19.90
C THR A 51 9.46 4.27 -20.56
N GLY A 52 8.28 4.48 -20.00
CA GLY A 52 7.08 3.86 -20.52
C GLY A 52 6.66 2.66 -19.66
N THR A 53 7.17 2.64 -18.44
CA THR A 53 6.87 1.57 -17.51
C THR A 53 5.63 1.91 -16.68
N ASP A 54 5.30 1.02 -15.77
CA ASP A 54 4.15 1.21 -14.91
C ASP A 54 4.62 1.48 -13.48
N LEU A 55 4.48 2.72 -13.06
CA LEU A 55 4.89 3.12 -11.72
C LEU A 55 4.23 2.19 -10.70
N GLY A 56 3.02 1.74 -11.03
CA GLY A 56 2.29 0.85 -10.16
C GLY A 56 0.84 1.32 -10.00
N ILE A 57 0.20 0.81 -8.96
CA ILE A 57 -1.19 1.17 -8.68
C ILE A 57 -1.22 2.21 -7.56
N PHE A 58 -2.35 2.91 -7.48
CA PHE A 58 -2.52 3.93 -6.47
C PHE A 58 -4.01 4.23 -6.24
N ILE A 59 -4.41 4.13 -4.98
CA ILE A 59 -5.79 4.38 -4.61
C ILE A 59 -6.26 5.68 -5.27
N LYS A 60 -7.53 5.70 -5.63
CA LYS A 60 -8.12 6.87 -6.27
C LYS A 60 -8.94 7.65 -5.24
N SER A 61 -9.80 6.91 -4.55
CA SER A 61 -10.66 7.52 -3.54
C SER A 61 -11.47 6.43 -2.82
N ILE A 62 -11.77 6.71 -1.56
CA ILE A 62 -12.54 5.77 -0.76
C ILE A 62 -14.03 6.10 -0.87
N ILE A 63 -14.83 5.06 -1.01
CA ILE A 63 -16.27 5.22 -1.12
C ILE A 63 -16.90 5.14 0.26
N HIS A 64 -17.36 6.29 0.74
CA HIS A 64 -17.99 6.35 2.05
C HIS A 64 -19.29 5.53 2.05
N GLY A 65 -19.80 5.29 3.25
CA GLY A 65 -21.03 4.53 3.37
C GLY A 65 -20.86 3.09 2.87
N GLY A 66 -19.60 2.70 2.74
CA GLY A 66 -19.27 1.37 2.27
C GLY A 66 -18.43 0.61 3.29
N ALA A 67 -17.68 -0.36 2.79
CA ALA A 67 -16.82 -1.17 3.65
C ALA A 67 -15.46 -0.48 3.78
N ALA A 68 -14.94 -0.03 2.64
CA ALA A 68 -13.65 0.64 2.62
C ALA A 68 -13.73 1.90 3.48
N PHE A 69 -14.89 2.52 3.48
CA PHE A 69 -15.11 3.72 4.26
C PHE A 69 -14.38 3.64 5.61
N LYS A 70 -14.49 2.48 6.22
CA LYS A 70 -13.84 2.26 7.51
C LYS A 70 -12.36 2.58 7.40
N ASP A 71 -11.73 2.03 6.38
CA ASP A 71 -10.32 2.25 6.15
C ASP A 71 -10.12 3.58 5.43
N GLY A 72 -11.23 4.12 4.94
CA GLY A 72 -11.19 5.39 4.23
C GLY A 72 -10.22 6.35 4.89
N ARG A 73 -10.04 6.18 6.19
CA ARG A 73 -9.13 7.03 6.95
C ARG A 73 -7.91 7.39 6.10
N LEU A 74 -7.53 6.44 5.25
CA LEU A 74 -6.38 6.64 4.38
C LEU A 74 -6.67 7.80 3.42
N ARG A 75 -5.76 7.99 2.48
CA ARG A 75 -5.90 9.05 1.49
C ARG A 75 -5.46 8.56 0.12
N MET A 76 -6.29 8.84 -0.87
CA MET A 76 -6.01 8.44 -2.24
C MET A 76 -4.52 8.60 -2.55
N ASN A 77 -4.08 7.88 -3.57
CA ASN A 77 -2.68 7.92 -3.98
C ASN A 77 -1.84 7.09 -3.02
N ASP A 78 -2.31 5.87 -2.78
CA ASP A 78 -1.61 4.97 -1.89
C ASP A 78 -1.05 3.79 -2.69
N GLN A 79 0.23 3.91 -3.04
CA GLN A 79 0.89 2.86 -3.80
C GLN A 79 0.71 1.50 -3.12
N LEU A 80 0.26 0.55 -3.92
CA LEU A 80 0.05 -0.80 -3.40
C LEU A 80 1.31 -1.64 -3.65
N ILE A 81 2.21 -1.60 -2.69
CA ILE A 81 3.45 -2.34 -2.80
C ILE A 81 3.14 -3.84 -2.74
N ALA A 82 1.89 -4.15 -2.39
CA ALA A 82 1.46 -5.53 -2.30
C ALA A 82 0.02 -5.57 -1.80
N VAL A 83 -0.47 -6.79 -1.60
CA VAL A 83 -1.83 -6.98 -1.12
C VAL A 83 -1.99 -8.41 -0.61
N ASN A 84 -2.34 -8.51 0.66
CA ASN A 84 -2.54 -9.82 1.28
C ASN A 84 -1.24 -10.63 1.17
N GLY A 85 -0.14 -9.90 1.06
CA GLY A 85 1.17 -10.52 0.95
C GLY A 85 1.56 -10.72 -0.52
N GLU A 86 0.60 -10.46 -1.40
CA GLU A 86 0.84 -10.60 -2.82
C GLU A 86 1.39 -9.30 -3.41
N THR A 87 2.55 -9.41 -4.03
CA THR A 87 3.19 -8.25 -4.64
C THR A 87 2.29 -7.65 -5.72
N LEU A 88 2.65 -6.44 -6.14
CA LEU A 88 1.89 -5.75 -7.17
C LEU A 88 2.86 -5.00 -8.09
N LEU A 89 3.80 -4.30 -7.46
CA LEU A 89 4.78 -3.55 -8.21
C LEU A 89 5.39 -4.44 -9.30
N GLY A 90 5.57 -5.70 -8.94
CA GLY A 90 6.15 -6.67 -9.87
C GLY A 90 5.21 -6.89 -11.06
N LYS A 91 3.93 -6.67 -10.82
CA LYS A 91 2.94 -6.84 -11.87
C LYS A 91 2.74 -5.53 -12.61
N SER A 92 1.72 -5.51 -13.47
CA SER A 92 1.43 -4.31 -14.24
C SER A 92 0.24 -3.56 -13.62
N ASN A 93 -0.25 -2.59 -14.36
CA ASN A 93 -1.38 -1.79 -13.91
C ASN A 93 -2.65 -2.63 -13.98
N HIS A 94 -2.64 -3.57 -14.92
CA HIS A 94 -3.79 -4.45 -15.11
C HIS A 94 -3.71 -5.63 -14.13
N GLU A 95 -2.72 -6.48 -14.37
CA GLU A 95 -2.51 -7.65 -13.54
C GLU A 95 -2.75 -7.28 -12.07
N ALA A 96 -1.92 -6.39 -11.57
CA ALA A 96 -2.04 -5.95 -10.19
C ALA A 96 -3.51 -5.81 -9.82
N MET A 97 -4.15 -4.81 -10.40
CA MET A 97 -5.54 -4.55 -10.15
C MET A 97 -6.37 -5.83 -10.27
N GLU A 98 -5.90 -6.71 -11.15
CA GLU A 98 -6.59 -7.97 -11.38
C GLU A 98 -6.42 -8.88 -10.17
N THR A 99 -5.32 -8.69 -9.46
CA THR A 99 -5.03 -9.49 -8.28
C THR A 99 -5.90 -9.04 -7.11
N LEU A 100 -5.95 -7.73 -6.92
CA LEU A 100 -6.74 -7.15 -5.85
C LEU A 100 -8.13 -7.78 -5.85
N ARG A 101 -8.89 -7.46 -6.88
CA ARG A 101 -10.24 -7.98 -7.03
C ARG A 101 -10.24 -9.50 -6.84
N ARG A 102 -9.07 -10.09 -7.04
CA ARG A 102 -8.92 -11.53 -6.90
C ARG A 102 -8.86 -11.92 -5.43
N SER A 103 -7.91 -11.30 -4.73
CA SER A 103 -7.74 -11.57 -3.31
C SER A 103 -9.00 -11.20 -2.54
N MET A 104 -9.88 -10.46 -3.23
CA MET A 104 -11.13 -10.04 -2.63
C MET A 104 -12.09 -11.21 -2.47
N SER A 105 -12.31 -11.92 -3.57
CA SER A 105 -13.20 -13.06 -3.56
C SER A 105 -12.40 -14.35 -3.40
N MET A 106 -11.16 -14.31 -3.88
CA MET A 106 -10.28 -15.46 -3.79
C MET A 106 -9.76 -15.66 -2.36
N GLU A 107 -9.04 -14.65 -1.89
CA GLU A 107 -8.49 -14.69 -0.54
C GLU A 107 -9.57 -14.39 0.49
N GLY A 108 -10.45 -13.47 0.13
CA GLY A 108 -11.54 -13.07 1.01
C GLY A 108 -12.54 -14.22 1.19
N ASN A 109 -12.35 -15.26 0.38
CA ASN A 109 -13.23 -16.41 0.43
C ASN A 109 -12.96 -17.19 1.73
N ILE A 110 -11.68 -17.46 1.95
CA ILE A 110 -11.29 -18.19 3.14
C ILE A 110 -10.82 -17.20 4.22
N ARG A 111 -10.17 -16.14 3.76
CA ARG A 111 -9.68 -15.11 4.66
C ARG A 111 -10.84 -14.30 5.22
N GLY A 112 -11.72 -13.89 4.33
CA GLY A 112 -12.88 -13.09 4.73
C GLY A 112 -12.54 -11.61 4.79
N MET A 113 -11.37 -11.29 4.26
CA MET A 113 -10.91 -9.90 4.24
C MET A 113 -9.77 -9.72 3.23
N ILE A 114 -9.35 -8.47 3.10
CA ILE A 114 -8.26 -8.14 2.19
C ILE A 114 -7.33 -7.14 2.85
N GLN A 115 -6.03 -7.34 2.63
CA GLN A 115 -5.02 -6.47 3.20
C GLN A 115 -4.43 -5.57 2.12
N LEU A 116 -4.02 -4.38 2.53
CA LEU A 116 -3.43 -3.43 1.60
C LEU A 116 -2.13 -2.88 2.20
N VAL A 117 -1.05 -3.05 1.44
CA VAL A 117 0.25 -2.59 1.88
C VAL A 117 0.61 -1.31 1.13
N ILE A 118 0.81 -0.25 1.90
CA ILE A 118 1.16 1.04 1.33
C ILE A 118 2.60 1.40 1.73
N LEU A 119 3.21 2.25 0.92
CA LEU A 119 4.56 2.68 1.18
C LEU A 119 4.61 4.21 1.17
N ARG A 120 5.06 4.77 2.30
CA ARG A 120 5.16 6.20 2.44
C ARG A 120 6.50 6.59 3.07
N ARG A 121 7.17 7.53 2.43
CA ARG A 121 8.46 7.99 2.91
C ARG A 121 8.32 8.58 4.32
N SER A 122 9.44 8.62 5.03
CA SER A 122 9.46 9.15 6.38
C SER A 122 8.91 10.58 6.38
N GLY A 123 9.69 11.48 5.80
CA GLY A 123 9.29 12.87 5.73
C GLY A 123 10.52 13.79 5.63
N PRO A 124 11.16 13.76 4.44
CA PRO A 124 12.35 14.57 4.19
C PRO A 124 11.96 16.04 3.98
N SER A 125 10.66 16.29 4.08
CA SER A 125 10.16 17.65 3.90
C SER A 125 8.67 17.70 4.24
N SER A 126 8.15 18.92 4.30
CA SER A 126 6.74 19.10 4.61
C SER A 126 6.06 19.90 3.49
N GLY A 127 5.15 19.22 2.80
CA GLY A 127 4.43 19.84 1.71
C GLY A 127 3.37 18.89 1.15
N GLY A 1 2.66 9.14 24.93
CA GLY A 1 3.54 8.30 25.73
C GLY A 1 4.32 9.13 26.75
N SER A 2 4.87 8.43 27.73
CA SER A 2 5.64 9.09 28.77
C SER A 2 7.10 9.26 28.32
N SER A 3 7.75 10.26 28.89
CA SER A 3 9.13 10.55 28.56
C SER A 3 9.98 9.29 28.75
N GLY A 4 10.91 9.10 27.82
CA GLY A 4 11.79 7.94 27.88
C GLY A 4 13.26 8.37 27.84
N SER A 5 14.13 7.40 28.06
CA SER A 5 15.56 7.66 28.05
C SER A 5 16.25 6.76 27.01
N SER A 6 17.54 7.01 26.83
CA SER A 6 18.31 6.23 25.87
C SER A 6 18.92 5.02 26.57
N GLY A 7 19.53 4.16 25.76
CA GLY A 7 20.15 2.95 26.28
C GLY A 7 21.37 3.29 27.15
N LEU A 8 22.49 2.67 26.80
CA LEU A 8 23.73 2.89 27.53
C LEU A 8 24.87 2.14 26.83
N LYS A 9 25.99 2.84 26.69
CA LYS A 9 27.15 2.26 26.05
C LYS A 9 27.30 0.81 26.50
N GLY A 10 27.88 0.01 25.61
CA GLY A 10 28.09 -1.40 25.90
C GLY A 10 27.57 -2.28 24.76
N GLU A 11 28.02 -3.52 24.77
CA GLU A 11 27.61 -4.47 23.75
C GLU A 11 26.37 -5.25 24.22
N PRO A 12 25.26 -5.05 23.46
CA PRO A 12 24.01 -5.73 23.78
C PRO A 12 24.07 -7.20 23.38
N ASP A 13 24.61 -7.43 22.20
CA ASP A 13 24.72 -8.79 21.68
C ASP A 13 25.57 -8.77 20.41
N CYS A 14 26.26 -9.89 20.18
CA CYS A 14 27.10 -10.02 19.01
C CYS A 14 26.27 -9.68 17.78
N TYR A 15 26.77 -8.72 17.00
CA TYR A 15 26.08 -8.29 15.79
C TYR A 15 24.66 -7.84 16.11
N ALA A 16 24.42 -6.55 15.89
CA ALA A 16 23.11 -5.98 16.15
C ALA A 16 23.07 -4.55 15.59
N LEU A 17 22.32 -4.39 14.51
CA LEU A 17 22.19 -3.09 13.88
C LEU A 17 20.95 -3.09 12.97
N SER A 18 20.42 -1.89 12.74
CA SER A 18 19.25 -1.75 11.90
C SER A 18 19.55 -0.77 10.76
N LEU A 19 18.97 -1.07 9.61
CA LEU A 19 19.16 -0.23 8.43
C LEU A 19 17.93 0.67 8.25
N GLU A 20 18.11 1.70 7.43
CA GLU A 20 17.03 2.63 7.15
C GLU A 20 16.05 2.04 6.14
N SER A 21 14.79 2.40 6.30
CA SER A 21 13.75 1.91 5.42
C SER A 21 12.59 2.91 5.37
N SER A 22 11.90 2.90 4.24
CA SER A 22 10.77 3.79 4.05
C SER A 22 9.65 3.43 5.03
N GLU A 23 8.55 4.17 4.93
CA GLU A 23 7.41 3.94 5.79
C GLU A 23 6.35 3.09 5.06
N GLN A 24 5.88 2.08 5.76
CA GLN A 24 4.87 1.19 5.20
C GLN A 24 3.79 0.88 6.23
N LEU A 25 2.55 0.91 5.77
CA LEU A 25 1.42 0.63 6.65
C LEU A 25 0.57 -0.49 6.05
N THR A 26 0.02 -1.31 6.92
CA THR A 26 -0.81 -2.42 6.49
C THR A 26 -2.18 -2.37 7.19
N LEU A 27 -3.19 -2.04 6.41
CA LEU A 27 -4.54 -1.95 6.93
C LEU A 27 -5.40 -3.06 6.31
N GLU A 28 -5.95 -3.90 7.17
CA GLU A 28 -6.79 -4.99 6.72
C GLU A 28 -8.26 -4.55 6.66
N ILE A 29 -8.96 -5.08 5.67
CA ILE A 29 -10.37 -4.75 5.50
C ILE A 29 -11.16 -6.03 5.28
N PRO A 30 -12.22 -6.20 6.13
CA PRO A 30 -13.07 -7.38 6.04
C PRO A 30 -14.00 -7.29 4.83
N LEU A 31 -14.28 -8.45 4.26
CA LEU A 31 -15.16 -8.52 3.10
C LEU A 31 -16.30 -9.49 3.39
N ASN A 32 -16.77 -9.46 4.63
CA ASN A 32 -17.86 -10.33 5.04
C ASN A 32 -19.12 -9.96 4.26
N ASP A 33 -19.57 -8.73 4.46
CA ASP A 33 -20.76 -8.25 3.78
C ASP A 33 -20.35 -7.45 2.55
N SER A 34 -19.13 -6.94 2.59
CA SER A 34 -18.60 -6.16 1.48
C SER A 34 -18.22 -7.08 0.32
N GLY A 35 -17.43 -8.09 0.65
CA GLY A 35 -16.99 -9.05 -0.35
C GLY A 35 -18.09 -9.32 -1.37
N SER A 36 -19.29 -9.56 -0.85
CA SER A 36 -20.43 -9.84 -1.71
C SER A 36 -20.39 -8.95 -2.95
N ALA A 37 -20.24 -7.66 -2.70
CA ALA A 37 -20.18 -6.68 -3.79
C ALA A 37 -18.72 -6.43 -4.16
N GLY A 38 -17.89 -6.33 -3.13
CA GLY A 38 -16.47 -6.10 -3.34
C GLY A 38 -15.97 -4.97 -2.43
N LEU A 39 -14.69 -4.67 -2.58
CA LEU A 39 -14.07 -3.61 -1.78
C LEU A 39 -15.03 -2.42 -1.70
N GLY A 40 -15.19 -1.75 -2.83
CA GLY A 40 -16.08 -0.60 -2.89
C GLY A 40 -15.27 0.69 -3.08
N VAL A 41 -13.99 0.51 -3.41
CA VAL A 41 -13.11 1.65 -3.61
C VAL A 41 -12.56 1.60 -5.03
N SER A 42 -12.14 2.76 -5.52
CA SER A 42 -11.58 2.86 -6.86
C SER A 42 -10.12 3.29 -6.78
N LEU A 43 -9.33 2.73 -7.68
CA LEU A 43 -7.91 3.04 -7.73
C LEU A 43 -7.58 3.69 -9.09
N LYS A 44 -6.36 4.18 -9.18
CA LYS A 44 -5.89 4.82 -10.40
C LYS A 44 -4.53 4.25 -10.79
N GLY A 45 -4.35 4.09 -12.10
CA GLY A 45 -3.10 3.56 -12.62
C GLY A 45 -2.23 4.67 -13.20
N ASN A 46 -0.97 4.68 -12.77
CA ASN A 46 -0.04 5.69 -13.25
C ASN A 46 1.08 5.00 -14.03
N LYS A 47 1.53 5.66 -15.08
CA LYS A 47 2.59 5.14 -15.91
C LYS A 47 3.65 6.22 -16.14
N SER A 48 4.90 5.77 -16.25
CA SER A 48 6.01 6.68 -16.47
C SER A 48 6.58 6.49 -17.87
N ARG A 49 6.69 7.60 -18.60
CA ARG A 49 7.22 7.56 -19.95
C ARG A 49 8.75 7.63 -19.92
N GLU A 50 9.25 8.55 -19.11
CA GLU A 50 10.68 8.74 -18.99
C GLU A 50 11.38 7.40 -18.77
N THR A 51 11.15 6.84 -17.59
CA THR A 51 11.74 5.55 -17.26
C THR A 51 11.22 4.46 -18.18
N GLY A 52 9.91 4.51 -18.44
CA GLY A 52 9.28 3.54 -19.31
C GLY A 52 8.85 2.30 -18.53
N THR A 53 8.20 2.55 -17.40
CA THR A 53 7.73 1.46 -16.55
C THR A 53 6.38 1.83 -15.93
N ASP A 54 5.77 0.82 -15.32
CA ASP A 54 4.47 1.02 -14.68
C ASP A 54 4.68 1.30 -13.18
N LEU A 55 4.64 2.59 -12.85
CA LEU A 55 4.82 3.01 -11.47
C LEU A 55 4.08 2.04 -10.54
N GLY A 56 2.92 1.61 -11.01
CA GLY A 56 2.10 0.68 -10.23
C GLY A 56 0.65 1.17 -10.15
N ILE A 57 0.01 0.83 -9.03
CA ILE A 57 -1.37 1.23 -8.82
C ILE A 57 -1.44 2.14 -7.60
N PHE A 58 -2.38 3.08 -7.66
CA PHE A 58 -2.56 4.03 -6.58
C PHE A 58 -4.05 4.22 -6.27
N ILE A 59 -4.35 4.26 -4.98
CA ILE A 59 -5.73 4.44 -4.54
C ILE A 59 -6.28 5.74 -5.12
N LYS A 60 -7.57 5.72 -5.40
CA LYS A 60 -8.23 6.89 -5.96
C LYS A 60 -8.90 7.68 -4.84
N SER A 61 -9.74 6.99 -4.09
CA SER A 61 -10.45 7.61 -2.98
C SER A 61 -11.36 6.59 -2.30
N ILE A 62 -11.51 6.77 -0.99
CA ILE A 62 -12.35 5.87 -0.21
C ILE A 62 -13.79 6.38 -0.23
N ILE A 63 -14.71 5.44 -0.44
CA ILE A 63 -16.12 5.77 -0.49
C ILE A 63 -16.73 5.60 0.91
N HIS A 64 -16.83 6.71 1.61
CA HIS A 64 -17.38 6.71 2.96
C HIS A 64 -18.77 6.06 2.93
N GLY A 65 -19.27 5.75 4.12
CA GLY A 65 -20.58 5.14 4.25
C GLY A 65 -20.57 3.72 3.67
N GLY A 66 -19.38 3.17 3.53
CA GLY A 66 -19.22 1.84 2.98
C GLY A 66 -18.39 0.95 3.92
N ALA A 67 -17.77 -0.07 3.33
CA ALA A 67 -16.94 -0.98 4.09
C ALA A 67 -15.52 -0.41 4.20
N ALA A 68 -14.99 -0.02 3.06
CA ALA A 68 -13.65 0.54 3.01
C ALA A 68 -13.58 1.76 3.93
N PHE A 69 -14.70 2.47 4.01
CA PHE A 69 -14.78 3.65 4.85
C PHE A 69 -14.00 3.45 6.16
N LYS A 70 -14.11 2.26 6.71
CA LYS A 70 -13.42 1.93 7.94
C LYS A 70 -11.93 2.23 7.78
N ASP A 71 -11.37 1.70 6.70
CA ASP A 71 -9.96 1.90 6.42
C ASP A 71 -9.76 3.26 5.76
N GLY A 72 -10.88 3.85 5.34
CA GLY A 72 -10.84 5.15 4.69
C GLY A 72 -9.80 6.06 5.34
N ARG A 73 -9.58 5.82 6.63
CA ARG A 73 -8.61 6.61 7.38
C ARG A 73 -7.40 6.94 6.50
N LEU A 74 -7.10 6.03 5.59
CA LEU A 74 -5.98 6.21 4.68
C LEU A 74 -6.27 7.39 3.75
N ARG A 75 -5.39 7.55 2.77
CA ARG A 75 -5.55 8.63 1.80
C ARG A 75 -5.21 8.13 0.40
N MET A 76 -6.01 8.56 -0.56
CA MET A 76 -5.80 8.17 -1.95
C MET A 76 -4.34 8.32 -2.35
N ASN A 77 -4.04 7.89 -3.57
CA ASN A 77 -2.69 7.97 -4.08
C ASN A 77 -1.76 7.13 -3.20
N ASP A 78 -2.31 6.05 -2.68
CA ASP A 78 -1.55 5.15 -1.83
C ASP A 78 -1.06 3.95 -2.64
N GLN A 79 0.14 4.08 -3.18
CA GLN A 79 0.71 3.02 -3.99
C GLN A 79 0.53 1.67 -3.29
N LEU A 80 0.07 0.70 -4.06
CA LEU A 80 -0.16 -0.64 -3.53
C LEU A 80 1.10 -1.48 -3.75
N ILE A 81 1.74 -1.82 -2.64
CA ILE A 81 2.96 -2.63 -2.69
C ILE A 81 2.60 -4.09 -2.44
N ALA A 82 1.31 -4.37 -2.47
CA ALA A 82 0.82 -5.72 -2.24
C ALA A 82 -0.66 -5.68 -1.89
N VAL A 83 -1.23 -6.86 -1.72
CA VAL A 83 -2.64 -6.97 -1.38
C VAL A 83 -2.94 -8.40 -0.90
N ASN A 84 -3.31 -8.49 0.37
CA ASN A 84 -3.63 -9.78 0.96
C ASN A 84 -2.36 -10.62 1.04
N GLY A 85 -1.23 -9.96 0.79
CA GLY A 85 0.05 -10.64 0.83
C GLY A 85 0.66 -10.74 -0.57
N GLU A 86 -0.21 -10.65 -1.57
CA GLU A 86 0.23 -10.74 -2.95
C GLU A 86 0.79 -9.39 -3.41
N THR A 87 1.93 -9.46 -4.09
CA THR A 87 2.57 -8.26 -4.59
C THR A 87 1.77 -7.67 -5.76
N LEU A 88 2.08 -6.42 -6.07
CA LEU A 88 1.40 -5.74 -7.15
C LEU A 88 2.43 -5.09 -8.07
N LEU A 89 3.39 -4.43 -7.45
CA LEU A 89 4.46 -3.76 -8.19
C LEU A 89 4.99 -4.71 -9.27
N GLY A 90 5.08 -5.98 -8.90
CA GLY A 90 5.56 -7.00 -9.83
C GLY A 90 4.62 -7.15 -11.02
N LYS A 91 3.33 -7.03 -10.74
CA LYS A 91 2.32 -7.15 -11.78
C LYS A 91 2.29 -5.86 -12.61
N SER A 92 1.36 -5.83 -13.55
CA SER A 92 1.22 -4.67 -14.41
C SER A 92 -0.02 -3.86 -13.99
N ASN A 93 -0.17 -2.71 -14.63
CA ASN A 93 -1.30 -1.84 -14.34
C ASN A 93 -2.59 -2.66 -14.36
N HIS A 94 -2.72 -3.47 -15.40
CA HIS A 94 -3.90 -4.31 -15.55
C HIS A 94 -3.91 -5.38 -14.47
N GLU A 95 -3.07 -6.38 -14.66
CA GLU A 95 -2.97 -7.48 -13.70
C GLU A 95 -3.13 -6.95 -12.27
N ALA A 96 -2.24 -6.03 -11.92
CA ALA A 96 -2.27 -5.44 -10.60
C ALA A 96 -3.72 -5.28 -10.14
N MET A 97 -4.42 -4.36 -10.79
CA MET A 97 -5.81 -4.11 -10.46
C MET A 97 -6.64 -5.39 -10.53
N GLU A 98 -6.25 -6.26 -11.45
CA GLU A 98 -6.93 -7.53 -11.62
C GLU A 98 -6.73 -8.42 -10.39
N THR A 99 -5.51 -8.40 -9.88
CA THR A 99 -5.17 -9.19 -8.70
C THR A 99 -6.05 -8.79 -7.52
N LEU A 100 -6.34 -7.50 -7.45
CA LEU A 100 -7.17 -6.97 -6.38
C LEU A 100 -8.50 -7.71 -6.36
N ARG A 101 -9.34 -7.39 -7.32
CA ARG A 101 -10.65 -8.01 -7.43
C ARG A 101 -10.52 -9.54 -7.31
N ARG A 102 -9.38 -10.04 -7.75
CA ARG A 102 -9.11 -11.46 -7.69
C ARG A 102 -9.07 -11.94 -6.23
N SER A 103 -8.07 -11.46 -5.52
CA SER A 103 -7.91 -11.82 -4.12
C SER A 103 -9.18 -11.48 -3.34
N MET A 104 -9.80 -10.37 -3.73
CA MET A 104 -11.01 -9.92 -3.08
C MET A 104 -12.10 -10.99 -3.13
N SER A 105 -12.04 -11.80 -4.18
CA SER A 105 -13.00 -12.87 -4.36
C SER A 105 -12.44 -14.18 -3.81
N MET A 106 -11.16 -14.40 -4.11
CA MET A 106 -10.49 -15.61 -3.65
C MET A 106 -9.97 -15.45 -2.23
N GLU A 107 -8.98 -14.58 -2.09
CA GLU A 107 -8.38 -14.32 -0.80
C GLU A 107 -9.46 -13.91 0.22
N GLY A 108 -10.56 -13.41 -0.32
CA GLY A 108 -11.67 -12.98 0.52
C GLY A 108 -12.71 -14.09 0.66
N ASN A 109 -12.51 -15.15 -0.10
CA ASN A 109 -13.42 -16.28 -0.07
C ASN A 109 -13.00 -17.24 1.05
N ILE A 110 -11.74 -17.63 1.01
CA ILE A 110 -11.21 -18.54 2.01
C ILE A 110 -10.96 -17.77 3.31
N ARG A 111 -10.47 -16.54 3.15
CA ARG A 111 -10.18 -15.70 4.29
C ARG A 111 -11.47 -15.00 4.77
N GLY A 112 -11.93 -14.08 3.95
CA GLY A 112 -13.13 -13.33 4.27
C GLY A 112 -12.85 -11.82 4.36
N MET A 113 -11.61 -11.47 4.04
CA MET A 113 -11.19 -10.08 4.09
C MET A 113 -10.06 -9.82 3.09
N ILE A 114 -9.49 -8.63 3.20
CA ILE A 114 -8.39 -8.24 2.32
C ILE A 114 -7.45 -7.31 3.07
N GLN A 115 -6.25 -7.16 2.52
CA GLN A 115 -5.25 -6.30 3.13
C GLN A 115 -4.65 -5.36 2.09
N LEU A 116 -4.24 -4.19 2.56
CA LEU A 116 -3.65 -3.20 1.68
C LEU A 116 -2.30 -2.75 2.25
N VAL A 117 -1.28 -2.83 1.41
CA VAL A 117 0.06 -2.44 1.82
C VAL A 117 0.48 -1.19 1.05
N ILE A 118 0.57 -0.09 1.78
CA ILE A 118 0.96 1.19 1.19
C ILE A 118 2.40 1.51 1.58
N LEU A 119 3.02 2.37 0.79
CA LEU A 119 4.39 2.77 1.04
C LEU A 119 4.52 4.29 0.86
N ARG A 120 4.95 4.95 1.92
CA ARG A 120 5.11 6.39 1.89
C ARG A 120 6.44 6.78 2.54
N ARG A 121 7.05 7.83 1.99
CA ARG A 121 8.32 8.31 2.49
C ARG A 121 8.10 9.15 3.75
N SER A 122 9.10 9.14 4.61
CA SER A 122 9.03 9.89 5.86
C SER A 122 9.77 11.23 5.70
N GLY A 123 10.90 11.16 5.02
CA GLY A 123 11.72 12.35 4.80
C GLY A 123 11.01 13.31 3.83
N PRO A 124 11.19 13.02 2.52
CA PRO A 124 10.58 13.85 1.48
C PRO A 124 9.08 13.58 1.37
N SER A 125 8.42 13.63 2.53
CA SER A 125 6.99 13.40 2.57
C SER A 125 6.46 13.70 3.97
N SER A 126 6.26 15.00 4.23
CA SER A 126 5.75 15.43 5.52
C SER A 126 4.50 16.29 5.33
N GLY A 127 3.39 15.78 5.84
CA GLY A 127 2.12 16.48 5.74
C GLY A 127 0.94 15.50 5.78
N GLY A 1 -2.28 -25.33 43.03
CA GLY A 1 -1.47 -24.15 43.28
C GLY A 1 -1.62 -23.12 42.15
N SER A 2 -1.12 -23.50 40.98
CA SER A 2 -1.19 -22.63 39.83
C SER A 2 -0.32 -21.39 40.05
N SER A 3 0.19 -20.86 38.95
CA SER A 3 1.04 -19.69 39.01
C SER A 3 1.03 -18.96 37.66
N GLY A 4 1.52 -17.73 37.68
CA GLY A 4 1.58 -16.93 36.47
C GLY A 4 1.93 -15.47 36.79
N SER A 5 2.13 -14.70 35.74
CA SER A 5 2.47 -13.29 35.89
C SER A 5 1.79 -12.46 34.81
N SER A 6 1.69 -11.17 35.07
CA SER A 6 1.07 -10.25 34.14
C SER A 6 1.58 -10.52 32.72
N GLY A 7 2.89 -10.40 32.57
CA GLY A 7 3.53 -10.62 31.29
C GLY A 7 2.83 -9.80 30.19
N LEU A 8 2.94 -8.50 30.31
CA LEU A 8 2.33 -7.59 29.34
C LEU A 8 3.31 -7.36 28.19
N LYS A 9 4.45 -6.76 28.52
CA LYS A 9 5.46 -6.48 27.53
C LYS A 9 6.85 -6.82 28.12
N GLY A 10 7.68 -7.42 27.27
CA GLY A 10 9.01 -7.79 27.68
C GLY A 10 10.03 -7.50 26.57
N GLU A 11 10.34 -6.22 26.43
CA GLU A 11 11.30 -5.79 25.43
C GLU A 11 12.47 -5.06 26.08
N PRO A 12 13.63 -5.10 25.37
CA PRO A 12 14.83 -4.45 25.88
C PRO A 12 14.75 -2.94 25.71
N ASP A 13 14.17 -2.54 24.59
CA ASP A 13 14.01 -1.12 24.29
C ASP A 13 13.19 -0.95 23.01
N CYS A 14 13.65 -1.62 21.97
CA CYS A 14 12.96 -1.55 20.69
C CYS A 14 13.74 -2.40 19.67
N TYR A 15 13.00 -3.15 18.87
CA TYR A 15 13.62 -4.00 17.87
C TYR A 15 13.72 -3.28 16.53
N ALA A 16 14.82 -3.52 15.84
CA ALA A 16 15.05 -2.90 14.55
C ALA A 16 16.26 -3.56 13.88
N LEU A 17 16.16 -3.70 12.56
CA LEU A 17 17.24 -4.30 11.79
C LEU A 17 17.96 -3.22 10.99
N SER A 18 17.73 -3.24 9.69
CA SER A 18 18.36 -2.28 8.80
C SER A 18 18.31 -0.89 9.43
N LEU A 19 19.14 0.01 8.89
CA LEU A 19 19.21 1.36 9.40
C LEU A 19 18.11 2.20 8.74
N GLU A 20 18.26 2.41 7.44
CA GLU A 20 17.28 3.19 6.68
C GLU A 20 16.07 2.32 6.33
N SER A 21 14.90 2.90 6.53
CA SER A 21 13.66 2.21 6.24
C SER A 21 12.56 3.22 5.91
N SER A 22 11.68 2.81 5.00
CA SER A 22 10.58 3.66 4.60
C SER A 22 9.39 3.46 5.53
N GLU A 23 8.29 4.14 5.20
CA GLU A 23 7.09 4.04 6.00
C GLU A 23 6.09 3.08 5.35
N GLN A 24 5.73 2.05 6.11
CA GLN A 24 4.79 1.06 5.62
C GLN A 24 3.63 0.89 6.60
N LEU A 25 2.46 0.63 6.04
CA LEU A 25 1.27 0.45 6.86
C LEU A 25 0.43 -0.69 6.28
N THR A 26 -0.13 -1.48 7.18
CA THR A 26 -0.96 -2.61 6.78
C THR A 26 -2.36 -2.49 7.39
N LEU A 27 -3.34 -2.30 6.52
CA LEU A 27 -4.71 -2.17 6.95
C LEU A 27 -5.50 -3.39 6.51
N GLU A 28 -6.41 -3.83 7.38
CA GLU A 28 -7.23 -5.00 7.09
C GLU A 28 -8.69 -4.58 6.89
N ILE A 29 -9.23 -4.98 5.75
CA ILE A 29 -10.61 -4.66 5.42
C ILE A 29 -11.39 -5.95 5.18
N PRO A 30 -12.47 -6.13 5.98
CA PRO A 30 -13.31 -7.31 5.85
C PRO A 30 -14.20 -7.23 4.61
N LEU A 31 -14.39 -8.38 3.99
CA LEU A 31 -15.20 -8.45 2.78
C LEU A 31 -16.38 -9.41 3.03
N ASN A 32 -16.93 -9.33 4.24
CA ASN A 32 -18.05 -10.17 4.61
C ASN A 32 -19.24 -9.87 3.70
N ASP A 33 -19.72 -8.63 3.80
CA ASP A 33 -20.85 -8.20 3.00
C ASP A 33 -20.34 -7.44 1.77
N SER A 34 -19.16 -6.87 1.93
CA SER A 34 -18.54 -6.11 0.85
C SER A 34 -18.04 -7.05 -0.24
N GLY A 35 -17.42 -8.14 0.19
CA GLY A 35 -16.91 -9.13 -0.73
C GLY A 35 -17.82 -9.28 -1.94
N SER A 36 -19.11 -9.22 -1.68
CA SER A 36 -20.10 -9.36 -2.74
C SER A 36 -19.63 -8.61 -3.99
N ALA A 37 -19.53 -7.29 -3.85
CA ALA A 37 -19.09 -6.45 -4.95
C ALA A 37 -17.59 -6.22 -4.84
N GLY A 38 -17.08 -6.39 -3.63
CA GLY A 38 -15.66 -6.20 -3.38
C GLY A 38 -15.43 -5.04 -2.42
N LEU A 39 -14.16 -4.69 -2.26
CA LEU A 39 -13.79 -3.60 -1.37
C LEU A 39 -14.82 -2.47 -1.50
N GLY A 40 -14.78 -1.81 -2.64
CA GLY A 40 -15.69 -0.71 -2.91
C GLY A 40 -14.95 0.61 -3.06
N VAL A 41 -13.71 0.50 -3.53
CA VAL A 41 -12.88 1.68 -3.72
C VAL A 41 -12.43 1.75 -5.18
N SER A 42 -12.07 2.95 -5.61
CA SER A 42 -11.62 3.17 -6.97
C SER A 42 -10.14 3.55 -6.98
N LEU A 43 -9.38 2.83 -7.81
CA LEU A 43 -7.95 3.08 -7.92
C LEU A 43 -7.65 3.59 -9.33
N LYS A 44 -6.39 3.99 -9.51
CA LYS A 44 -5.96 4.51 -10.80
C LYS A 44 -4.52 4.06 -11.05
N GLY A 45 -4.25 3.68 -12.30
CA GLY A 45 -2.93 3.24 -12.68
C GLY A 45 -2.11 4.39 -13.26
N ASN A 46 -0.91 4.54 -12.73
CA ASN A 46 -0.01 5.59 -13.19
C ASN A 46 1.13 4.98 -14.01
N LYS A 47 1.41 5.62 -15.14
CA LYS A 47 2.46 5.14 -16.02
C LYS A 47 3.47 6.27 -16.26
N SER A 48 4.72 5.88 -16.43
CA SER A 48 5.78 6.84 -16.66
C SER A 48 6.34 6.68 -18.07
N ARG A 49 6.63 7.81 -18.70
CA ARG A 49 7.17 7.80 -20.05
C ARG A 49 8.69 7.68 -20.02
N GLU A 50 9.29 8.43 -19.10
CA GLU A 50 10.74 8.41 -18.95
C GLU A 50 11.27 6.97 -19.01
N THR A 51 10.79 6.17 -18.06
CA THR A 51 11.20 4.78 -18.01
C THR A 51 10.27 3.90 -18.84
N GLY A 52 9.16 4.50 -19.24
CA GLY A 52 8.18 3.79 -20.05
C GLY A 52 7.66 2.55 -19.32
N THR A 53 7.66 2.64 -18.00
CA THR A 53 7.19 1.54 -17.17
C THR A 53 6.01 1.98 -16.30
N ASP A 54 5.34 1.00 -15.71
CA ASP A 54 4.20 1.27 -14.86
C ASP A 54 4.69 1.54 -13.43
N LEU A 55 4.43 2.75 -12.97
CA LEU A 55 4.84 3.15 -11.63
C LEU A 55 4.22 2.19 -10.62
N GLY A 56 3.05 1.68 -10.96
CA GLY A 56 2.35 0.76 -10.09
C GLY A 56 0.87 1.13 -9.97
N ILE A 57 0.29 0.79 -8.83
CA ILE A 57 -1.11 1.08 -8.58
C ILE A 57 -1.22 2.05 -7.41
N PHE A 58 -2.24 2.90 -7.48
CA PHE A 58 -2.48 3.87 -6.44
C PHE A 58 -3.98 4.08 -6.19
N ILE A 59 -4.30 4.40 -4.95
CA ILE A 59 -5.69 4.61 -4.58
C ILE A 59 -6.17 5.94 -5.15
N LYS A 60 -7.44 5.98 -5.50
CA LYS A 60 -8.03 7.18 -6.07
C LYS A 60 -8.79 7.94 -4.97
N SER A 61 -9.68 7.24 -4.30
CA SER A 61 -10.47 7.82 -3.23
C SER A 61 -11.38 6.77 -2.61
N ILE A 62 -11.64 6.94 -1.32
CA ILE A 62 -12.50 6.02 -0.60
C ILE A 62 -13.95 6.49 -0.70
N ILE A 63 -14.84 5.51 -0.82
CA ILE A 63 -16.26 5.81 -0.92
C ILE A 63 -16.90 5.74 0.47
N HIS A 64 -17.88 6.60 0.68
CA HIS A 64 -18.58 6.64 1.95
C HIS A 64 -19.89 5.85 1.86
N GLY A 65 -20.36 5.40 3.01
CA GLY A 65 -21.59 4.64 3.06
C GLY A 65 -21.35 3.18 2.66
N GLY A 66 -20.08 2.81 2.66
CA GLY A 66 -19.70 1.46 2.29
C GLY A 66 -18.73 0.87 3.32
N ALA A 67 -17.94 -0.10 2.86
CA ALA A 67 -16.98 -0.75 3.72
C ALA A 67 -15.69 0.09 3.75
N ALA A 68 -15.11 0.27 2.57
CA ALA A 68 -13.89 1.04 2.46
C ALA A 68 -13.96 2.26 3.37
N PHE A 69 -15.12 2.92 3.34
CA PHE A 69 -15.33 4.09 4.16
C PHE A 69 -14.63 3.96 5.51
N LYS A 70 -14.81 2.80 6.12
CA LYS A 70 -14.20 2.52 7.41
C LYS A 70 -12.69 2.79 7.32
N ASP A 71 -12.07 2.13 6.35
CA ASP A 71 -10.64 2.28 6.16
C ASP A 71 -10.35 3.63 5.50
N GLY A 72 -11.42 4.25 5.01
CA GLY A 72 -11.30 5.55 4.37
C GLY A 72 -10.24 6.41 5.05
N ARG A 73 -10.11 6.20 6.35
CA ARG A 73 -9.14 6.94 7.14
C ARG A 73 -7.85 7.16 6.33
N LEU A 74 -7.57 6.20 5.47
CA LEU A 74 -6.39 6.27 4.63
C LEU A 74 -6.50 7.47 3.69
N ARG A 75 -5.49 7.61 2.84
CA ARG A 75 -5.46 8.70 1.89
C ARG A 75 -5.12 8.18 0.48
N MET A 76 -5.94 8.60 -0.48
CA MET A 76 -5.74 8.18 -1.85
C MET A 76 -4.29 8.37 -2.28
N ASN A 77 -4.02 8.01 -3.52
CA ASN A 77 -2.67 8.14 -4.07
C ASN A 77 -1.71 7.25 -3.28
N ASP A 78 -2.28 6.22 -2.68
CA ASP A 78 -1.50 5.28 -1.90
C ASP A 78 -1.01 4.15 -2.80
N GLN A 79 0.31 4.06 -2.94
CA GLN A 79 0.91 3.04 -3.77
C GLN A 79 0.76 1.66 -3.10
N LEU A 80 0.27 0.72 -3.88
CA LEU A 80 0.07 -0.63 -3.39
C LEU A 80 1.31 -1.47 -3.69
N ILE A 81 2.11 -1.67 -2.65
CA ILE A 81 3.33 -2.44 -2.79
C ILE A 81 3.00 -3.93 -2.69
N ALA A 82 1.71 -4.21 -2.59
CA ALA A 82 1.25 -5.58 -2.49
C ALA A 82 -0.19 -5.60 -1.99
N VAL A 83 -0.74 -6.80 -1.90
CA VAL A 83 -2.11 -6.96 -1.44
C VAL A 83 -2.34 -8.42 -1.01
N ASN A 84 -2.73 -8.57 0.25
CA ASN A 84 -2.98 -9.89 0.80
C ASN A 84 -1.69 -10.72 0.73
N GLY A 85 -0.58 -10.01 0.53
CA GLY A 85 0.71 -10.65 0.45
C GLY A 85 1.18 -10.76 -1.01
N GLU A 86 0.24 -10.54 -1.91
CA GLU A 86 0.54 -10.60 -3.33
C GLU A 86 1.15 -9.28 -3.80
N THR A 87 2.22 -9.40 -4.59
CA THR A 87 2.90 -8.23 -5.12
C THR A 87 2.06 -7.56 -6.21
N LEU A 88 2.48 -6.37 -6.58
CA LEU A 88 1.78 -5.62 -7.61
C LEU A 88 2.80 -4.90 -8.50
N LEU A 89 3.75 -4.25 -7.85
CA LEU A 89 4.79 -3.53 -8.56
C LEU A 89 5.34 -4.42 -9.68
N GLY A 90 5.49 -5.69 -9.36
CA GLY A 90 6.00 -6.65 -10.32
C GLY A 90 5.05 -6.79 -11.51
N LYS A 91 3.78 -6.60 -11.23
CA LYS A 91 2.76 -6.71 -12.27
C LYS A 91 2.60 -5.35 -12.96
N SER A 92 1.59 -5.28 -13.82
CA SER A 92 1.32 -4.05 -14.55
C SER A 92 0.15 -3.31 -13.90
N ASN A 93 -0.27 -2.24 -14.56
CA ASN A 93 -1.38 -1.44 -14.06
C ASN A 93 -2.68 -2.24 -14.19
N HIS A 94 -2.70 -3.12 -15.19
CA HIS A 94 -3.87 -3.95 -15.43
C HIS A 94 -3.82 -5.19 -14.53
N GLU A 95 -2.82 -6.04 -14.81
CA GLU A 95 -2.66 -7.25 -14.04
C GLU A 95 -2.87 -6.98 -12.55
N ALA A 96 -2.03 -6.10 -12.01
CA ALA A 96 -2.12 -5.75 -10.61
C ALA A 96 -3.58 -5.64 -10.21
N MET A 97 -4.22 -4.59 -10.71
CA MET A 97 -5.63 -4.36 -10.41
C MET A 97 -6.45 -5.65 -10.57
N GLU A 98 -6.09 -6.41 -11.58
CA GLU A 98 -6.78 -7.66 -11.86
C GLU A 98 -6.58 -8.64 -10.69
N THR A 99 -5.43 -8.51 -10.03
CA THR A 99 -5.12 -9.36 -8.91
C THR A 99 -5.87 -8.90 -7.66
N LEU A 100 -5.77 -7.61 -7.39
CA LEU A 100 -6.43 -7.03 -6.23
C LEU A 100 -7.83 -7.64 -6.10
N ARG A 101 -8.71 -7.22 -6.99
CA ARG A 101 -10.08 -7.71 -6.98
C ARG A 101 -10.09 -9.23 -6.81
N ARG A 102 -9.38 -9.89 -7.71
CA ARG A 102 -9.30 -11.35 -7.68
C ARG A 102 -9.14 -11.83 -6.24
N SER A 103 -8.29 -11.14 -5.50
CA SER A 103 -8.04 -11.49 -4.12
C SER A 103 -9.30 -11.26 -3.28
N MET A 104 -9.88 -10.07 -3.45
CA MET A 104 -11.08 -9.71 -2.72
C MET A 104 -12.11 -10.84 -2.76
N SER A 105 -12.02 -11.63 -3.83
CA SER A 105 -12.95 -12.74 -4.00
C SER A 105 -12.29 -14.03 -3.52
N MET A 106 -11.00 -14.13 -3.77
CA MET A 106 -10.24 -15.31 -3.37
C MET A 106 -10.03 -15.34 -1.85
N GLU A 107 -9.42 -14.27 -1.35
CA GLU A 107 -9.15 -14.17 0.07
C GLU A 107 -10.46 -13.92 0.84
N GLY A 108 -11.30 -13.09 0.26
CA GLY A 108 -12.58 -12.77 0.87
C GLY A 108 -13.50 -13.99 0.89
N ASN A 109 -13.04 -15.04 0.22
CA ASN A 109 -13.82 -16.27 0.15
C ASN A 109 -13.47 -17.15 1.35
N ILE A 110 -12.24 -17.62 1.37
CA ILE A 110 -11.77 -18.47 2.46
C ILE A 110 -11.45 -17.61 3.68
N ARG A 111 -10.85 -16.46 3.40
CA ARG A 111 -10.49 -15.53 4.47
C ARG A 111 -11.69 -14.64 4.83
N GLY A 112 -12.00 -13.74 3.92
CA GLY A 112 -13.12 -12.83 4.13
C GLY A 112 -12.62 -11.40 4.37
N MET A 113 -11.32 -11.22 4.17
CA MET A 113 -10.72 -9.92 4.35
C MET A 113 -9.62 -9.67 3.31
N ILE A 114 -9.22 -8.41 3.21
CA ILE A 114 -8.18 -8.03 2.28
C ILE A 114 -7.19 -7.08 2.96
N GLN A 115 -5.93 -7.24 2.60
CA GLN A 115 -4.88 -6.41 3.18
C GLN A 115 -4.25 -5.53 2.10
N LEU A 116 -3.97 -4.30 2.48
CA LEU A 116 -3.36 -3.34 1.56
C LEU A 116 -2.04 -2.84 2.14
N VAL A 117 -0.97 -3.07 1.38
CA VAL A 117 0.34 -2.65 1.82
C VAL A 117 0.74 -1.37 1.07
N ILE A 118 0.85 -0.29 1.84
CA ILE A 118 1.21 1.00 1.26
C ILE A 118 2.63 1.36 1.70
N LEU A 119 3.21 2.31 0.97
CA LEU A 119 4.56 2.75 1.28
C LEU A 119 4.66 4.26 1.03
N ARG A 120 5.00 4.98 2.08
CA ARG A 120 5.14 6.42 1.99
C ARG A 120 6.55 6.86 2.41
N ARG A 121 6.94 8.02 1.91
CA ARG A 121 8.26 8.55 2.23
C ARG A 121 8.24 9.26 3.59
N SER A 122 9.39 9.82 3.94
CA SER A 122 9.51 10.53 5.20
C SER A 122 8.48 11.66 5.26
N GLY A 123 8.62 12.59 4.32
CA GLY A 123 7.71 13.72 4.27
C GLY A 123 8.30 14.84 3.39
N PRO A 124 8.36 14.56 2.07
CA PRO A 124 8.89 15.53 1.12
C PRO A 124 7.89 16.65 0.87
N SER A 125 6.77 16.57 1.56
CA SER A 125 5.72 17.57 1.42
C SER A 125 5.67 18.46 2.67
N SER A 126 4.92 19.53 2.56
CA SER A 126 4.77 20.47 3.66
C SER A 126 3.69 19.97 4.63
N GLY A 127 3.90 20.26 5.91
CA GLY A 127 2.96 19.85 6.93
C GLY A 127 3.53 18.72 7.79
N GLY A 1 27.75 47.13 -25.84
CA GLY A 1 27.74 45.68 -25.75
C GLY A 1 26.77 45.19 -24.68
N SER A 2 26.91 43.92 -24.32
CA SER A 2 26.06 43.32 -23.31
C SER A 2 26.49 41.88 -23.05
N SER A 3 26.44 41.50 -21.78
CA SER A 3 26.82 40.16 -21.38
C SER A 3 26.49 39.94 -19.90
N GLY A 4 25.75 38.86 -19.65
CA GLY A 4 25.36 38.53 -18.29
C GLY A 4 26.37 37.56 -17.65
N SER A 5 25.87 36.78 -16.71
CA SER A 5 26.71 35.81 -16.03
C SER A 5 25.87 34.58 -15.64
N SER A 6 26.55 33.46 -15.46
CA SER A 6 25.90 32.24 -15.07
C SER A 6 26.92 31.25 -14.49
N GLY A 7 26.68 30.87 -13.24
CA GLY A 7 27.57 29.93 -12.57
C GLY A 7 26.80 28.72 -12.07
N LEU A 8 27.34 27.55 -12.35
CA LEU A 8 26.73 26.30 -11.94
C LEU A 8 27.63 25.13 -12.33
N LYS A 9 28.58 24.84 -11.45
CA LYS A 9 29.50 23.75 -11.68
C LYS A 9 29.66 22.92 -10.41
N GLY A 10 30.42 21.85 -10.53
CA GLY A 10 30.66 20.97 -9.39
C GLY A 10 30.41 19.51 -9.77
N GLU A 11 30.12 18.71 -8.76
CA GLU A 11 29.85 17.30 -8.97
C GLU A 11 28.37 17.00 -8.75
N PRO A 12 27.87 15.99 -9.51
CA PRO A 12 26.47 15.59 -9.41
C PRO A 12 26.23 14.79 -8.13
N ASP A 13 27.01 13.72 -7.97
CA ASP A 13 26.88 12.87 -6.81
C ASP A 13 25.42 12.48 -6.62
N CYS A 14 25.06 11.33 -7.17
CA CYS A 14 23.70 10.83 -7.08
C CYS A 14 23.60 9.94 -5.83
N TYR A 15 23.02 10.51 -4.78
CA TYR A 15 22.86 9.78 -3.53
C TYR A 15 22.08 10.62 -2.51
N ALA A 16 21.50 9.91 -1.55
CA ALA A 16 20.73 10.57 -0.51
C ALA A 16 21.10 9.98 0.85
N LEU A 17 22.29 10.32 1.30
CA LEU A 17 22.77 9.83 2.58
C LEU A 17 22.71 8.30 2.58
N SER A 18 23.21 7.73 3.67
CA SER A 18 23.23 6.28 3.81
C SER A 18 21.90 5.69 3.35
N LEU A 19 21.93 4.40 3.04
CA LEU A 19 20.73 3.71 2.58
C LEU A 19 19.53 4.15 3.42
N GLU A 20 18.55 4.70 2.74
CA GLU A 20 17.34 5.17 3.42
C GLU A 20 16.28 4.07 3.42
N SER A 21 15.27 4.28 4.25
CA SER A 21 14.19 3.31 4.37
C SER A 21 12.85 4.05 4.51
N SER A 22 11.86 3.55 3.77
CA SER A 22 10.54 4.14 3.80
C SER A 22 9.65 3.40 4.80
N GLU A 23 8.49 3.98 5.07
CA GLU A 23 7.55 3.39 6.01
C GLU A 23 6.41 2.70 5.25
N GLN A 24 5.82 1.72 5.91
CA GLN A 24 4.72 0.98 5.32
C GLN A 24 3.59 0.78 6.34
N LEU A 25 2.37 0.87 5.85
CA LEU A 25 1.20 0.70 6.71
C LEU A 25 0.33 -0.42 6.15
N THR A 26 0.04 -1.39 7.02
CA THR A 26 -0.78 -2.52 6.63
C THR A 26 -2.19 -2.37 7.21
N LEU A 27 -3.12 -2.01 6.34
CA LEU A 27 -4.50 -1.83 6.76
C LEU A 27 -5.33 -3.01 6.25
N GLU A 28 -5.95 -3.71 7.20
CA GLU A 28 -6.78 -4.86 6.86
C GLU A 28 -8.24 -4.43 6.71
N ILE A 29 -8.91 -5.09 5.78
CA ILE A 29 -10.31 -4.79 5.52
C ILE A 29 -11.08 -6.10 5.32
N PRO A 30 -12.09 -6.31 6.21
CA PRO A 30 -12.90 -7.51 6.14
C PRO A 30 -13.89 -7.44 4.98
N LEU A 31 -14.18 -8.61 4.41
CA LEU A 31 -15.09 -8.69 3.29
C LEU A 31 -16.16 -9.76 3.59
N ASN A 32 -16.74 -9.65 4.77
CA ASN A 32 -17.77 -10.59 5.19
C ASN A 32 -19.11 -10.16 4.58
N ASP A 33 -19.56 -8.98 4.98
CA ASP A 33 -20.81 -8.45 4.49
C ASP A 33 -20.58 -7.70 3.18
N SER A 34 -19.46 -7.01 3.13
CA SER A 34 -19.09 -6.25 1.94
C SER A 34 -18.62 -7.20 0.84
N GLY A 35 -18.07 -8.32 1.26
CA GLY A 35 -17.57 -9.31 0.32
C GLY A 35 -18.56 -9.52 -0.83
N SER A 36 -19.84 -9.54 -0.47
CA SER A 36 -20.89 -9.73 -1.45
C SER A 36 -20.55 -8.99 -2.74
N ALA A 37 -20.37 -7.68 -2.59
CA ALA A 37 -20.04 -6.84 -3.73
C ALA A 37 -18.51 -6.71 -3.84
N GLY A 38 -17.88 -6.60 -2.67
CA GLY A 38 -16.44 -6.47 -2.62
C GLY A 38 -16.03 -5.21 -1.85
N LEU A 39 -14.73 -4.96 -1.84
CA LEU A 39 -14.20 -3.80 -1.14
C LEU A 39 -15.12 -2.61 -1.38
N GLY A 40 -15.10 -2.12 -2.62
CA GLY A 40 -15.92 -0.99 -3.00
C GLY A 40 -15.09 0.31 -3.02
N VAL A 41 -13.99 0.25 -3.76
CA VAL A 41 -13.12 1.40 -3.87
C VAL A 41 -12.58 1.49 -5.30
N SER A 42 -12.20 2.70 -5.69
CA SER A 42 -11.67 2.94 -7.02
C SER A 42 -10.22 3.39 -6.93
N LEU A 43 -9.40 2.81 -7.80
CA LEU A 43 -7.98 3.14 -7.83
C LEU A 43 -7.64 3.77 -9.18
N LYS A 44 -6.38 4.12 -9.33
CA LYS A 44 -5.91 4.74 -10.57
C LYS A 44 -4.54 4.16 -10.92
N GLY A 45 -4.35 3.91 -12.21
CA GLY A 45 -3.09 3.37 -12.69
C GLY A 45 -2.21 4.47 -13.30
N ASN A 46 -0.98 4.54 -12.81
CA ASN A 46 -0.04 5.54 -13.29
C ASN A 46 1.11 4.84 -14.03
N LYS A 47 1.45 5.39 -15.18
CA LYS A 47 2.52 4.83 -15.99
C LYS A 47 3.63 5.87 -16.14
N SER A 48 4.85 5.37 -16.23
CA SER A 48 6.00 6.24 -16.39
C SER A 48 6.69 5.98 -17.73
N ARG A 49 7.05 7.06 -18.40
CA ARG A 49 7.71 6.95 -19.70
C ARG A 49 9.23 6.95 -19.51
N GLU A 50 9.68 7.77 -18.60
CA GLU A 50 11.11 7.87 -18.31
C GLU A 50 11.72 6.48 -18.20
N THR A 51 11.31 5.76 -17.17
CA THR A 51 11.81 4.42 -16.93
C THR A 51 11.27 3.46 -18.00
N GLY A 52 10.14 3.83 -18.56
CA GLY A 52 9.51 3.02 -19.59
C GLY A 52 8.73 1.84 -18.98
N THR A 53 8.37 2.02 -17.71
CA THR A 53 7.63 1.00 -17.00
C THR A 53 6.36 1.58 -16.40
N ASP A 54 5.81 0.85 -15.44
CA ASP A 54 4.58 1.28 -14.77
C ASP A 54 4.90 1.64 -13.33
N LEU A 55 4.54 2.86 -12.96
CA LEU A 55 4.78 3.33 -11.60
C LEU A 55 4.16 2.35 -10.61
N GLY A 56 2.93 1.97 -10.89
CA GLY A 56 2.22 1.04 -10.03
C GLY A 56 0.71 1.37 -9.98
N ILE A 57 0.15 1.24 -8.79
CA ILE A 57 -1.26 1.51 -8.61
C ILE A 57 -1.43 2.50 -7.44
N PHE A 58 -2.43 3.35 -7.58
CA PHE A 58 -2.71 4.34 -6.55
C PHE A 58 -4.22 4.44 -6.29
N ILE A 59 -4.55 4.58 -5.01
CA ILE A 59 -5.95 4.69 -4.62
C ILE A 59 -6.53 5.99 -5.17
N LYS A 60 -7.81 5.93 -5.51
CA LYS A 60 -8.50 7.09 -6.05
C LYS A 60 -9.23 7.82 -4.92
N SER A 61 -10.05 7.06 -4.21
CA SER A 61 -10.82 7.62 -3.11
C SER A 61 -11.64 6.52 -2.44
N ILE A 62 -11.96 6.76 -1.17
CA ILE A 62 -12.75 5.80 -0.41
C ILE A 62 -14.22 6.17 -0.48
N ILE A 63 -15.06 5.16 -0.63
CA ILE A 63 -16.49 5.38 -0.72
C ILE A 63 -17.11 5.22 0.66
N HIS A 64 -18.02 6.14 0.98
CA HIS A 64 -18.69 6.12 2.27
C HIS A 64 -19.95 5.26 2.18
N GLY A 65 -20.30 4.69 3.31
CA GLY A 65 -21.48 3.84 3.39
C GLY A 65 -21.15 2.39 3.01
N GLY A 66 -19.85 2.10 3.01
CA GLY A 66 -19.38 0.77 2.66
C GLY A 66 -18.36 0.27 3.69
N ALA A 67 -17.60 -0.73 3.27
CA ALA A 67 -16.59 -1.31 4.14
C ALA A 67 -15.34 -0.44 4.11
N ALA A 68 -14.94 -0.07 2.90
CA ALA A 68 -13.76 0.76 2.71
C ALA A 68 -13.86 1.97 3.64
N PHE A 69 -15.03 2.56 3.67
CA PHE A 69 -15.27 3.73 4.51
C PHE A 69 -14.49 3.62 5.83
N LYS A 70 -14.55 2.44 6.41
CA LYS A 70 -13.86 2.20 7.67
C LYS A 70 -12.37 2.52 7.50
N ASP A 71 -11.78 1.91 6.49
CA ASP A 71 -10.37 2.11 6.21
C ASP A 71 -10.18 3.48 5.56
N GLY A 72 -11.29 4.07 5.14
CA GLY A 72 -11.27 5.37 4.51
C GLY A 72 -10.22 6.28 5.15
N ARG A 73 -10.01 6.05 6.45
CA ARG A 73 -9.05 6.84 7.19
C ARG A 73 -7.81 7.11 6.34
N LEU A 74 -7.53 6.18 5.44
CA LEU A 74 -6.38 6.31 4.56
C LEU A 74 -6.57 7.54 3.66
N ARG A 75 -5.59 7.77 2.81
CA ARG A 75 -5.62 8.90 1.90
C ARG A 75 -5.34 8.43 0.47
N MET A 76 -6.31 8.68 -0.41
CA MET A 76 -6.17 8.30 -1.80
C MET A 76 -4.77 8.63 -2.33
N ASN A 77 -4.46 8.08 -3.49
CA ASN A 77 -3.17 8.30 -4.10
C ASN A 77 -2.13 7.36 -3.48
N ASP A 78 -2.60 6.59 -2.51
CA ASP A 78 -1.72 5.65 -1.83
C ASP A 78 -1.26 4.58 -2.81
N GLN A 79 0.06 4.46 -2.92
CA GLN A 79 0.65 3.48 -3.82
C GLN A 79 0.51 2.08 -3.25
N LEU A 80 0.05 1.16 -4.11
CA LEU A 80 -0.14 -0.21 -3.70
C LEU A 80 1.14 -1.01 -4.02
N ILE A 81 1.68 -1.63 -2.98
CA ILE A 81 2.89 -2.43 -3.14
C ILE A 81 2.56 -3.90 -2.88
N ALA A 82 1.27 -4.16 -2.74
CA ALA A 82 0.82 -5.53 -2.50
C ALA A 82 -0.64 -5.49 -2.03
N VAL A 83 -1.23 -6.68 -1.94
CA VAL A 83 -2.61 -6.79 -1.50
C VAL A 83 -2.90 -8.25 -1.12
N ASN A 84 -3.27 -8.44 0.13
CA ASN A 84 -3.57 -9.77 0.62
C ASN A 84 -2.34 -10.66 0.48
N GLY A 85 -1.18 -10.02 0.50
CA GLY A 85 0.08 -10.73 0.37
C GLY A 85 0.48 -10.87 -1.09
N GLU A 86 -0.38 -10.37 -1.96
CA GLU A 86 -0.11 -10.43 -3.40
C GLU A 86 0.76 -9.26 -3.82
N THR A 87 1.36 -9.41 -4.99
CA THR A 87 2.23 -8.38 -5.53
C THR A 87 1.54 -7.65 -6.69
N LEU A 88 1.73 -6.34 -6.71
CA LEU A 88 1.14 -5.52 -7.76
C LEU A 88 2.26 -4.88 -8.60
N LEU A 89 3.31 -4.49 -7.90
CA LEU A 89 4.45 -3.86 -8.56
C LEU A 89 4.97 -4.79 -9.67
N GLY A 90 4.95 -6.08 -9.36
CA GLY A 90 5.41 -7.08 -10.30
C GLY A 90 4.47 -7.18 -11.51
N LYS A 91 3.23 -6.76 -11.29
CA LYS A 91 2.23 -6.79 -12.34
C LYS A 91 2.16 -5.42 -13.01
N SER A 92 1.18 -5.27 -13.89
CA SER A 92 0.99 -4.02 -14.60
C SER A 92 -0.17 -3.24 -13.99
N ASN A 93 -0.45 -2.09 -14.59
CA ASN A 93 -1.53 -1.25 -14.11
C ASN A 93 -2.85 -2.02 -14.19
N HIS A 94 -2.98 -2.79 -15.26
CA HIS A 94 -4.19 -3.58 -15.46
C HIS A 94 -4.16 -4.80 -14.55
N GLU A 95 -3.31 -5.75 -14.91
CA GLU A 95 -3.17 -6.97 -14.12
C GLU A 95 -3.31 -6.67 -12.63
N ALA A 96 -2.42 -5.80 -12.16
CA ALA A 96 -2.42 -5.41 -10.76
C ALA A 96 -3.87 -5.25 -10.29
N MET A 97 -4.48 -4.17 -10.74
CA MET A 97 -5.85 -3.88 -10.38
C MET A 97 -6.68 -5.17 -10.27
N GLU A 98 -6.59 -5.98 -11.31
CA GLU A 98 -7.31 -7.23 -11.35
C GLU A 98 -7.01 -8.06 -10.10
N THR A 99 -5.72 -8.24 -9.84
CA THR A 99 -5.29 -9.01 -8.68
C THR A 99 -5.99 -8.50 -7.42
N LEU A 100 -6.44 -7.26 -7.49
CA LEU A 100 -7.13 -6.65 -6.36
C LEU A 100 -8.48 -7.32 -6.18
N ARG A 101 -9.40 -7.02 -7.08
CA ARG A 101 -10.73 -7.58 -7.02
C ARG A 101 -10.65 -9.10 -6.91
N ARG A 102 -9.52 -9.64 -7.31
CA ARG A 102 -9.30 -11.08 -7.27
C ARG A 102 -9.18 -11.54 -5.81
N SER A 103 -8.10 -11.12 -5.18
CA SER A 103 -7.85 -11.48 -3.79
C SER A 103 -9.11 -11.22 -2.95
N MET A 104 -9.89 -10.24 -3.39
CA MET A 104 -11.11 -9.88 -2.68
C MET A 104 -12.08 -11.07 -2.65
N SER A 105 -12.20 -11.73 -3.79
CA SER A 105 -13.09 -12.87 -3.90
C SER A 105 -12.32 -14.16 -3.62
N MET A 106 -11.00 -14.04 -3.67
CA MET A 106 -10.14 -15.19 -3.43
C MET A 106 -9.88 -15.37 -1.93
N GLU A 107 -9.32 -14.33 -1.34
CA GLU A 107 -9.01 -14.37 0.09
C GLU A 107 -10.30 -14.22 0.91
N GLY A 108 -11.26 -13.52 0.33
CA GLY A 108 -12.53 -13.30 0.99
C GLY A 108 -13.33 -14.61 1.10
N ASN A 109 -12.80 -15.64 0.45
CA ASN A 109 -13.44 -16.94 0.47
C ASN A 109 -12.94 -17.74 1.68
N ILE A 110 -11.67 -18.08 1.63
CA ILE A 110 -11.05 -18.85 2.69
C ILE A 110 -10.78 -17.92 3.89
N ARG A 111 -10.35 -16.71 3.57
CA ARG A 111 -10.06 -15.72 4.60
C ARG A 111 -11.33 -14.96 4.97
N GLY A 112 -11.77 -14.12 4.04
CA GLY A 112 -12.96 -13.32 4.25
C GLY A 112 -12.60 -11.84 4.44
N MET A 113 -11.43 -11.49 3.95
CA MET A 113 -10.96 -10.11 4.05
C MET A 113 -9.79 -9.87 3.09
N ILE A 114 -9.37 -8.61 3.04
CA ILE A 114 -8.27 -8.23 2.18
C ILE A 114 -7.35 -7.25 2.93
N GLN A 115 -6.11 -7.18 2.47
CA GLN A 115 -5.13 -6.31 3.09
C GLN A 115 -4.54 -5.35 2.05
N LEU A 116 -4.13 -4.19 2.53
CA LEU A 116 -3.54 -3.19 1.65
C LEU A 116 -2.18 -2.76 2.21
N VAL A 117 -1.19 -2.76 1.32
CA VAL A 117 0.17 -2.39 1.71
C VAL A 117 0.56 -1.11 0.97
N ILE A 118 0.70 -0.04 1.74
CA ILE A 118 1.08 1.24 1.17
C ILE A 118 2.49 1.60 1.63
N LEU A 119 3.13 2.46 0.84
CA LEU A 119 4.48 2.88 1.15
C LEU A 119 4.52 4.42 1.26
N ARG A 120 5.09 4.88 2.35
CA ARG A 120 5.19 6.31 2.60
C ARG A 120 6.63 6.70 2.92
N ARG A 121 7.27 7.34 1.96
CA ARG A 121 8.66 7.77 2.14
C ARG A 121 8.76 8.74 3.31
N SER A 122 10.00 9.07 3.65
CA SER A 122 10.25 10.00 4.74
C SER A 122 9.50 11.31 4.52
N GLY A 123 9.80 11.94 3.39
CA GLY A 123 9.16 13.20 3.04
C GLY A 123 8.60 13.15 1.61
N PRO A 124 7.35 13.65 1.46
CA PRO A 124 6.71 13.68 0.17
C PRO A 124 7.29 14.78 -0.72
N SER A 125 8.55 14.61 -1.07
CA SER A 125 9.24 15.57 -1.90
C SER A 125 8.72 15.49 -3.33
N SER A 126 8.41 16.65 -3.89
CA SER A 126 7.89 16.72 -5.24
C SER A 126 6.58 15.94 -5.36
N GLY A 127 6.71 14.68 -5.73
CA GLY A 127 5.55 13.82 -5.86
C GLY A 127 5.73 12.86 -7.05
N GLY A 1 40.07 -42.40 10.21
CA GLY A 1 39.59 -41.08 10.60
C GLY A 1 39.80 -40.07 9.47
N SER A 2 38.95 -39.06 9.46
CA SER A 2 39.04 -38.01 8.46
C SER A 2 39.08 -36.64 9.12
N SER A 3 39.37 -35.63 8.30
CA SER A 3 39.45 -34.26 8.80
C SER A 3 39.26 -33.28 7.65
N GLY A 4 38.97 -32.04 8.02
CA GLY A 4 38.77 -30.99 7.03
C GLY A 4 38.99 -29.62 7.64
N SER A 5 38.65 -28.59 6.86
CA SER A 5 38.81 -27.22 7.30
C SER A 5 37.55 -26.42 7.00
N SER A 6 37.46 -25.25 7.63
CA SER A 6 36.31 -24.38 7.42
C SER A 6 36.63 -22.98 7.92
N GLY A 7 36.25 -21.99 7.11
CA GLY A 7 36.49 -20.60 7.46
C GLY A 7 37.98 -20.26 7.35
N LEU A 8 38.35 -19.73 6.18
CA LEU A 8 39.73 -19.36 5.93
C LEU A 8 39.84 -17.83 5.90
N LYS A 9 39.16 -17.23 4.93
CA LYS A 9 39.17 -15.79 4.78
C LYS A 9 38.42 -15.16 5.95
N GLY A 10 37.11 -15.35 5.94
CA GLY A 10 36.28 -14.80 7.00
C GLY A 10 34.90 -14.40 6.46
N GLU A 11 34.71 -13.09 6.31
CA GLU A 11 33.46 -12.57 5.80
C GLU A 11 32.28 -13.26 6.50
N PRO A 12 31.86 -12.65 7.64
CA PRO A 12 30.75 -13.19 8.40
C PRO A 12 29.41 -12.90 7.72
N ASP A 13 29.31 -13.37 6.48
CA ASP A 13 28.10 -13.17 5.70
C ASP A 13 27.67 -11.70 5.79
N CYS A 14 28.33 -10.89 4.98
CA CYS A 14 28.03 -9.47 4.96
C CYS A 14 27.38 -9.13 3.61
N TYR A 15 27.93 -9.74 2.56
CA TYR A 15 27.41 -9.51 1.22
C TYR A 15 27.35 -8.02 0.90
N ALA A 16 27.06 -7.73 -0.36
CA ALA A 16 26.97 -6.35 -0.81
C ALA A 16 25.51 -6.01 -1.10
N LEU A 17 24.79 -5.66 -0.05
CA LEU A 17 23.39 -5.31 -0.18
C LEU A 17 23.08 -4.12 0.73
N SER A 18 21.79 -3.77 0.77
CA SER A 18 21.35 -2.65 1.59
C SER A 18 19.84 -2.45 1.42
N LEU A 19 19.17 -2.28 2.55
CA LEU A 19 17.73 -2.07 2.54
C LEU A 19 17.44 -0.59 2.82
N GLU A 20 16.31 -0.14 2.28
CA GLU A 20 15.91 1.25 2.46
C GLU A 20 15.04 1.38 3.72
N SER A 21 15.01 2.59 4.26
CA SER A 21 14.23 2.86 5.45
C SER A 21 12.95 3.63 5.07
N SER A 22 11.94 2.87 4.67
CA SER A 22 10.67 3.47 4.29
C SER A 22 9.59 3.09 5.30
N GLU A 23 8.50 3.85 5.25
CA GLU A 23 7.39 3.60 6.16
C GLU A 23 6.27 2.84 5.44
N GLN A 24 5.83 1.77 6.06
CA GLN A 24 4.77 0.95 5.49
C GLN A 24 3.60 0.83 6.47
N LEU A 25 2.40 0.92 5.92
CA LEU A 25 1.20 0.83 6.74
C LEU A 25 0.32 -0.31 6.21
N THR A 26 0.16 -1.32 7.04
CA THR A 26 -0.65 -2.47 6.68
C THR A 26 -2.04 -2.36 7.30
N LEU A 27 -3.03 -2.18 6.43
CA LEU A 27 -4.40 -2.05 6.87
C LEU A 27 -5.21 -3.27 6.38
N GLU A 28 -6.04 -3.77 7.27
CA GLU A 28 -6.87 -4.92 6.94
C GLU A 28 -8.35 -4.53 6.92
N ILE A 29 -8.98 -4.81 5.79
CA ILE A 29 -10.39 -4.49 5.62
C ILE A 29 -11.19 -5.79 5.45
N PRO A 30 -12.25 -5.92 6.30
CA PRO A 30 -13.10 -7.10 6.25
C PRO A 30 -14.02 -7.06 5.04
N LEU A 31 -14.26 -8.23 4.48
CA LEU A 31 -15.11 -8.35 3.31
C LEU A 31 -16.31 -9.26 3.65
N ASN A 32 -16.75 -9.14 4.90
CA ASN A 32 -17.88 -9.94 5.35
C ASN A 32 -19.14 -9.52 4.59
N ASP A 33 -19.52 -8.27 4.78
CA ASP A 33 -20.70 -7.74 4.13
C ASP A 33 -20.28 -6.99 2.85
N SER A 34 -19.07 -6.47 2.89
CA SER A 34 -18.53 -5.74 1.76
C SER A 34 -18.12 -6.71 0.65
N GLY A 35 -17.71 -7.90 1.07
CA GLY A 35 -17.29 -8.92 0.14
C GLY A 35 -18.27 -9.05 -1.03
N SER A 36 -19.54 -8.85 -0.70
CA SER A 36 -20.59 -8.94 -1.71
C SER A 36 -20.11 -8.32 -3.02
N ALA A 37 -19.97 -7.00 -2.99
CA ALA A 37 -19.52 -6.26 -4.17
C ALA A 37 -17.99 -6.08 -4.09
N GLY A 38 -17.46 -6.35 -2.92
CA GLY A 38 -16.02 -6.22 -2.71
C GLY A 38 -15.71 -5.02 -1.81
N LEU A 39 -14.42 -4.75 -1.65
CA LEU A 39 -13.98 -3.64 -0.84
C LEU A 39 -14.89 -2.45 -1.07
N GLY A 40 -14.82 -1.91 -2.28
CA GLY A 40 -15.63 -0.76 -2.65
C GLY A 40 -14.77 0.48 -2.84
N VAL A 41 -13.56 0.26 -3.33
CA VAL A 41 -12.63 1.35 -3.58
C VAL A 41 -12.21 1.34 -5.04
N SER A 42 -11.72 2.49 -5.49
CA SER A 42 -11.28 2.63 -6.87
C SER A 42 -9.83 3.11 -6.91
N LEU A 43 -9.07 2.49 -7.80
CA LEU A 43 -7.66 2.85 -7.94
C LEU A 43 -7.41 3.37 -9.36
N LYS A 44 -6.31 4.10 -9.51
CA LYS A 44 -5.95 4.65 -10.80
C LYS A 44 -4.51 4.28 -11.13
N GLY A 45 -4.31 3.88 -12.38
CA GLY A 45 -2.98 3.48 -12.83
C GLY A 45 -2.14 4.71 -13.20
N ASN A 46 -0.90 4.71 -12.73
CA ASN A 46 0.00 5.81 -13.00
C ASN A 46 1.18 5.30 -13.83
N LYS A 47 1.32 5.86 -15.02
CA LYS A 47 2.40 5.46 -15.91
C LYS A 47 3.36 6.65 -16.10
N SER A 48 4.62 6.31 -16.33
CA SER A 48 5.64 7.34 -16.52
C SER A 48 6.20 7.25 -17.94
N ARG A 49 6.44 8.41 -18.52
CA ARG A 49 6.97 8.48 -19.87
C ARG A 49 8.50 8.56 -19.83
N GLU A 50 9.01 9.09 -18.73
CA GLU A 50 10.44 9.22 -18.56
C GLU A 50 11.13 7.86 -18.69
N THR A 51 10.53 6.87 -18.03
CA THR A 51 11.06 5.52 -18.05
C THR A 51 10.17 4.61 -18.90
N GLY A 52 9.00 5.15 -19.26
CA GLY A 52 8.05 4.39 -20.05
C GLY A 52 7.68 3.08 -19.36
N THR A 53 7.74 3.10 -18.05
CA THR A 53 7.40 1.93 -17.26
C THR A 53 6.13 2.18 -16.44
N ASP A 54 5.62 1.10 -15.87
CA ASP A 54 4.42 1.18 -15.07
C ASP A 54 4.79 1.31 -13.59
N LEU A 55 4.52 2.48 -13.04
CA LEU A 55 4.82 2.74 -11.64
C LEU A 55 4.08 1.73 -10.76
N GLY A 56 2.85 1.43 -11.16
CA GLY A 56 2.04 0.48 -10.41
C GLY A 56 0.60 0.98 -10.28
N ILE A 57 -0.02 0.60 -9.18
CA ILE A 57 -1.39 1.01 -8.91
C ILE A 57 -1.40 2.06 -7.80
N PHE A 58 -2.44 2.90 -7.84
CA PHE A 58 -2.57 3.95 -6.84
C PHE A 58 -4.05 4.21 -6.51
N ILE A 59 -4.30 4.49 -5.24
CA ILE A 59 -5.65 4.76 -4.79
C ILE A 59 -6.23 5.95 -5.57
N LYS A 60 -7.52 5.88 -5.80
CA LYS A 60 -8.20 6.94 -6.53
C LYS A 60 -8.96 7.83 -5.54
N SER A 61 -9.75 7.18 -4.70
CA SER A 61 -10.53 7.89 -3.70
C SER A 61 -11.40 6.91 -2.92
N ILE A 62 -11.29 6.98 -1.60
CA ILE A 62 -12.06 6.10 -0.73
C ILE A 62 -13.53 6.50 -0.79
N ILE A 63 -14.37 5.49 -0.96
CA ILE A 63 -15.81 5.72 -1.03
C ILE A 63 -16.38 5.82 0.38
N HIS A 64 -16.59 7.05 0.82
CA HIS A 64 -17.13 7.29 2.15
C HIS A 64 -18.53 6.67 2.25
N GLY A 65 -19.03 6.64 3.47
CA GLY A 65 -20.35 6.09 3.72
C GLY A 65 -20.44 4.65 3.21
N GLY A 66 -19.29 4.01 3.11
CA GLY A 66 -19.22 2.65 2.63
C GLY A 66 -18.45 1.75 3.60
N ALA A 67 -17.73 0.80 3.03
CA ALA A 67 -16.93 -0.12 3.83
C ALA A 67 -15.52 0.44 3.98
N ALA A 68 -14.84 0.59 2.86
CA ALA A 68 -13.49 1.11 2.85
C ALA A 68 -13.43 2.40 3.67
N PHE A 69 -14.54 3.14 3.61
CA PHE A 69 -14.63 4.40 4.34
C PHE A 69 -13.89 4.31 5.68
N LYS A 70 -14.03 3.16 6.31
CA LYS A 70 -13.38 2.93 7.59
C LYS A 70 -11.88 3.21 7.47
N ASP A 71 -11.20 2.30 6.79
CA ASP A 71 -9.77 2.44 6.58
C ASP A 71 -9.50 3.64 5.67
N GLY A 72 -10.56 4.13 5.07
CA GLY A 72 -10.46 5.28 4.18
C GLY A 72 -9.51 6.33 4.75
N ARG A 73 -9.39 6.32 6.08
CA ARG A 73 -8.53 7.27 6.75
C ARG A 73 -7.24 7.49 5.95
N LEU A 74 -6.86 6.48 5.20
CA LEU A 74 -5.67 6.55 4.37
C LEU A 74 -5.81 7.73 3.40
N ARG A 75 -4.72 7.99 2.69
CA ARG A 75 -4.69 9.08 1.73
C ARG A 75 -4.43 8.54 0.32
N MET A 76 -5.29 8.95 -0.60
CA MET A 76 -5.17 8.51 -1.98
C MET A 76 -3.72 8.62 -2.46
N ASN A 77 -3.48 8.13 -3.67
CA ASN A 77 -2.15 8.16 -4.24
C ASN A 77 -1.24 7.20 -3.47
N ASP A 78 -1.84 6.09 -3.04
CA ASP A 78 -1.09 5.10 -2.29
C ASP A 78 -0.68 3.97 -3.23
N GLN A 79 0.63 3.73 -3.28
CA GLN A 79 1.17 2.68 -4.13
C GLN A 79 1.05 1.32 -3.44
N LEU A 80 0.23 0.47 -4.03
CA LEU A 80 0.02 -0.86 -3.49
C LEU A 80 1.28 -1.70 -3.71
N ILE A 81 2.00 -1.93 -2.62
CA ILE A 81 3.22 -2.71 -2.67
C ILE A 81 2.89 -4.18 -2.42
N ALA A 82 1.60 -4.45 -2.27
CA ALA A 82 1.14 -5.80 -2.02
C ALA A 82 -0.33 -5.77 -1.57
N VAL A 83 -0.92 -6.94 -1.53
CA VAL A 83 -2.31 -7.06 -1.13
C VAL A 83 -2.61 -8.50 -0.72
N ASN A 84 -3.14 -8.64 0.49
CA ASN A 84 -3.46 -9.96 1.02
C ASN A 84 -2.19 -10.82 1.06
N GLY A 85 -1.05 -10.14 0.98
CA GLY A 85 0.23 -10.82 1.01
C GLY A 85 0.77 -11.02 -0.40
N GLU A 86 -0.10 -10.82 -1.38
CA GLU A 86 0.28 -10.97 -2.77
C GLU A 86 0.93 -9.68 -3.29
N THR A 87 2.03 -9.86 -4.01
CA THR A 87 2.75 -8.73 -4.57
C THR A 87 1.95 -8.09 -5.70
N LEU A 88 2.34 -6.87 -6.03
CA LEU A 88 1.66 -6.13 -7.08
C LEU A 88 2.71 -5.52 -8.03
N LEU A 89 3.72 -4.90 -7.41
CA LEU A 89 4.78 -4.27 -8.18
C LEU A 89 5.28 -5.24 -9.24
N GLY A 90 5.38 -6.51 -8.84
CA GLY A 90 5.85 -7.55 -9.75
C GLY A 90 4.88 -7.73 -10.92
N LYS A 91 3.62 -7.43 -10.65
CA LYS A 91 2.58 -7.55 -11.66
C LYS A 91 2.45 -6.23 -12.42
N SER A 92 1.45 -6.18 -13.29
CA SER A 92 1.20 -4.98 -14.07
C SER A 92 -0.04 -4.26 -13.54
N ASN A 93 -0.29 -3.09 -14.11
CA ASN A 93 -1.44 -2.29 -13.71
C ASN A 93 -2.71 -3.14 -13.81
N HIS A 94 -2.77 -3.94 -14.88
CA HIS A 94 -3.91 -4.80 -15.10
C HIS A 94 -3.90 -5.95 -14.08
N GLU A 95 -2.97 -6.87 -14.29
CA GLU A 95 -2.85 -8.01 -13.41
C GLU A 95 -3.03 -7.58 -11.95
N ALA A 96 -2.16 -6.67 -11.51
CA ALA A 96 -2.24 -6.18 -10.14
C ALA A 96 -3.70 -5.95 -9.76
N MET A 97 -4.28 -4.91 -10.33
CA MET A 97 -5.67 -4.58 -10.05
C MET A 97 -6.54 -5.84 -10.06
N GLU A 98 -6.39 -6.62 -11.12
CA GLU A 98 -7.15 -7.85 -11.27
C GLU A 98 -6.93 -8.76 -10.06
N THR A 99 -5.71 -8.70 -9.55
CA THR A 99 -5.35 -9.52 -8.40
C THR A 99 -5.97 -8.95 -7.12
N LEU A 100 -6.17 -7.64 -7.14
CA LEU A 100 -6.75 -6.95 -5.99
C LEU A 100 -8.19 -7.44 -5.80
N ARG A 101 -9.06 -7.01 -6.71
CA ARG A 101 -10.45 -7.39 -6.65
C ARG A 101 -10.59 -8.92 -6.57
N ARG A 102 -9.52 -9.59 -6.95
CA ARG A 102 -9.50 -11.05 -6.93
C ARG A 102 -9.29 -11.55 -5.50
N SER A 103 -8.22 -11.06 -4.88
CA SER A 103 -7.89 -11.44 -3.53
C SER A 103 -9.00 -11.01 -2.58
N MET A 104 -9.88 -10.16 -3.09
CA MET A 104 -10.99 -9.66 -2.30
C MET A 104 -12.03 -10.75 -2.05
N SER A 105 -12.47 -11.37 -3.13
CA SER A 105 -13.46 -12.43 -3.05
C SER A 105 -12.77 -13.79 -3.08
N MET A 106 -11.63 -13.83 -3.76
CA MET A 106 -10.87 -15.06 -3.88
C MET A 106 -10.12 -15.36 -2.57
N GLU A 107 -9.27 -14.42 -2.18
CA GLU A 107 -8.50 -14.57 -0.96
C GLU A 107 -9.35 -14.23 0.25
N GLY A 108 -10.42 -13.49 0.00
CA GLY A 108 -11.32 -13.08 1.07
C GLY A 108 -12.45 -14.10 1.24
N ASN A 109 -12.51 -15.04 0.32
CA ASN A 109 -13.53 -16.07 0.35
C ASN A 109 -13.25 -17.02 1.52
N ILE A 110 -12.02 -17.50 1.57
CA ILE A 110 -11.62 -18.41 2.62
C ILE A 110 -11.23 -17.61 3.87
N ARG A 111 -10.67 -16.44 3.62
CA ARG A 111 -10.25 -15.57 4.71
C ARG A 111 -11.45 -14.81 5.27
N GLY A 112 -12.00 -13.94 4.43
CA GLY A 112 -13.15 -13.14 4.84
C GLY A 112 -12.80 -11.66 4.89
N MET A 113 -11.64 -11.33 4.34
CA MET A 113 -11.19 -9.96 4.33
C MET A 113 -9.99 -9.78 3.37
N ILE A 114 -9.52 -8.55 3.28
CA ILE A 114 -8.40 -8.25 2.41
C ILE A 114 -7.46 -7.27 3.13
N GLN A 115 -6.19 -7.37 2.79
CA GLN A 115 -5.18 -6.50 3.39
C GLN A 115 -4.54 -5.62 2.33
N LEU A 116 -4.08 -4.46 2.76
CA LEU A 116 -3.45 -3.51 1.86
C LEU A 116 -2.13 -3.04 2.48
N VAL A 117 -1.09 -3.05 1.66
CA VAL A 117 0.23 -2.62 2.11
C VAL A 117 0.61 -1.32 1.39
N ILE A 118 0.60 -0.24 2.15
CA ILE A 118 0.94 1.06 1.60
C ILE A 118 2.36 1.44 2.04
N LEU A 119 3.03 2.19 1.19
CA LEU A 119 4.38 2.63 1.47
C LEU A 119 4.45 4.15 1.42
N ARG A 120 5.10 4.72 2.43
CA ARG A 120 5.23 6.16 2.52
C ARG A 120 6.69 6.54 2.77
N ARG A 121 6.99 7.81 2.53
CA ARG A 121 8.34 8.32 2.73
C ARG A 121 8.30 9.74 3.31
N SER A 122 7.62 10.61 2.58
CA SER A 122 7.50 12.00 3.02
C SER A 122 6.16 12.20 3.74
N GLY A 123 5.15 11.48 3.29
CA GLY A 123 3.84 11.58 3.87
C GLY A 123 2.98 12.62 3.15
N PRO A 124 2.75 13.76 3.85
CA PRO A 124 1.95 14.83 3.29
C PRO A 124 2.75 15.61 2.24
N SER A 125 2.98 14.95 1.11
CA SER A 125 3.71 15.56 0.03
C SER A 125 3.01 15.30 -1.30
N SER A 126 2.20 16.27 -1.71
CA SER A 126 1.46 16.16 -2.95
C SER A 126 1.71 17.39 -3.83
N GLY A 127 2.84 17.34 -4.52
CA GLY A 127 3.22 18.44 -5.40
C GLY A 127 2.36 18.46 -6.67
N GLY A 1 50.04 6.29 57.86
CA GLY A 1 49.04 5.48 57.18
C GLY A 1 49.60 4.92 55.87
N SER A 2 49.00 5.35 54.77
CA SER A 2 49.43 4.90 53.46
C SER A 2 49.10 5.97 52.41
N SER A 3 47.81 6.28 52.31
CA SER A 3 47.34 7.27 51.36
C SER A 3 45.83 7.42 51.46
N GLY A 4 45.32 8.44 50.77
CA GLY A 4 43.89 8.70 50.77
C GLY A 4 43.11 7.49 50.24
N SER A 5 41.86 7.75 49.88
CA SER A 5 41.00 6.70 49.37
C SER A 5 39.72 7.29 48.82
N SER A 6 38.98 6.48 48.08
CA SER A 6 37.73 6.91 47.49
C SER A 6 37.98 8.06 46.51
N GLY A 7 37.20 8.07 45.45
CA GLY A 7 37.32 9.10 44.44
C GLY A 7 35.97 9.38 43.77
N LEU A 8 35.93 9.14 42.47
CA LEU A 8 34.72 9.37 41.70
C LEU A 8 34.90 8.82 40.29
N LYS A 9 33.96 7.97 39.89
CA LYS A 9 34.00 7.37 38.57
C LYS A 9 32.84 7.90 37.74
N GLY A 10 32.80 7.46 36.47
CA GLY A 10 31.76 7.89 35.57
C GLY A 10 30.99 6.69 35.01
N GLU A 11 30.34 6.91 33.88
CA GLU A 11 29.58 5.86 33.23
C GLU A 11 29.90 5.81 31.74
N PRO A 12 29.69 4.60 31.15
CA PRO A 12 29.95 4.40 29.73
C PRO A 12 28.85 5.04 28.88
N ASP A 13 27.62 4.65 29.17
CA ASP A 13 26.47 5.17 28.44
C ASP A 13 26.57 4.74 26.97
N CYS A 14 25.41 4.56 26.37
CA CYS A 14 25.34 4.15 24.98
C CYS A 14 24.29 5.01 24.27
N TYR A 15 24.35 4.98 22.95
CA TYR A 15 23.41 5.75 22.14
C TYR A 15 23.12 5.05 20.81
N ALA A 16 22.90 3.75 20.90
CA ALA A 16 22.61 2.96 19.71
C ALA A 16 21.28 3.41 19.12
N LEU A 17 21.26 3.49 17.79
CA LEU A 17 20.06 3.90 17.08
C LEU A 17 19.93 3.09 15.80
N SER A 18 18.82 3.30 15.11
CA SER A 18 18.56 2.61 13.86
C SER A 18 18.23 3.61 12.75
N LEU A 19 18.97 3.51 11.66
CA LEU A 19 18.77 4.40 10.54
C LEU A 19 17.29 4.38 10.14
N GLU A 20 16.88 5.44 9.45
CA GLU A 20 15.50 5.57 9.01
C GLU A 20 15.27 4.70 7.77
N SER A 21 14.00 4.61 7.39
CA SER A 21 13.62 3.83 6.23
C SER A 21 12.20 4.19 5.79
N SER A 22 11.81 3.64 4.65
CA SER A 22 10.48 3.89 4.12
C SER A 22 9.43 3.67 5.20
N GLU A 23 8.18 3.98 4.85
CA GLU A 23 7.09 3.83 5.79
C GLU A 23 6.02 2.90 5.19
N GLN A 24 5.76 1.81 5.90
CA GLN A 24 4.77 0.84 5.45
C GLN A 24 3.59 0.81 6.41
N LEU A 25 2.40 0.66 5.85
CA LEU A 25 1.19 0.60 6.65
C LEU A 25 0.34 -0.58 6.20
N THR A 26 -0.07 -1.38 7.18
CA THR A 26 -0.88 -2.54 6.91
C THR A 26 -2.29 -2.38 7.50
N LEU A 27 -3.26 -2.17 6.61
CA LEU A 27 -4.63 -1.99 7.04
C LEU A 27 -5.48 -3.15 6.51
N GLU A 28 -6.18 -3.81 7.42
CA GLU A 28 -7.03 -4.93 7.05
C GLU A 28 -8.44 -4.43 6.72
N ILE A 29 -9.07 -5.13 5.79
CA ILE A 29 -10.42 -4.77 5.38
C ILE A 29 -11.23 -6.05 5.18
N PRO A 30 -12.27 -6.21 6.05
CA PRO A 30 -13.13 -7.38 5.97
C PRO A 30 -14.10 -7.28 4.80
N LEU A 31 -14.18 -8.37 4.05
CA LEU A 31 -15.05 -8.42 2.89
C LEU A 31 -16.21 -9.38 3.16
N ASN A 32 -16.88 -9.16 4.29
CA ASN A 32 -17.99 -10.01 4.67
C ASN A 32 -19.23 -9.61 3.87
N ASP A 33 -19.66 -8.38 4.09
CA ASP A 33 -20.83 -7.87 3.40
C ASP A 33 -20.39 -7.11 2.14
N SER A 34 -19.21 -6.51 2.23
CA SER A 34 -18.65 -5.77 1.12
C SER A 34 -18.13 -6.73 0.05
N GLY A 35 -17.54 -7.82 0.52
CA GLY A 35 -17.00 -8.83 -0.38
C GLY A 35 -18.01 -9.21 -1.46
N SER A 36 -19.28 -9.26 -1.05
CA SER A 36 -20.34 -9.61 -1.96
C SER A 36 -20.10 -8.97 -3.33
N ALA A 37 -20.19 -7.66 -3.35
CA ALA A 37 -19.97 -6.91 -4.59
C ALA A 37 -18.48 -6.62 -4.74
N GLY A 38 -17.83 -6.41 -3.61
CA GLY A 38 -16.40 -6.12 -3.61
C GLY A 38 -16.08 -4.99 -2.64
N LEU A 39 -14.78 -4.71 -2.52
CA LEU A 39 -14.33 -3.66 -1.62
C LEU A 39 -15.27 -2.47 -1.72
N GLY A 40 -15.20 -1.79 -2.86
CA GLY A 40 -16.04 -0.63 -3.10
C GLY A 40 -15.20 0.66 -3.06
N VAL A 41 -14.09 0.63 -3.77
CA VAL A 41 -13.20 1.78 -3.83
C VAL A 41 -12.73 1.99 -5.26
N SER A 42 -12.49 3.24 -5.60
CA SER A 42 -12.02 3.58 -6.94
C SER A 42 -10.52 3.87 -6.91
N LEU A 43 -9.81 3.13 -7.74
CA LEU A 43 -8.36 3.29 -7.82
C LEU A 43 -8.00 3.87 -9.19
N LYS A 44 -6.70 4.08 -9.38
CA LYS A 44 -6.22 4.63 -10.63
C LYS A 44 -4.80 4.13 -10.89
N GLY A 45 -4.56 3.74 -12.14
CA GLY A 45 -3.25 3.24 -12.52
C GLY A 45 -2.46 4.28 -13.32
N ASN A 46 -1.17 4.34 -13.03
CA ASN A 46 -0.31 5.30 -13.71
C ASN A 46 0.94 4.57 -14.22
N LYS A 47 1.33 4.92 -15.45
CA LYS A 47 2.49 4.32 -16.07
C LYS A 47 3.38 5.41 -16.66
N SER A 48 4.66 5.11 -16.74
CA SER A 48 5.62 6.06 -17.28
C SER A 48 6.20 5.53 -18.59
N ARG A 49 6.25 6.41 -19.58
CA ARG A 49 6.78 6.03 -20.88
C ARG A 49 8.28 6.29 -20.94
N GLU A 50 8.67 7.47 -20.49
CA GLU A 50 10.07 7.86 -20.48
C GLU A 50 10.93 6.71 -19.96
N THR A 51 10.78 6.43 -18.67
CA THR A 51 11.53 5.36 -18.03
C THR A 51 11.18 4.02 -18.66
N GLY A 52 9.89 3.83 -18.89
CA GLY A 52 9.40 2.60 -19.48
C GLY A 52 8.97 1.60 -18.40
N THR A 53 8.37 2.14 -17.36
CA THR A 53 7.91 1.32 -16.25
C THR A 53 6.58 1.85 -15.71
N ASP A 54 5.95 1.03 -14.87
CA ASP A 54 4.68 1.41 -14.28
C ASP A 54 4.93 2.04 -12.91
N LEU A 55 4.69 3.35 -12.86
CA LEU A 55 4.88 4.09 -11.62
C LEU A 55 4.38 3.25 -10.45
N GLY A 56 3.22 2.65 -10.64
CA GLY A 56 2.61 1.82 -9.61
C GLY A 56 1.16 2.23 -9.36
N ILE A 57 0.37 1.25 -8.96
CA ILE A 57 -1.04 1.49 -8.68
C ILE A 57 -1.17 2.60 -7.64
N PHE A 58 -2.25 3.35 -7.76
CA PHE A 58 -2.50 4.45 -6.84
C PHE A 58 -3.99 4.59 -6.55
N ILE A 59 -4.31 4.58 -5.26
CA ILE A 59 -5.70 4.71 -4.83
C ILE A 59 -6.25 6.05 -5.30
N LYS A 60 -7.54 6.05 -5.61
CA LYS A 60 -8.21 7.25 -6.08
C LYS A 60 -8.88 7.95 -4.89
N SER A 61 -9.73 7.19 -4.21
CA SER A 61 -10.44 7.72 -3.06
C SER A 61 -11.26 6.61 -2.40
N ILE A 62 -11.61 6.84 -1.14
CA ILE A 62 -12.39 5.88 -0.39
C ILE A 62 -13.85 6.32 -0.36
N ILE A 63 -14.74 5.34 -0.52
CA ILE A 63 -16.16 5.61 -0.52
C ILE A 63 -16.71 5.44 0.90
N HIS A 64 -17.12 6.55 1.48
CA HIS A 64 -17.67 6.53 2.84
C HIS A 64 -18.98 5.74 2.85
N GLY A 65 -19.60 5.71 4.01
CA GLY A 65 -20.85 5.00 4.17
C GLY A 65 -20.78 3.61 3.53
N GLY A 66 -19.58 3.06 3.51
CA GLY A 66 -19.36 1.75 2.93
C GLY A 66 -18.42 0.91 3.80
N ALA A 67 -17.71 0.00 3.14
CA ALA A 67 -16.78 -0.87 3.84
C ALA A 67 -15.41 -0.18 3.93
N ALA A 68 -14.82 0.05 2.76
CA ALA A 68 -13.53 0.70 2.68
C ALA A 68 -13.51 1.90 3.63
N PHE A 69 -14.67 2.51 3.77
CA PHE A 69 -14.81 3.67 4.64
C PHE A 69 -14.04 3.47 5.95
N LYS A 70 -14.14 2.26 6.47
CA LYS A 70 -13.47 1.92 7.71
C LYS A 70 -11.97 2.18 7.56
N ASP A 71 -11.44 1.79 6.41
CA ASP A 71 -10.03 1.97 6.12
C ASP A 71 -9.81 3.35 5.49
N GLY A 72 -10.92 3.96 5.10
CA GLY A 72 -10.87 5.28 4.48
C GLY A 72 -9.78 6.14 5.12
N ARG A 73 -9.54 5.88 6.40
CA ARG A 73 -8.53 6.63 7.14
C ARG A 73 -7.31 6.88 6.25
N LEU A 74 -7.09 5.95 5.33
CA LEU A 74 -5.96 6.05 4.42
C LEU A 74 -6.14 7.29 3.54
N ARG A 75 -5.18 7.49 2.64
CA ARG A 75 -5.22 8.62 1.73
C ARG A 75 -4.91 8.16 0.30
N MET A 76 -5.82 8.51 -0.60
CA MET A 76 -5.66 8.14 -2.01
C MET A 76 -4.21 8.33 -2.46
N ASN A 77 -3.91 7.76 -3.61
CA ASN A 77 -2.57 7.85 -4.17
C ASN A 77 -1.64 6.91 -3.40
N ASP A 78 -2.25 5.97 -2.68
CA ASP A 78 -1.49 5.01 -1.91
C ASP A 78 -0.98 3.91 -2.83
N GLN A 79 0.34 3.84 -2.94
CA GLN A 79 0.98 2.83 -3.78
C GLN A 79 0.81 1.45 -3.17
N LEU A 80 0.09 0.60 -3.88
CA LEU A 80 -0.15 -0.76 -3.43
C LEU A 80 1.05 -1.64 -3.79
N ILE A 81 1.98 -1.72 -2.85
CA ILE A 81 3.18 -2.52 -3.06
C ILE A 81 2.81 -4.00 -3.02
N ALA A 82 1.94 -4.34 -2.09
CA ALA A 82 1.50 -5.72 -1.93
C ALA A 82 0.02 -5.74 -1.52
N VAL A 83 -0.53 -6.94 -1.48
CA VAL A 83 -1.92 -7.11 -1.10
C VAL A 83 -2.15 -8.55 -0.64
N ASN A 84 -2.64 -8.67 0.58
CA ASN A 84 -2.91 -9.98 1.16
C ASN A 84 -1.61 -10.79 1.21
N GLY A 85 -0.50 -10.07 1.06
CA GLY A 85 0.81 -10.71 1.07
C GLY A 85 1.39 -10.80 -0.33
N GLU A 86 0.52 -10.66 -1.31
CA GLU A 86 0.94 -10.73 -2.71
C GLU A 86 1.85 -9.54 -3.04
N THR A 87 2.62 -9.72 -4.11
CA THR A 87 3.54 -8.68 -4.54
C THR A 87 3.02 -8.01 -5.82
N LEU A 88 2.94 -6.69 -5.76
CA LEU A 88 2.46 -5.92 -6.90
C LEU A 88 3.66 -5.27 -7.61
N LEU A 89 4.76 -5.18 -6.87
CA LEU A 89 5.97 -4.58 -7.42
C LEU A 89 6.36 -5.31 -8.70
N GLY A 90 6.75 -6.57 -8.54
CA GLY A 90 7.14 -7.39 -9.68
C GLY A 90 6.09 -7.32 -10.79
N LYS A 91 4.88 -7.00 -10.39
CA LYS A 91 3.78 -6.90 -11.34
C LYS A 91 3.67 -5.46 -11.85
N SER A 92 2.66 -5.23 -12.66
CA SER A 92 2.43 -3.91 -13.22
C SER A 92 1.09 -3.35 -12.73
N ASN A 93 0.55 -2.43 -13.52
CA ASN A 93 -0.72 -1.82 -13.18
C ASN A 93 -1.84 -2.83 -13.35
N HIS A 94 -1.98 -3.32 -14.58
CA HIS A 94 -3.01 -4.30 -14.88
C HIS A 94 -2.89 -5.49 -13.93
N GLU A 95 -1.82 -6.25 -14.12
CA GLU A 95 -1.58 -7.42 -13.29
C GLU A 95 -1.97 -7.12 -11.84
N ALA A 96 -1.20 -6.25 -11.21
CA ALA A 96 -1.46 -5.88 -9.83
C ALA A 96 -2.97 -5.76 -9.61
N MET A 97 -3.55 -4.75 -10.23
CA MET A 97 -4.99 -4.52 -10.12
C MET A 97 -5.77 -5.82 -10.34
N GLU A 98 -5.34 -6.56 -11.35
CA GLU A 98 -5.99 -7.82 -11.69
C GLU A 98 -5.89 -8.79 -10.51
N THR A 99 -4.81 -8.65 -9.76
CA THR A 99 -4.58 -9.51 -8.60
C THR A 99 -5.45 -9.06 -7.43
N LEU A 100 -5.49 -7.75 -7.23
CA LEU A 100 -6.28 -7.18 -6.15
C LEU A 100 -7.71 -7.71 -6.23
N ARG A 101 -8.45 -7.19 -7.21
CA ARG A 101 -9.83 -7.61 -7.41
C ARG A 101 -9.95 -9.13 -7.26
N ARG A 102 -8.86 -9.82 -7.54
CA ARG A 102 -8.84 -11.27 -7.45
C ARG A 102 -8.96 -11.69 -5.99
N SER A 103 -7.99 -11.29 -5.19
CA SER A 103 -7.99 -11.62 -3.78
C SER A 103 -9.32 -11.23 -3.14
N MET A 104 -9.89 -10.14 -3.65
CA MET A 104 -11.15 -9.65 -3.14
C MET A 104 -12.24 -10.72 -3.24
N SER A 105 -12.19 -11.47 -4.32
CA SER A 105 -13.15 -12.54 -4.54
C SER A 105 -12.57 -13.88 -4.10
N MET A 106 -11.24 -13.96 -4.15
CA MET A 106 -10.56 -15.17 -3.75
C MET A 106 -10.29 -15.19 -2.24
N GLU A 107 -9.40 -14.29 -1.82
CA GLU A 107 -9.05 -14.19 -0.42
C GLU A 107 -10.29 -13.89 0.43
N GLY A 108 -11.29 -13.32 -0.24
CA GLY A 108 -12.53 -12.98 0.43
C GLY A 108 -13.52 -14.14 0.38
N ASN A 109 -13.14 -15.17 -0.39
CA ASN A 109 -13.99 -16.34 -0.53
C ASN A 109 -13.64 -17.35 0.57
N ILE A 110 -12.37 -17.72 0.60
CA ILE A 110 -11.89 -18.67 1.59
C ILE A 110 -11.71 -17.96 2.94
N ARG A 111 -11.18 -16.75 2.87
CA ARG A 111 -10.94 -15.96 4.06
C ARG A 111 -12.14 -15.03 4.32
N GLY A 112 -12.21 -13.99 3.51
CA GLY A 112 -13.29 -13.02 3.63
C GLY A 112 -12.74 -11.64 3.97
N MET A 113 -11.44 -11.49 3.81
CA MET A 113 -10.78 -10.23 4.10
C MET A 113 -9.66 -9.96 3.08
N ILE A 114 -9.18 -8.72 3.10
CA ILE A 114 -8.12 -8.32 2.20
C ILE A 114 -7.23 -7.28 2.89
N GLN A 115 -5.93 -7.45 2.70
CA GLN A 115 -4.97 -6.54 3.30
C GLN A 115 -4.33 -5.65 2.22
N LEU A 116 -4.04 -4.42 2.62
CA LEU A 116 -3.44 -3.48 1.70
C LEU A 116 -2.13 -2.96 2.30
N VAL A 117 -1.04 -3.18 1.57
CA VAL A 117 0.27 -2.74 2.02
C VAL A 117 0.68 -1.50 1.22
N ILE A 118 0.75 -0.38 1.93
CA ILE A 118 1.12 0.88 1.30
C ILE A 118 2.55 1.24 1.74
N LEU A 119 3.21 2.01 0.88
CA LEU A 119 4.57 2.44 1.16
C LEU A 119 4.72 3.92 0.80
N ARG A 120 5.05 4.71 1.82
CA ARG A 120 5.23 6.14 1.63
C ARG A 120 6.64 6.56 2.07
N ARG A 121 7.30 7.29 1.18
CA ARG A 121 8.65 7.76 1.46
C ARG A 121 8.60 9.09 2.22
N SER A 122 9.74 9.45 2.78
CA SER A 122 9.83 10.69 3.54
C SER A 122 9.50 11.88 2.63
N GLY A 123 10.32 12.06 1.61
CA GLY A 123 10.13 13.15 0.67
C GLY A 123 11.47 13.70 0.18
N PRO A 124 11.51 15.05 0.04
CA PRO A 124 12.72 15.72 -0.41
C PRO A 124 13.77 15.76 0.70
N SER A 125 14.38 14.62 0.95
CA SER A 125 15.40 14.52 1.97
C SER A 125 16.77 14.28 1.34
N SER A 126 16.84 13.22 0.55
CA SER A 126 18.08 12.87 -0.13
C SER A 126 17.99 13.24 -1.61
N GLY A 127 18.91 14.09 -2.03
CA GLY A 127 18.96 14.52 -3.42
C GLY A 127 17.99 15.69 -3.66
N GLY A 1 8.85 52.86 11.21
CA GLY A 1 8.03 52.38 10.10
C GLY A 1 8.35 50.91 9.79
N SER A 2 7.33 50.22 9.30
CA SER A 2 7.49 48.81 8.96
C SER A 2 7.69 48.65 7.45
N SER A 3 8.23 47.50 7.09
CA SER A 3 8.49 47.22 5.68
C SER A 3 9.03 45.79 5.52
N GLY A 4 8.44 45.06 4.59
CA GLY A 4 8.84 43.70 4.34
C GLY A 4 9.55 43.57 2.99
N SER A 5 10.88 43.52 3.06
CA SER A 5 11.68 43.41 1.85
C SER A 5 12.96 42.60 2.15
N SER A 6 12.79 41.29 2.20
CA SER A 6 13.91 40.41 2.47
C SER A 6 13.79 39.14 1.61
N GLY A 7 14.94 38.56 1.32
CA GLY A 7 14.99 37.35 0.52
C GLY A 7 15.98 37.49 -0.63
N LEU A 8 16.88 36.52 -0.73
CA LEU A 8 17.89 36.53 -1.77
C LEU A 8 18.43 35.11 -1.97
N LYS A 9 19.07 34.60 -0.93
CA LYS A 9 19.64 33.27 -0.97
C LYS A 9 19.00 32.42 0.13
N GLY A 10 18.47 31.28 -0.28
CA GLY A 10 17.83 30.37 0.66
C GLY A 10 17.95 28.92 0.19
N GLU A 11 16.80 28.25 0.17
CA GLU A 11 16.76 26.86 -0.26
C GLU A 11 15.60 26.65 -1.24
N PRO A 12 15.96 26.08 -2.43
CA PRO A 12 14.96 25.82 -3.46
C PRO A 12 14.10 24.61 -3.09
N ASP A 13 14.77 23.58 -2.60
CA ASP A 13 14.08 22.35 -2.21
C ASP A 13 15.09 21.37 -1.62
N CYS A 14 15.14 21.33 -0.30
CA CYS A 14 16.05 20.44 0.39
C CYS A 14 15.89 19.04 -0.19
N TYR A 15 14.65 18.67 -0.43
CA TYR A 15 14.35 17.36 -1.00
C TYR A 15 14.96 16.25 -0.14
N ALA A 16 14.51 15.03 -0.41
CA ALA A 16 15.01 13.87 0.32
C ALA A 16 16.26 13.34 -0.36
N LEU A 17 17.41 13.86 0.08
CA LEU A 17 18.68 13.45 -0.47
C LEU A 17 18.84 11.93 -0.31
N SER A 18 18.59 11.22 -1.40
CA SER A 18 18.70 9.77 -1.39
C SER A 18 17.68 9.18 -0.43
N LEU A 19 17.14 8.04 -0.82
CA LEU A 19 16.15 7.35 -0.01
C LEU A 19 16.85 6.37 0.92
N GLU A 20 16.38 6.32 2.15
CA GLU A 20 16.94 5.41 3.14
C GLU A 20 15.93 5.13 4.25
N SER A 21 15.45 3.91 4.27
CA SER A 21 14.48 3.49 5.27
C SER A 21 13.16 4.23 5.04
N SER A 22 12.14 3.46 4.69
CA SER A 22 10.82 4.03 4.44
C SER A 22 9.80 3.42 5.41
N GLU A 23 8.63 4.02 5.45
CA GLU A 23 7.56 3.56 6.32
C GLU A 23 6.48 2.85 5.50
N GLN A 24 5.75 1.98 6.18
CA GLN A 24 4.68 1.23 5.53
C GLN A 24 3.52 1.01 6.50
N LEU A 25 2.31 1.06 5.95
CA LEU A 25 1.11 0.87 6.75
C LEU A 25 0.24 -0.21 6.11
N THR A 26 -0.04 -1.23 6.89
CA THR A 26 -0.87 -2.34 6.41
C THR A 26 -2.25 -2.30 7.07
N LEU A 27 -3.24 -2.00 6.26
CA LEU A 27 -4.61 -1.92 6.75
C LEU A 27 -5.44 -3.04 6.12
N GLU A 28 -6.08 -3.81 6.98
CA GLU A 28 -6.91 -4.92 6.52
C GLU A 28 -8.39 -4.53 6.55
N ILE A 29 -9.11 -5.04 5.57
CA ILE A 29 -10.54 -4.75 5.47
C ILE A 29 -11.31 -6.06 5.21
N PRO A 30 -12.38 -6.26 6.02
CA PRO A 30 -13.19 -7.46 5.90
C PRO A 30 -14.10 -7.37 4.67
N LEU A 31 -14.37 -8.54 4.09
CA LEU A 31 -15.21 -8.60 2.91
C LEU A 31 -16.38 -9.54 3.18
N ASN A 32 -16.84 -9.51 4.42
CA ASN A 32 -17.96 -10.37 4.82
C ASN A 32 -19.19 -10.02 3.99
N ASP A 33 -19.65 -8.78 4.15
CA ASP A 33 -20.81 -8.33 3.41
C ASP A 33 -20.35 -7.54 2.17
N SER A 34 -19.17 -6.96 2.29
CA SER A 34 -18.61 -6.20 1.19
C SER A 34 -18.13 -7.14 0.08
N GLY A 35 -17.68 -8.32 0.50
CA GLY A 35 -17.19 -9.31 -0.45
C GLY A 35 -18.17 -9.46 -1.63
N SER A 36 -19.45 -9.31 -1.32
CA SER A 36 -20.48 -9.42 -2.34
C SER A 36 -20.06 -8.66 -3.60
N ALA A 37 -19.83 -7.37 -3.42
CA ALA A 37 -19.42 -6.53 -4.53
C ALA A 37 -17.89 -6.46 -4.58
N GLY A 38 -17.30 -6.26 -3.42
CA GLY A 38 -15.85 -6.17 -3.32
C GLY A 38 -15.44 -5.16 -2.25
N LEU A 39 -14.26 -4.59 -2.45
CA LEU A 39 -13.73 -3.62 -1.51
C LEU A 39 -14.71 -2.44 -1.39
N GLY A 40 -14.83 -1.71 -2.49
CA GLY A 40 -15.74 -0.57 -2.54
C GLY A 40 -14.95 0.74 -2.58
N VAL A 41 -13.76 0.66 -3.16
CA VAL A 41 -12.91 1.83 -3.28
C VAL A 41 -12.50 2.02 -4.73
N SER A 42 -12.22 3.27 -5.07
CA SER A 42 -11.82 3.61 -6.43
C SER A 42 -10.30 3.83 -6.49
N LEU A 43 -9.67 3.13 -7.43
CA LEU A 43 -8.23 3.25 -7.60
C LEU A 43 -7.94 3.86 -8.97
N LYS A 44 -6.65 4.01 -9.25
CA LYS A 44 -6.22 4.59 -10.51
C LYS A 44 -4.82 4.05 -10.86
N GLY A 45 -4.62 3.84 -12.15
CA GLY A 45 -3.34 3.33 -12.63
C GLY A 45 -2.54 4.43 -13.31
N ASN A 46 -1.27 4.53 -12.92
CA ASN A 46 -0.39 5.53 -13.49
C ASN A 46 0.72 4.85 -14.28
N LYS A 47 1.22 5.55 -15.28
CA LYS A 47 2.28 5.02 -16.11
C LYS A 47 3.34 6.10 -16.35
N SER A 48 4.57 5.66 -16.53
CA SER A 48 5.67 6.58 -16.76
C SER A 48 6.33 6.27 -18.10
N ARG A 49 6.39 7.28 -18.96
CA ARG A 49 7.00 7.13 -20.27
C ARG A 49 8.48 7.48 -20.20
N GLU A 50 8.81 8.36 -19.27
CA GLU A 50 10.19 8.79 -19.10
C GLU A 50 11.10 7.59 -18.83
N THR A 51 10.69 6.80 -17.85
CA THR A 51 11.45 5.61 -17.49
C THR A 51 11.02 4.42 -18.33
N GLY A 52 9.82 4.52 -18.86
CA GLY A 52 9.27 3.45 -19.70
C GLY A 52 8.79 2.28 -18.84
N THR A 53 8.57 2.57 -17.57
CA THR A 53 8.10 1.56 -16.64
C THR A 53 6.73 1.93 -16.08
N ASP A 54 6.06 0.94 -15.50
CA ASP A 54 4.75 1.16 -14.92
C ASP A 54 4.90 1.45 -13.43
N LEU A 55 4.66 2.71 -13.08
CA LEU A 55 4.76 3.14 -11.70
C LEU A 55 4.14 2.07 -10.79
N GLY A 56 2.95 1.62 -11.17
CA GLY A 56 2.25 0.62 -10.41
C GLY A 56 0.77 0.99 -10.24
N ILE A 57 0.26 0.67 -9.05
CA ILE A 57 -1.13 0.98 -8.75
C ILE A 57 -1.19 1.96 -7.59
N PHE A 58 -2.26 2.76 -7.59
CA PHE A 58 -2.44 3.75 -6.54
C PHE A 58 -3.94 4.01 -6.29
N ILE A 59 -4.27 4.22 -5.03
CA ILE A 59 -5.65 4.48 -4.65
C ILE A 59 -6.08 5.84 -5.22
N LYS A 60 -7.37 5.93 -5.51
CA LYS A 60 -7.92 7.16 -6.07
C LYS A 60 -8.71 7.89 -4.98
N SER A 61 -9.56 7.12 -4.29
CA SER A 61 -10.37 7.68 -3.23
C SER A 61 -11.25 6.58 -2.61
N ILE A 62 -11.62 6.80 -1.37
CA ILE A 62 -12.46 5.85 -0.65
C ILE A 62 -13.92 6.30 -0.73
N ILE A 63 -14.79 5.32 -0.94
CA ILE A 63 -16.21 5.60 -1.03
C ILE A 63 -16.84 5.51 0.36
N HIS A 64 -17.10 6.67 0.93
CA HIS A 64 -17.71 6.73 2.25
C HIS A 64 -19.05 5.98 2.25
N GLY A 65 -19.75 6.09 3.36
CA GLY A 65 -21.04 5.44 3.50
C GLY A 65 -21.00 4.03 2.89
N GLY A 66 -19.86 3.38 3.06
CA GLY A 66 -19.69 2.03 2.54
C GLY A 66 -18.87 1.18 3.52
N ALA A 67 -18.14 0.22 2.94
CA ALA A 67 -17.32 -0.67 3.73
C ALA A 67 -15.94 -0.05 3.91
N ALA A 68 -15.25 0.10 2.80
CA ALA A 68 -13.90 0.67 2.81
C ALA A 68 -13.91 1.94 3.65
N PHE A 69 -15.05 2.64 3.62
CA PHE A 69 -15.19 3.87 4.37
C PHE A 69 -14.46 3.78 5.71
N LYS A 70 -14.56 2.61 6.33
CA LYS A 70 -13.91 2.38 7.61
C LYS A 70 -12.43 2.75 7.50
N ASP A 71 -11.70 1.90 6.79
CA ASP A 71 -10.27 2.12 6.61
C ASP A 71 -10.06 3.39 5.77
N GLY A 72 -11.15 3.87 5.20
CA GLY A 72 -11.10 5.06 4.37
C GLY A 72 -10.14 6.09 4.96
N ARG A 73 -9.99 6.04 6.28
CA ARG A 73 -9.10 6.95 6.98
C ARG A 73 -7.86 7.23 6.13
N LEU A 74 -7.48 6.23 5.34
CA LEU A 74 -6.31 6.36 4.49
C LEU A 74 -6.51 7.54 3.52
N ARG A 75 -5.57 7.68 2.60
CA ARG A 75 -5.64 8.76 1.63
C ARG A 75 -5.18 8.25 0.27
N MET A 76 -6.01 8.48 -0.74
CA MET A 76 -5.69 8.07 -2.10
C MET A 76 -4.24 8.37 -2.44
N ASN A 77 -3.79 7.79 -3.55
CA ASN A 77 -2.42 7.99 -3.99
C ASN A 77 -1.50 7.01 -3.26
N ASP A 78 -2.09 6.28 -2.32
CA ASP A 78 -1.34 5.31 -1.55
C ASP A 78 -0.97 4.13 -2.43
N GLN A 79 0.23 4.19 -2.99
CA GLN A 79 0.70 3.13 -3.87
C GLN A 79 0.54 1.77 -3.18
N LEU A 80 0.12 0.79 -3.97
CA LEU A 80 -0.08 -0.55 -3.47
C LEU A 80 1.19 -1.37 -3.69
N ILE A 81 1.91 -1.58 -2.59
CA ILE A 81 3.15 -2.34 -2.65
C ILE A 81 2.86 -3.81 -2.36
N ALA A 82 1.57 -4.12 -2.31
CA ALA A 82 1.13 -5.49 -2.05
C ALA A 82 -0.37 -5.49 -1.74
N VAL A 83 -0.92 -6.69 -1.66
CA VAL A 83 -2.33 -6.85 -1.38
C VAL A 83 -2.60 -8.29 -0.93
N ASN A 84 -3.22 -8.40 0.24
CA ASN A 84 -3.54 -9.70 0.80
C ASN A 84 -2.26 -10.54 0.89
N GLY A 85 -1.15 -9.85 0.99
CA GLY A 85 0.14 -10.51 1.08
C GLY A 85 0.76 -10.74 -0.31
N GLU A 86 -0.07 -10.49 -1.32
CA GLU A 86 0.37 -10.65 -2.70
C GLU A 86 1.05 -9.39 -3.19
N THR A 87 2.12 -9.58 -3.96
CA THR A 87 2.87 -8.45 -4.51
C THR A 87 2.08 -7.79 -5.63
N LEU A 88 2.42 -6.54 -5.88
CA LEU A 88 1.75 -5.78 -6.93
C LEU A 88 2.80 -5.16 -7.86
N LEU A 89 3.78 -4.51 -7.24
CA LEU A 89 4.85 -3.87 -7.99
C LEU A 89 5.40 -4.85 -9.02
N GLY A 90 5.65 -6.06 -8.56
CA GLY A 90 6.18 -7.10 -9.43
C GLY A 90 5.27 -7.30 -10.64
N LYS A 91 3.99 -7.09 -10.43
CA LYS A 91 3.01 -7.25 -11.49
C LYS A 91 2.94 -5.95 -12.31
N SER A 92 1.91 -5.88 -13.14
CA SER A 92 1.72 -4.70 -13.98
C SER A 92 0.50 -3.91 -13.49
N ASN A 93 0.09 -2.96 -14.32
CA ASN A 93 -1.06 -2.13 -14.00
C ASN A 93 -2.34 -2.97 -14.13
N HIS A 94 -2.29 -3.93 -15.03
CA HIS A 94 -3.43 -4.81 -15.26
C HIS A 94 -3.44 -5.92 -14.21
N GLU A 95 -2.48 -6.81 -14.33
CA GLU A 95 -2.37 -7.92 -13.41
C GLU A 95 -2.68 -7.46 -11.99
N ALA A 96 -1.88 -6.51 -11.52
CA ALA A 96 -2.06 -5.98 -10.18
C ALA A 96 -3.55 -5.79 -9.91
N MET A 97 -4.12 -4.78 -10.56
CA MET A 97 -5.53 -4.48 -10.39
C MET A 97 -6.38 -5.75 -10.55
N GLU A 98 -5.91 -6.63 -11.43
CA GLU A 98 -6.62 -7.88 -11.69
C GLU A 98 -6.50 -8.81 -10.48
N THR A 99 -5.40 -8.64 -9.75
CA THR A 99 -5.16 -9.47 -8.58
C THR A 99 -6.04 -9.01 -7.42
N LEU A 100 -6.15 -7.70 -7.28
CA LEU A 100 -6.95 -7.12 -6.22
C LEU A 100 -8.28 -7.89 -6.10
N ARG A 101 -9.13 -7.66 -7.09
CA ARG A 101 -10.43 -8.33 -7.11
C ARG A 101 -10.26 -9.82 -6.89
N ARG A 102 -9.18 -10.36 -7.44
CA ARG A 102 -8.90 -11.78 -7.31
C ARG A 102 -8.83 -12.16 -5.83
N SER A 103 -7.99 -11.46 -5.10
CA SER A 103 -7.83 -11.73 -3.67
C SER A 103 -9.13 -11.39 -2.94
N MET A 104 -9.76 -10.32 -3.37
CA MET A 104 -11.00 -9.87 -2.76
C MET A 104 -12.09 -10.96 -2.88
N SER A 105 -11.93 -11.79 -3.90
CA SER A 105 -12.88 -12.86 -4.14
C SER A 105 -12.36 -14.17 -3.54
N MET A 106 -11.04 -14.30 -3.56
CA MET A 106 -10.41 -15.50 -3.02
C MET A 106 -10.04 -15.30 -1.55
N GLU A 107 -9.07 -14.43 -1.33
CA GLU A 107 -8.61 -14.13 0.02
C GLU A 107 -9.78 -13.71 0.91
N GLY A 108 -10.86 -13.33 0.25
CA GLY A 108 -12.06 -12.90 0.96
C GLY A 108 -13.04 -14.06 1.10
N ASN A 109 -12.70 -15.17 0.46
CA ASN A 109 -13.56 -16.34 0.51
C ASN A 109 -13.10 -17.26 1.65
N ILE A 110 -11.83 -17.63 1.59
CA ILE A 110 -11.26 -18.50 2.61
C ILE A 110 -11.02 -17.69 3.89
N ARG A 111 -10.54 -16.47 3.69
CA ARG A 111 -10.27 -15.59 4.81
C ARG A 111 -11.52 -14.80 5.19
N GLY A 112 -11.87 -13.86 4.31
CA GLY A 112 -13.04 -13.02 4.54
C GLY A 112 -12.66 -11.55 4.58
N MET A 113 -11.42 -11.27 4.22
CA MET A 113 -10.91 -9.92 4.22
C MET A 113 -9.73 -9.76 3.26
N ILE A 114 -9.30 -8.52 3.08
CA ILE A 114 -8.20 -8.23 2.19
C ILE A 114 -7.22 -7.28 2.90
N GLN A 115 -5.95 -7.42 2.56
CA GLN A 115 -4.92 -6.59 3.15
C GLN A 115 -4.34 -5.65 2.10
N LEU A 116 -3.95 -4.46 2.55
CA LEU A 116 -3.37 -3.47 1.66
C LEU A 116 -2.08 -2.93 2.28
N VAL A 117 -1.04 -2.93 1.47
CA VAL A 117 0.26 -2.44 1.92
C VAL A 117 0.61 -1.17 1.15
N ILE A 118 0.76 -0.09 1.90
CA ILE A 118 1.10 1.20 1.31
C ILE A 118 2.52 1.59 1.73
N LEU A 119 3.13 2.44 0.91
CA LEU A 119 4.48 2.90 1.19
C LEU A 119 4.48 4.43 1.26
N ARG A 120 4.97 4.94 2.38
CA ARG A 120 5.05 6.38 2.58
C ARG A 120 6.51 6.82 2.71
N ARG A 121 6.92 7.68 1.78
CA ARG A 121 8.27 8.18 1.78
C ARG A 121 8.70 8.56 3.20
N SER A 122 10.01 8.74 3.36
CA SER A 122 10.55 9.10 4.66
C SER A 122 9.83 10.33 5.21
N GLY A 123 9.73 11.34 4.35
CA GLY A 123 9.07 12.58 4.73
C GLY A 123 8.23 13.13 3.59
N PRO A 124 7.94 14.46 3.67
CA PRO A 124 7.15 15.11 2.65
C PRO A 124 7.97 15.34 1.37
N SER A 125 8.08 14.27 0.58
CA SER A 125 8.83 14.35 -0.66
C SER A 125 7.87 14.48 -1.84
N SER A 126 8.41 14.99 -2.94
CA SER A 126 7.62 15.19 -4.14
C SER A 126 8.54 15.32 -5.35
N GLY A 127 7.99 14.97 -6.52
CA GLY A 127 8.74 15.05 -7.76
C GLY A 127 7.89 15.63 -8.89
N GLY A 1 -32.07 3.49 18.78
CA GLY A 1 -30.76 3.16 18.24
C GLY A 1 -29.76 2.87 19.35
N SER A 2 -28.75 2.10 19.00
CA SER A 2 -27.71 1.74 19.96
C SER A 2 -26.64 0.89 19.29
N SER A 3 -25.43 1.00 19.79
CA SER A 3 -24.30 0.25 19.25
C SER A 3 -23.07 0.41 20.14
N GLY A 4 -22.07 -0.40 19.87
CA GLY A 4 -20.84 -0.35 20.63
C GLY A 4 -19.85 -1.42 20.16
N SER A 5 -18.69 -1.44 20.79
CA SER A 5 -17.67 -2.40 20.45
C SER A 5 -16.46 -2.26 21.39
N SER A 6 -15.62 -3.27 21.39
CA SER A 6 -14.43 -3.26 22.23
C SER A 6 -13.58 -4.49 21.94
N GLY A 7 -12.28 -4.35 22.18
CA GLY A 7 -11.35 -5.43 21.95
C GLY A 7 -10.06 -4.92 21.30
N LEU A 8 -8.96 -5.12 22.00
CA LEU A 8 -7.66 -4.68 21.50
C LEU A 8 -6.56 -5.51 22.17
N LYS A 9 -5.99 -6.41 21.38
CA LYS A 9 -4.93 -7.27 21.88
C LYS A 9 -3.72 -7.17 20.94
N GLY A 10 -2.60 -7.71 21.42
CA GLY A 10 -1.37 -7.68 20.65
C GLY A 10 -0.26 -8.44 21.37
N GLU A 11 0.82 -8.69 20.63
CA GLU A 11 1.96 -9.40 21.18
C GLU A 11 3.19 -9.18 20.31
N PRO A 12 3.64 -7.89 20.27
CA PRO A 12 4.81 -7.53 19.47
C PRO A 12 6.10 -7.99 20.16
N ASP A 13 6.22 -9.30 20.32
CA ASP A 13 7.38 -9.88 20.96
C ASP A 13 8.22 -10.63 19.91
N CYS A 14 9.27 -9.95 19.45
CA CYS A 14 10.15 -10.54 18.45
C CYS A 14 11.32 -9.59 18.24
N TYR A 15 12.35 -10.10 17.58
CA TYR A 15 13.54 -9.32 17.30
C TYR A 15 13.81 -9.25 15.79
N ALA A 16 13.90 -8.03 15.30
CA ALA A 16 14.15 -7.80 13.89
C ALA A 16 14.52 -6.34 13.66
N LEU A 17 15.31 -6.10 12.62
CA LEU A 17 15.72 -4.75 12.28
C LEU A 17 15.53 -4.53 10.79
N SER A 18 15.59 -3.26 10.41
CA SER A 18 15.42 -2.90 9.01
C SER A 18 16.24 -1.64 8.69
N LEU A 19 17.13 -1.78 7.73
CA LEU A 19 17.99 -0.67 7.32
C LEU A 19 17.11 0.51 6.94
N GLU A 20 17.76 1.67 6.79
CA GLU A 20 17.06 2.88 6.42
C GLU A 20 16.21 2.65 5.17
N SER A 21 14.93 3.00 5.29
CA SER A 21 14.01 2.83 4.18
C SER A 21 12.66 3.47 4.53
N SER A 22 11.91 3.79 3.48
CA SER A 22 10.60 4.40 3.67
C SER A 22 9.77 3.58 4.66
N GLU A 23 8.60 4.11 4.98
CA GLU A 23 7.71 3.44 5.91
C GLU A 23 6.59 2.72 5.15
N GLN A 24 6.03 1.72 5.81
CA GLN A 24 4.95 0.94 5.22
C GLN A 24 3.82 0.76 6.23
N LEU A 25 2.60 0.78 5.71
CA LEU A 25 1.42 0.61 6.55
C LEU A 25 0.56 -0.53 5.99
N THR A 26 -0.11 -1.22 6.90
CA THR A 26 -0.96 -2.33 6.52
C THR A 26 -2.31 -2.23 7.22
N LEU A 27 -3.35 -1.99 6.43
CA LEU A 27 -4.69 -1.87 6.96
C LEU A 27 -5.55 -3.01 6.43
N GLU A 28 -6.15 -3.74 7.36
CA GLU A 28 -7.00 -4.87 7.00
C GLU A 28 -8.43 -4.40 6.78
N ILE A 29 -9.07 -5.01 5.80
CA ILE A 29 -10.45 -4.66 5.47
C ILE A 29 -11.26 -5.95 5.32
N PRO A 30 -12.40 -6.00 6.07
CA PRO A 30 -13.28 -7.15 6.02
C PRO A 30 -14.09 -7.18 4.73
N LEU A 31 -14.21 -8.36 4.16
CA LEU A 31 -14.96 -8.53 2.92
C LEU A 31 -16.13 -9.48 3.17
N ASN A 32 -16.71 -9.36 4.35
CA ASN A 32 -17.84 -10.19 4.73
C ASN A 32 -19.00 -9.91 3.78
N ASP A 33 -19.49 -8.68 3.84
CA ASP A 33 -20.60 -8.27 3.00
C ASP A 33 -20.06 -7.56 1.75
N SER A 34 -18.91 -6.93 1.93
CA SER A 34 -18.28 -6.21 0.84
C SER A 34 -17.69 -7.19 -0.18
N GLY A 35 -17.19 -8.30 0.35
CA GLY A 35 -16.60 -9.33 -0.50
C GLY A 35 -17.49 -9.61 -1.71
N SER A 36 -18.80 -9.52 -1.49
CA SER A 36 -19.76 -9.76 -2.54
C SER A 36 -19.26 -9.16 -3.86
N ALA A 37 -19.26 -7.84 -3.89
CA ALA A 37 -18.80 -7.12 -5.09
C ALA A 37 -17.33 -6.76 -4.92
N GLY A 38 -16.84 -6.91 -3.70
CA GLY A 38 -15.45 -6.61 -3.40
C GLY A 38 -15.35 -5.40 -2.47
N LEU A 39 -14.12 -4.96 -2.25
CA LEU A 39 -13.87 -3.82 -1.39
C LEU A 39 -14.94 -2.75 -1.64
N GLY A 40 -14.92 -2.22 -2.86
CA GLY A 40 -15.88 -1.19 -3.25
C GLY A 40 -15.21 0.17 -3.35
N VAL A 41 -13.98 0.16 -3.88
CA VAL A 41 -13.23 1.38 -4.03
C VAL A 41 -12.53 1.36 -5.39
N SER A 42 -12.33 2.55 -5.95
CA SER A 42 -11.68 2.69 -7.24
C SER A 42 -10.21 3.11 -7.04
N LEU A 43 -9.37 2.62 -7.93
CA LEU A 43 -7.96 2.94 -7.87
C LEU A 43 -7.53 3.63 -9.16
N LYS A 44 -6.32 4.17 -9.14
CA LYS A 44 -5.78 4.86 -10.31
C LYS A 44 -4.44 4.25 -10.68
N GLY A 45 -4.11 4.34 -11.96
CA GLY A 45 -2.86 3.81 -12.46
C GLY A 45 -1.95 4.92 -12.98
N ASN A 46 -0.70 4.89 -12.54
CA ASN A 46 0.27 5.89 -12.96
C ASN A 46 1.34 5.22 -13.81
N LYS A 47 1.64 5.85 -14.94
CA LYS A 47 2.64 5.33 -15.85
C LYS A 47 3.78 6.35 -16.00
N SER A 48 4.97 5.83 -16.21
CA SER A 48 6.14 6.68 -16.36
C SER A 48 6.79 6.45 -17.72
N ARG A 49 7.18 7.54 -18.35
CA ARG A 49 7.82 7.47 -19.66
C ARG A 49 9.34 7.36 -19.51
N GLU A 50 9.86 8.06 -18.52
CA GLU A 50 11.28 8.06 -18.26
C GLU A 50 11.78 6.61 -18.12
N THR A 51 11.18 5.89 -17.18
CA THR A 51 11.55 4.51 -16.94
C THR A 51 10.97 3.60 -18.01
N GLY A 52 9.79 3.99 -18.51
CA GLY A 52 9.12 3.22 -19.54
C GLY A 52 8.47 1.97 -18.95
N THR A 53 7.81 2.16 -17.82
CA THR A 53 7.14 1.06 -17.15
C THR A 53 5.90 1.56 -16.40
N ASP A 54 5.38 0.69 -15.54
CA ASP A 54 4.20 1.04 -14.76
C ASP A 54 4.61 1.31 -13.32
N LEU A 55 4.54 2.58 -12.95
CA LEU A 55 4.90 2.99 -11.60
C LEU A 55 4.23 2.05 -10.60
N GLY A 56 2.94 1.82 -10.80
CA GLY A 56 2.18 0.95 -9.92
C GLY A 56 0.72 1.37 -9.85
N ILE A 57 0.05 0.94 -8.80
CA ILE A 57 -1.35 1.27 -8.60
C ILE A 57 -1.49 2.16 -7.37
N PHE A 58 -2.42 3.10 -7.46
CA PHE A 58 -2.67 4.02 -6.36
C PHE A 58 -4.16 4.26 -6.17
N ILE A 59 -4.59 4.16 -4.92
CA ILE A 59 -6.00 4.36 -4.59
C ILE A 59 -6.47 5.68 -5.22
N LYS A 60 -7.73 5.68 -5.61
CA LYS A 60 -8.32 6.87 -6.21
C LYS A 60 -9.15 7.62 -5.16
N SER A 61 -10.02 6.87 -4.50
CA SER A 61 -10.87 7.45 -3.47
C SER A 61 -11.67 6.36 -2.77
N ILE A 62 -12.06 6.64 -1.54
CA ILE A 62 -12.83 5.69 -0.75
C ILE A 62 -14.31 6.07 -0.80
N ILE A 63 -15.14 5.05 -0.93
CA ILE A 63 -16.57 5.27 -0.99
C ILE A 63 -17.17 5.11 0.41
N HIS A 64 -17.61 6.24 0.95
CA HIS A 64 -18.19 6.24 2.29
C HIS A 64 -19.48 5.41 2.28
N GLY A 65 -20.07 5.29 3.46
CA GLY A 65 -21.30 4.52 3.60
C GLY A 65 -21.15 3.11 3.03
N GLY A 66 -19.90 2.65 3.03
CA GLY A 66 -19.61 1.32 2.50
C GLY A 66 -18.68 0.56 3.45
N ALA A 67 -17.95 -0.39 2.88
CA ALA A 67 -17.03 -1.20 3.65
C ALA A 67 -15.69 -0.48 3.76
N ALA A 68 -15.11 -0.19 2.60
CA ALA A 68 -13.83 0.50 2.55
C ALA A 68 -13.90 1.74 3.44
N PHE A 69 -15.06 2.37 3.46
CA PHE A 69 -15.27 3.55 4.26
C PHE A 69 -14.54 3.44 5.61
N LYS A 70 -14.62 2.26 6.20
CA LYS A 70 -13.98 2.01 7.47
C LYS A 70 -12.50 2.40 7.38
N ASP A 71 -11.85 1.89 6.34
CA ASP A 71 -10.45 2.18 6.13
C ASP A 71 -10.30 3.51 5.39
N GLY A 72 -11.43 3.98 4.86
CA GLY A 72 -11.45 5.24 4.13
C GLY A 72 -10.51 6.25 4.76
N ARG A 73 -10.35 6.14 6.08
CA ARG A 73 -9.49 7.04 6.81
C ARG A 73 -8.23 7.35 6.00
N LEU A 74 -7.83 6.38 5.18
CA LEU A 74 -6.65 6.54 4.35
C LEU A 74 -6.89 7.68 3.36
N ARG A 75 -5.89 7.91 2.51
CA ARG A 75 -5.97 8.96 1.51
C ARG A 75 -5.56 8.42 0.14
N MET A 76 -6.41 8.68 -0.84
CA MET A 76 -6.14 8.23 -2.20
C MET A 76 -4.67 8.45 -2.57
N ASN A 77 -4.28 7.84 -3.68
CA ASN A 77 -2.90 7.96 -4.15
C ASN A 77 -2.02 6.96 -3.41
N ASP A 78 -2.65 6.22 -2.51
CA ASP A 78 -1.94 5.22 -1.72
C ASP A 78 -1.41 4.12 -2.65
N GLN A 79 -0.13 4.22 -2.96
CA GLN A 79 0.50 3.25 -3.83
C GLN A 79 0.43 1.85 -3.21
N LEU A 80 -0.01 0.89 -4.01
CA LEU A 80 -0.13 -0.48 -3.55
C LEU A 80 1.16 -1.23 -3.86
N ILE A 81 1.93 -1.48 -2.81
CA ILE A 81 3.20 -2.19 -2.95
C ILE A 81 2.95 -3.69 -2.82
N ALA A 82 1.68 -4.04 -2.65
CA ALA A 82 1.30 -5.43 -2.50
C ALA A 82 -0.14 -5.51 -2.00
N VAL A 83 -0.56 -6.73 -1.70
CA VAL A 83 -1.91 -6.97 -1.21
C VAL A 83 -2.03 -8.41 -0.71
N ASN A 84 -2.38 -8.52 0.57
CA ASN A 84 -2.53 -9.82 1.18
C ASN A 84 -1.22 -10.61 1.05
N GLY A 85 -0.14 -9.86 0.87
CA GLY A 85 1.17 -10.47 0.72
C GLY A 85 1.56 -10.58 -0.76
N GLU A 86 0.56 -10.37 -1.61
CA GLU A 86 0.79 -10.45 -3.04
C GLU A 86 1.41 -9.15 -3.56
N THR A 87 2.32 -9.29 -4.51
CA THR A 87 2.98 -8.14 -5.10
C THR A 87 2.11 -7.52 -6.18
N LEU A 88 2.42 -6.27 -6.50
CA LEU A 88 1.68 -5.54 -7.51
C LEU A 88 2.66 -4.82 -8.44
N LEU A 89 3.63 -4.17 -7.84
CA LEU A 89 4.63 -3.43 -8.59
C LEU A 89 5.18 -4.34 -9.70
N GLY A 90 5.34 -5.61 -9.35
CA GLY A 90 5.86 -6.58 -10.29
C GLY A 90 4.89 -6.79 -11.46
N LYS A 91 3.60 -6.67 -11.14
CA LYS A 91 2.56 -6.84 -12.15
C LYS A 91 2.45 -5.56 -12.98
N SER A 92 1.46 -5.55 -13.85
CA SER A 92 1.23 -4.40 -14.71
C SER A 92 0.04 -3.60 -14.19
N ASN A 93 -0.16 -2.43 -14.80
CA ASN A 93 -1.25 -1.56 -14.40
C ASN A 93 -2.56 -2.35 -14.42
N HIS A 94 -2.62 -3.31 -15.34
CA HIS A 94 -3.81 -4.15 -15.47
C HIS A 94 -3.78 -5.26 -14.42
N GLU A 95 -2.93 -6.24 -14.69
CA GLU A 95 -2.79 -7.37 -13.77
C GLU A 95 -2.88 -6.89 -12.32
N ALA A 96 -2.05 -5.91 -12.00
CA ALA A 96 -2.02 -5.35 -10.67
C ALA A 96 -3.44 -5.26 -10.12
N MET A 97 -4.22 -4.38 -10.73
CA MET A 97 -5.60 -4.18 -10.32
C MET A 97 -6.38 -5.50 -10.37
N GLU A 98 -5.92 -6.38 -11.24
CA GLU A 98 -6.57 -7.68 -11.41
C GLU A 98 -6.25 -8.57 -10.20
N THR A 99 -5.00 -8.49 -9.76
CA THR A 99 -4.56 -9.29 -8.63
C THR A 99 -5.40 -8.96 -7.39
N LEU A 100 -5.86 -7.73 -7.34
CA LEU A 100 -6.67 -7.29 -6.21
C LEU A 100 -7.94 -8.14 -6.14
N ARG A 101 -8.84 -7.91 -7.09
CA ARG A 101 -10.08 -8.64 -7.14
C ARG A 101 -9.83 -10.14 -6.90
N ARG A 102 -8.67 -10.59 -7.35
CA ARG A 102 -8.30 -11.99 -7.19
C ARG A 102 -8.14 -12.32 -5.70
N SER A 103 -7.23 -11.59 -5.06
CA SER A 103 -6.97 -11.79 -3.64
C SER A 103 -8.27 -11.70 -2.86
N MET A 104 -9.17 -10.87 -3.36
CA MET A 104 -10.46 -10.68 -2.70
C MET A 104 -11.27 -11.98 -2.70
N SER A 105 -11.40 -12.56 -3.89
CA SER A 105 -12.13 -13.80 -4.04
C SER A 105 -11.33 -14.96 -3.45
N MET A 106 -10.04 -14.74 -3.33
CA MET A 106 -9.15 -15.76 -2.79
C MET A 106 -9.14 -15.72 -1.25
N GLU A 107 -8.75 -14.58 -0.73
CA GLU A 107 -8.69 -14.40 0.71
C GLU A 107 -10.11 -14.26 1.28
N GLY A 108 -10.95 -13.54 0.56
CA GLY A 108 -12.32 -13.34 0.98
C GLY A 108 -13.11 -14.65 0.94
N ASN A 109 -12.47 -15.67 0.38
CA ASN A 109 -13.09 -16.98 0.28
C ASN A 109 -12.97 -17.71 1.61
N ILE A 110 -11.72 -17.90 2.03
CA ILE A 110 -11.45 -18.59 3.28
C ILE A 110 -11.23 -17.55 4.39
N ARG A 111 -10.47 -16.52 4.05
CA ARG A 111 -10.18 -15.46 5.00
C ARG A 111 -11.43 -14.62 5.26
N GLY A 112 -11.80 -13.83 4.26
CA GLY A 112 -12.97 -12.98 4.36
C GLY A 112 -12.57 -11.51 4.45
N MET A 113 -11.28 -11.27 4.25
CA MET A 113 -10.76 -9.91 4.32
C MET A 113 -9.70 -9.68 3.25
N ILE A 114 -9.16 -8.48 3.23
CA ILE A 114 -8.13 -8.12 2.26
C ILE A 114 -7.18 -7.10 2.88
N GLN A 115 -5.89 -7.32 2.65
CA GLN A 115 -4.87 -6.44 3.19
C GLN A 115 -4.30 -5.55 2.07
N LEU A 116 -4.03 -4.31 2.42
CA LEU A 116 -3.49 -3.36 1.46
C LEU A 116 -2.19 -2.77 2.01
N VAL A 117 -1.11 -3.03 1.30
CA VAL A 117 0.20 -2.54 1.71
C VAL A 117 0.51 -1.24 0.95
N ILE A 118 0.74 -0.19 1.71
CA ILE A 118 1.06 1.10 1.12
C ILE A 118 2.48 1.50 1.50
N LEU A 119 3.00 2.49 0.79
CA LEU A 119 4.35 2.97 1.04
C LEU A 119 4.33 4.50 1.10
N ARG A 120 4.89 5.03 2.18
CA ARG A 120 4.94 6.47 2.37
C ARG A 120 6.24 6.86 3.08
N ARG A 121 6.91 7.86 2.51
CA ARG A 121 8.16 8.34 3.07
C ARG A 121 7.98 8.71 4.55
N SER A 122 9.11 8.89 5.21
CA SER A 122 9.08 9.24 6.63
C SER A 122 8.13 10.41 6.86
N GLY A 123 8.20 11.37 5.95
CA GLY A 123 7.34 12.55 6.04
C GLY A 123 6.58 12.79 4.73
N PRO A 124 5.36 13.35 4.87
CA PRO A 124 4.54 13.64 3.71
C PRO A 124 5.05 14.86 2.95
N SER A 125 6.29 14.75 2.48
CA SER A 125 6.92 15.84 1.74
C SER A 125 6.56 15.73 0.26
N SER A 126 5.87 16.74 -0.23
CA SER A 126 5.45 16.77 -1.62
C SER A 126 4.82 18.13 -1.95
N GLY A 127 5.54 18.90 -2.74
CA GLY A 127 5.06 20.22 -3.14
C GLY A 127 6.12 20.97 -3.96
N GLY A 1 27.67 30.39 44.47
CA GLY A 1 26.54 29.60 44.01
C GLY A 1 25.97 28.75 45.14
N SER A 2 26.38 27.50 45.18
CA SER A 2 25.91 26.58 46.20
C SER A 2 24.43 26.27 45.99
N SER A 3 24.08 25.01 46.18
CA SER A 3 22.71 24.58 46.01
C SER A 3 22.60 23.07 46.23
N GLY A 4 21.37 22.60 46.34
CA GLY A 4 21.11 21.19 46.56
C GLY A 4 19.62 20.88 46.47
N SER A 5 19.29 20.02 45.50
CA SER A 5 17.90 19.63 45.31
C SER A 5 17.83 18.44 44.37
N SER A 6 17.04 17.45 44.77
CA SER A 6 16.88 16.24 43.98
C SER A 6 15.61 15.50 44.41
N GLY A 7 15.24 14.52 43.60
CA GLY A 7 14.05 13.73 43.89
C GLY A 7 14.28 12.25 43.57
N LEU A 8 13.42 11.72 42.72
CA LEU A 8 13.52 10.32 42.32
C LEU A 8 12.95 10.15 40.92
N LYS A 9 13.83 9.76 40.00
CA LYS A 9 13.43 9.55 38.62
C LYS A 9 14.56 8.85 37.87
N GLY A 10 14.25 8.46 36.64
CA GLY A 10 15.22 7.78 35.81
C GLY A 10 15.25 8.37 34.40
N GLU A 11 14.15 8.20 33.69
CA GLU A 11 14.04 8.71 32.33
C GLU A 11 15.00 7.96 31.41
N PRO A 12 14.41 7.33 30.35
CA PRO A 12 15.19 6.58 29.39
C PRO A 12 15.95 7.53 28.45
N ASP A 13 16.93 8.22 29.01
CA ASP A 13 17.74 9.16 28.23
C ASP A 13 18.26 8.45 26.98
N CYS A 14 18.94 7.33 27.20
CA CYS A 14 19.49 6.56 26.10
C CYS A 14 18.39 6.38 25.05
N TYR A 15 18.83 6.36 23.79
CA TYR A 15 17.91 6.20 22.68
C TYR A 15 18.52 5.33 21.58
N ALA A 16 17.70 5.02 20.59
CA ALA A 16 18.15 4.21 19.47
C ALA A 16 17.63 4.82 18.16
N LEU A 17 18.55 5.43 17.43
CA LEU A 17 18.20 6.05 16.16
C LEU A 17 18.06 4.97 15.09
N SER A 18 17.41 5.34 14.01
CA SER A 18 17.20 4.41 12.91
C SER A 18 17.69 5.04 11.60
N LEU A 19 18.13 4.18 10.69
CA LEU A 19 18.62 4.63 9.41
C LEU A 19 17.43 4.85 8.45
N GLU A 20 17.69 5.66 7.43
CA GLU A 20 16.66 5.95 6.45
C GLU A 20 15.87 4.70 6.10
N SER A 21 14.55 4.84 6.10
CA SER A 21 13.68 3.72 5.78
C SER A 21 12.29 4.24 5.42
N SER A 22 11.70 3.61 4.41
CA SER A 22 10.38 3.99 3.95
C SER A 22 9.34 3.72 5.05
N GLU A 23 8.11 4.09 4.76
CA GLU A 23 7.03 3.89 5.71
C GLU A 23 5.89 3.11 5.05
N GLN A 24 5.55 1.99 5.68
CA GLN A 24 4.48 1.13 5.18
C GLN A 24 3.49 0.81 6.30
N LEU A 25 2.22 0.77 5.92
CA LEU A 25 1.17 0.47 6.87
C LEU A 25 0.27 -0.63 6.31
N THR A 26 0.11 -1.69 7.10
CA THR A 26 -0.71 -2.81 6.69
C THR A 26 -2.10 -2.71 7.33
N LEU A 27 -3.08 -2.43 6.48
CA LEU A 27 -4.46 -2.30 6.94
C LEU A 27 -5.27 -3.50 6.43
N GLU A 28 -5.93 -4.17 7.38
CA GLU A 28 -6.74 -5.32 7.03
C GLU A 28 -8.22 -4.98 7.12
N ILE A 29 -8.88 -5.04 5.97
CA ILE A 29 -10.30 -4.74 5.91
C ILE A 29 -11.08 -6.02 5.63
N PRO A 30 -12.09 -6.28 6.51
CA PRO A 30 -12.91 -7.47 6.37
C PRO A 30 -13.92 -7.30 5.24
N LEU A 31 -14.14 -8.40 4.51
CA LEU A 31 -15.07 -8.38 3.40
C LEU A 31 -16.23 -9.33 3.70
N ASN A 32 -16.63 -9.34 4.96
CA ASN A 32 -17.73 -10.21 5.38
C ASN A 32 -18.99 -9.86 4.59
N ASP A 33 -19.44 -8.63 4.79
CA ASP A 33 -20.63 -8.16 4.10
C ASP A 33 -20.23 -7.35 2.88
N SER A 34 -18.99 -6.86 2.91
CA SER A 34 -18.46 -6.08 1.81
C SER A 34 -18.13 -6.99 0.63
N GLY A 35 -17.36 -8.02 0.91
CA GLY A 35 -16.96 -8.97 -0.11
C GLY A 35 -18.10 -9.21 -1.11
N SER A 36 -19.29 -9.37 -0.57
CA SER A 36 -20.46 -9.61 -1.40
C SER A 36 -20.40 -8.72 -2.65
N ALA A 37 -20.24 -7.43 -2.41
CA ALA A 37 -20.16 -6.46 -3.50
C ALA A 37 -18.70 -6.24 -3.87
N GLY A 38 -17.85 -6.22 -2.85
CA GLY A 38 -16.43 -6.01 -3.06
C GLY A 38 -15.89 -4.93 -2.12
N LEU A 39 -14.68 -4.48 -2.43
CA LEU A 39 -14.05 -3.45 -1.63
C LEU A 39 -14.93 -2.21 -1.60
N GLY A 40 -15.10 -1.60 -2.76
CA GLY A 40 -15.92 -0.42 -2.88
C GLY A 40 -15.05 0.84 -2.99
N VAL A 41 -13.94 0.70 -3.68
CA VAL A 41 -13.02 1.81 -3.85
C VAL A 41 -12.47 1.80 -5.28
N SER A 42 -12.05 2.97 -5.73
CA SER A 42 -11.51 3.12 -7.08
C SER A 42 -10.03 3.49 -7.01
N LEU A 43 -9.26 2.92 -7.91
CA LEU A 43 -7.84 3.18 -7.97
C LEU A 43 -7.49 3.81 -9.33
N LYS A 44 -6.26 4.30 -9.42
CA LYS A 44 -5.80 4.91 -10.64
C LYS A 44 -4.41 4.36 -11.00
N GLY A 45 -4.23 4.08 -12.28
CA GLY A 45 -2.98 3.53 -12.76
C GLY A 45 -2.09 4.65 -13.33
N ASN A 46 -0.84 4.67 -12.87
CA ASN A 46 0.10 5.67 -13.32
C ASN A 46 1.24 4.99 -14.07
N LYS A 47 1.66 5.61 -15.16
CA LYS A 47 2.73 5.07 -15.97
C LYS A 47 3.81 6.14 -16.16
N SER A 48 5.04 5.67 -16.29
CA SER A 48 6.16 6.57 -16.47
C SER A 48 6.72 6.44 -17.89
N ARG A 49 6.92 7.59 -18.53
CA ARG A 49 7.44 7.61 -19.88
C ARG A 49 8.97 7.48 -19.86
N GLU A 50 9.60 8.32 -19.07
CA GLU A 50 11.05 8.31 -18.95
C GLU A 50 11.56 6.87 -18.90
N THR A 51 11.06 6.13 -17.91
CA THR A 51 11.46 4.74 -17.75
C THR A 51 10.68 3.84 -18.72
N GLY A 52 9.39 4.09 -18.79
CA GLY A 52 8.53 3.31 -19.68
C GLY A 52 7.86 2.16 -18.92
N THR A 53 8.11 2.13 -17.61
CA THR A 53 7.55 1.09 -16.77
C THR A 53 6.32 1.62 -16.02
N ASP A 54 5.50 0.68 -15.55
CA ASP A 54 4.30 1.04 -14.82
C ASP A 54 4.67 1.36 -13.36
N LEU A 55 4.42 2.59 -12.97
CA LEU A 55 4.70 3.04 -11.62
C LEU A 55 4.02 2.09 -10.63
N GLY A 56 2.82 1.69 -10.99
CA GLY A 56 2.05 0.78 -10.14
C GLY A 56 0.59 1.22 -10.05
N ILE A 57 -0.01 0.96 -8.90
CA ILE A 57 -1.40 1.32 -8.68
C ILE A 57 -1.49 2.34 -7.54
N PHE A 58 -2.30 3.36 -7.76
CA PHE A 58 -2.48 4.40 -6.76
C PHE A 58 -3.96 4.59 -6.43
N ILE A 59 -4.26 4.53 -5.13
CA ILE A 59 -5.62 4.69 -4.67
C ILE A 59 -6.19 5.99 -5.23
N LYS A 60 -7.49 5.97 -5.47
CA LYS A 60 -8.18 7.14 -6.01
C LYS A 60 -8.87 7.88 -4.86
N SER A 61 -9.74 7.15 -4.18
CA SER A 61 -10.48 7.73 -3.07
C SER A 61 -11.38 6.66 -2.43
N ILE A 62 -11.58 6.81 -1.13
CA ILE A 62 -12.43 5.87 -0.40
C ILE A 62 -13.87 6.37 -0.40
N ILE A 63 -14.78 5.45 -0.71
CA ILE A 63 -16.19 5.79 -0.76
C ILE A 63 -16.79 5.65 0.65
N HIS A 64 -17.77 6.48 0.93
CA HIS A 64 -18.43 6.44 2.23
C HIS A 64 -19.68 5.56 2.15
N GLY A 65 -20.33 5.39 3.29
CA GLY A 65 -21.52 4.57 3.36
C GLY A 65 -21.24 3.14 2.93
N GLY A 66 -19.97 2.76 3.06
CA GLY A 66 -19.55 1.42 2.69
C GLY A 66 -18.62 0.83 3.75
N ALA A 67 -17.85 -0.17 3.32
CA ALA A 67 -16.91 -0.82 4.21
C ALA A 67 -15.58 -0.06 4.21
N ALA A 68 -15.05 0.11 3.01
CA ALA A 68 -13.78 0.82 2.85
C ALA A 68 -13.84 2.12 3.66
N PHE A 69 -15.00 2.75 3.64
CA PHE A 69 -15.19 3.99 4.36
C PHE A 69 -14.47 3.95 5.72
N LYS A 70 -14.68 2.86 6.43
CA LYS A 70 -14.06 2.69 7.73
C LYS A 70 -12.54 2.82 7.59
N ASP A 71 -12.01 2.15 6.58
CA ASP A 71 -10.58 2.18 6.33
C ASP A 71 -10.21 3.51 5.65
N GLY A 72 -11.25 4.19 5.19
CA GLY A 72 -11.06 5.47 4.52
C GLY A 72 -9.95 6.29 5.20
N ARG A 73 -9.79 6.04 6.48
CA ARG A 73 -8.77 6.74 7.25
C ARG A 73 -7.50 6.91 6.43
N LEU A 74 -7.29 5.97 5.52
CA LEU A 74 -6.12 6.00 4.66
C LEU A 74 -6.21 7.22 3.73
N ARG A 75 -5.14 7.41 2.96
CA ARG A 75 -5.09 8.52 2.03
C ARG A 75 -4.88 8.01 0.61
N MET A 76 -5.77 8.44 -0.28
CA MET A 76 -5.71 8.03 -1.67
C MET A 76 -4.43 8.56 -2.33
N ASN A 77 -4.29 8.25 -3.61
CA ASN A 77 -3.13 8.69 -4.36
C ASN A 77 -1.88 7.98 -3.82
N ASP A 78 -2.12 6.90 -3.10
CA ASP A 78 -1.04 6.13 -2.51
C ASP A 78 -0.42 5.24 -3.60
N GLN A 79 0.25 4.18 -3.14
CA GLN A 79 0.89 3.25 -4.05
C GLN A 79 0.81 1.83 -3.49
N LEU A 80 -0.03 1.01 -4.12
CA LEU A 80 -0.20 -0.36 -3.70
C LEU A 80 1.10 -1.14 -3.96
N ILE A 81 1.67 -1.65 -2.88
CA ILE A 81 2.91 -2.40 -2.97
C ILE A 81 2.61 -3.89 -2.76
N ALA A 82 1.31 -4.19 -2.66
CA ALA A 82 0.88 -5.56 -2.45
C ALA A 82 -0.58 -5.56 -1.99
N VAL A 83 -1.12 -6.77 -1.89
CA VAL A 83 -2.50 -6.93 -1.46
C VAL A 83 -2.74 -8.38 -1.04
N ASN A 84 -3.11 -8.54 0.21
CA ASN A 84 -3.38 -9.87 0.76
C ASN A 84 -2.07 -10.66 0.79
N GLY A 85 -0.96 -9.94 0.69
CA GLY A 85 0.34 -10.56 0.70
C GLY A 85 0.89 -10.73 -0.72
N GLU A 86 -0.01 -10.56 -1.69
CA GLU A 86 0.37 -10.69 -3.09
C GLU A 86 1.01 -9.39 -3.59
N THR A 87 2.01 -9.56 -4.44
CA THR A 87 2.71 -8.41 -5.00
C THR A 87 1.86 -7.74 -6.09
N LEU A 88 2.18 -6.49 -6.35
CA LEU A 88 1.46 -5.73 -7.36
C LEU A 88 2.46 -5.06 -8.30
N LEU A 89 3.48 -4.45 -7.70
CA LEU A 89 4.51 -3.77 -8.47
C LEU A 89 5.02 -4.71 -9.56
N GLY A 90 5.17 -5.97 -9.19
CA GLY A 90 5.65 -6.98 -10.13
C GLY A 90 4.69 -7.13 -11.31
N LYS A 91 3.44 -6.74 -11.07
CA LYS A 91 2.42 -6.83 -12.10
C LYS A 91 2.34 -5.51 -12.84
N SER A 92 1.25 -5.35 -13.59
CA SER A 92 1.03 -4.13 -14.35
C SER A 92 -0.14 -3.34 -13.77
N ASN A 93 -0.47 -2.25 -14.43
CA ASN A 93 -1.58 -1.40 -13.99
C ASN A 93 -2.89 -2.18 -14.10
N HIS A 94 -2.86 -3.19 -14.96
CA HIS A 94 -4.05 -4.01 -15.18
C HIS A 94 -4.00 -5.24 -14.26
N GLU A 95 -3.12 -6.17 -14.62
CA GLU A 95 -2.97 -7.39 -13.85
C GLU A 95 -3.14 -7.09 -12.36
N ALA A 96 -2.49 -6.02 -11.92
CA ALA A 96 -2.57 -5.62 -10.52
C ALA A 96 -4.04 -5.46 -10.12
N MET A 97 -4.65 -4.41 -10.66
CA MET A 97 -6.04 -4.13 -10.37
C MET A 97 -6.87 -5.42 -10.36
N GLU A 98 -6.52 -6.31 -11.28
CA GLU A 98 -7.21 -7.58 -11.40
C GLU A 98 -6.98 -8.43 -10.16
N THR A 99 -5.72 -8.52 -9.76
CA THR A 99 -5.35 -9.30 -8.59
C THR A 99 -6.17 -8.85 -7.38
N LEU A 100 -6.48 -7.56 -7.35
CA LEU A 100 -7.25 -7.01 -6.25
C LEU A 100 -8.57 -7.78 -6.12
N ARG A 101 -9.46 -7.53 -7.07
CA ARG A 101 -10.75 -8.19 -7.08
C ARG A 101 -10.58 -9.70 -6.92
N ARG A 102 -9.55 -10.21 -7.55
CA ARG A 102 -9.26 -11.64 -7.49
C ARG A 102 -9.17 -12.10 -6.03
N SER A 103 -8.33 -11.40 -5.28
CA SER A 103 -8.16 -11.71 -3.87
C SER A 103 -9.43 -11.40 -3.08
N MET A 104 -10.05 -10.29 -3.45
CA MET A 104 -11.26 -9.85 -2.80
C MET A 104 -12.35 -10.91 -2.93
N SER A 105 -12.24 -11.71 -3.97
CA SER A 105 -13.22 -12.76 -4.22
C SER A 105 -12.70 -14.09 -3.66
N MET A 106 -11.42 -14.33 -3.88
CA MET A 106 -10.79 -15.55 -3.41
C MET A 106 -10.25 -15.38 -1.99
N GLU A 107 -9.24 -14.53 -1.88
CA GLU A 107 -8.62 -14.26 -0.59
C GLU A 107 -9.68 -13.82 0.42
N GLY A 108 -10.80 -13.35 -0.11
CA GLY A 108 -11.89 -12.88 0.73
C GLY A 108 -12.94 -13.99 0.93
N ASN A 109 -12.73 -15.08 0.21
CA ASN A 109 -13.64 -16.21 0.29
C ASN A 109 -13.17 -17.16 1.40
N ILE A 110 -11.91 -17.56 1.30
CA ILE A 110 -11.33 -18.47 2.28
C ILE A 110 -11.01 -17.68 3.56
N ARG A 111 -10.50 -16.48 3.36
CA ARG A 111 -10.15 -15.62 4.47
C ARG A 111 -11.37 -14.86 4.97
N GLY A 112 -11.80 -13.89 4.16
CA GLY A 112 -12.96 -13.09 4.50
C GLY A 112 -12.59 -11.61 4.60
N MET A 113 -11.36 -11.32 4.19
CA MET A 113 -10.87 -9.94 4.23
C MET A 113 -9.72 -9.75 3.24
N ILE A 114 -9.29 -8.50 3.12
CA ILE A 114 -8.20 -8.17 2.22
C ILE A 114 -7.25 -7.20 2.92
N GLN A 115 -5.97 -7.32 2.56
CA GLN A 115 -4.95 -6.46 3.14
C GLN A 115 -4.40 -5.49 2.08
N LEU A 116 -4.17 -4.27 2.52
CA LEU A 116 -3.65 -3.25 1.62
C LEU A 116 -2.32 -2.71 2.18
N VAL A 117 -1.28 -2.89 1.39
CA VAL A 117 0.05 -2.43 1.80
C VAL A 117 0.39 -1.14 1.05
N ILE A 118 0.45 -0.06 1.81
CA ILE A 118 0.76 1.23 1.23
C ILE A 118 2.17 1.65 1.65
N LEU A 119 2.81 2.42 0.79
CA LEU A 119 4.16 2.89 1.06
C LEU A 119 4.18 4.42 1.00
N ARG A 120 4.74 5.01 2.05
CA ARG A 120 4.84 6.46 2.14
C ARG A 120 6.27 6.88 2.43
N ARG A 121 6.75 7.84 1.64
CA ARG A 121 8.11 8.34 1.81
C ARG A 121 8.28 8.91 3.22
N SER A 122 9.47 9.46 3.45
CA SER A 122 9.79 10.04 4.74
C SER A 122 8.60 10.87 5.25
N GLY A 123 8.35 11.97 4.55
CA GLY A 123 7.26 12.85 4.90
C GLY A 123 6.27 13.00 3.74
N PRO A 124 5.43 14.08 3.84
CA PRO A 124 4.45 14.35 2.80
C PRO A 124 5.11 14.93 1.56
N SER A 125 5.69 14.05 0.76
CA SER A 125 6.35 14.47 -0.47
C SER A 125 5.37 14.46 -1.63
N SER A 126 5.05 15.65 -2.10
CA SER A 126 4.12 15.80 -3.21
C SER A 126 4.30 17.18 -3.85
N GLY A 127 4.66 17.15 -5.12
CA GLY A 127 4.85 18.38 -5.88
C GLY A 127 5.95 18.21 -6.94
N GLY A 1 55.52 34.36 38.69
CA GLY A 1 55.60 33.13 39.47
C GLY A 1 54.85 32.00 38.78
N SER A 2 55.27 31.70 37.56
CA SER A 2 54.65 30.64 36.78
C SER A 2 53.15 30.91 36.63
N SER A 3 52.53 30.19 35.71
CA SER A 3 51.11 30.34 35.47
C SER A 3 50.67 29.39 34.35
N GLY A 4 49.36 29.20 34.27
CA GLY A 4 48.80 28.32 33.26
C GLY A 4 47.29 28.55 33.11
N SER A 5 46.70 27.81 32.17
CA SER A 5 45.27 27.93 31.91
C SER A 5 44.84 26.87 30.90
N SER A 6 43.53 26.73 30.79
CA SER A 6 42.97 25.75 29.86
C SER A 6 41.47 26.02 29.66
N GLY A 7 40.92 25.40 28.63
CA GLY A 7 39.52 25.56 28.31
C GLY A 7 39.31 26.68 27.30
N LEU A 8 38.25 27.45 27.52
CA LEU A 8 37.92 28.55 26.63
C LEU A 8 37.53 28.00 25.25
N LYS A 9 36.40 28.50 24.76
CA LYS A 9 35.90 28.06 23.47
C LYS A 9 35.48 26.60 23.56
N GLY A 10 34.62 26.20 22.62
CA GLY A 10 34.13 24.83 22.58
C GLY A 10 32.67 24.79 22.13
N GLU A 11 32.44 24.05 21.05
CA GLU A 11 31.10 23.91 20.51
C GLU A 11 30.81 22.46 20.16
N PRO A 12 30.42 21.69 21.21
CA PRO A 12 30.11 20.28 21.03
C PRO A 12 28.76 20.09 20.34
N ASP A 13 28.70 20.53 19.09
CA ASP A 13 27.48 20.43 18.31
C ASP A 13 27.64 19.31 17.27
N CYS A 14 27.15 18.14 17.62
CA CYS A 14 27.24 16.99 16.73
C CYS A 14 25.81 16.48 16.48
N TYR A 15 25.67 15.79 15.36
CA TYR A 15 24.37 15.24 14.99
C TYR A 15 24.49 13.77 14.59
N ALA A 16 23.38 13.07 14.70
CA ALA A 16 23.34 11.65 14.36
C ALA A 16 22.65 11.48 13.02
N LEU A 17 23.27 10.68 12.15
CA LEU A 17 22.72 10.42 10.83
C LEU A 17 21.63 9.35 10.95
N SER A 18 20.80 9.30 9.91
CA SER A 18 19.71 8.34 9.88
C SER A 18 19.69 7.62 8.52
N LEU A 19 19.82 6.31 8.59
CA LEU A 19 19.82 5.49 7.38
C LEU A 19 18.54 5.77 6.59
N GLU A 20 18.58 5.38 5.32
CA GLU A 20 17.43 5.58 4.45
C GLU A 20 16.40 4.47 4.66
N SER A 21 15.18 4.88 4.90
CA SER A 21 14.09 3.94 5.12
C SER A 21 12.78 4.51 4.56
N SER A 22 11.72 3.74 4.74
CA SER A 22 10.41 4.15 4.26
C SER A 22 9.34 3.81 5.31
N GLU A 23 8.14 4.30 5.06
CA GLU A 23 7.03 4.06 5.97
C GLU A 23 5.98 3.17 5.30
N GLN A 24 5.68 2.07 5.98
CA GLN A 24 4.70 1.12 5.46
C GLN A 24 3.58 0.92 6.47
N LEU A 25 2.37 0.82 5.96
CA LEU A 25 1.21 0.61 6.81
C LEU A 25 0.31 -0.47 6.20
N THR A 26 0.12 -1.53 6.95
CA THR A 26 -0.71 -2.64 6.50
C THR A 26 -2.09 -2.57 7.15
N LEU A 27 -3.07 -2.20 6.33
CA LEU A 27 -4.44 -2.09 6.81
C LEU A 27 -5.28 -3.21 6.20
N GLU A 28 -5.98 -3.92 7.07
CA GLU A 28 -6.83 -5.02 6.63
C GLU A 28 -8.30 -4.61 6.71
N ILE A 29 -9.06 -5.09 5.73
CA ILE A 29 -10.48 -4.79 5.67
C ILE A 29 -11.25 -6.07 5.34
N PRO A 30 -12.34 -6.30 6.12
CA PRO A 30 -13.17 -7.48 5.92
C PRO A 30 -14.05 -7.32 4.67
N LEU A 31 -14.34 -8.44 4.04
CA LEU A 31 -15.17 -8.45 2.84
C LEU A 31 -16.27 -9.49 2.98
N ASN A 32 -17.00 -9.39 4.09
CA ASN A 32 -18.08 -10.32 4.35
C ASN A 32 -19.37 -9.82 3.69
N ASP A 33 -19.75 -8.60 4.06
CA ASP A 33 -20.95 -7.99 3.50
C ASP A 33 -20.58 -7.20 2.25
N SER A 34 -19.45 -6.52 2.33
CA SER A 34 -18.97 -5.71 1.22
C SER A 34 -18.39 -6.63 0.13
N GLY A 35 -17.88 -7.77 0.57
CA GLY A 35 -17.30 -8.73 -0.36
C GLY A 35 -18.21 -8.95 -1.56
N SER A 36 -19.51 -8.99 -1.29
CA SER A 36 -20.49 -9.19 -2.35
C SER A 36 -20.07 -8.43 -3.60
N ALA A 37 -19.89 -7.13 -3.43
CA ALA A 37 -19.49 -6.28 -4.55
C ALA A 37 -17.96 -6.14 -4.55
N GLY A 38 -17.39 -6.30 -3.36
CA GLY A 38 -15.95 -6.19 -3.22
C GLY A 38 -15.58 -5.04 -2.29
N LEU A 39 -14.28 -4.74 -2.25
CA LEU A 39 -13.79 -3.67 -1.41
C LEU A 39 -14.77 -2.50 -1.45
N GLY A 40 -14.83 -1.87 -2.63
CA GLY A 40 -15.73 -0.73 -2.81
C GLY A 40 -14.93 0.58 -2.88
N VAL A 41 -13.83 0.54 -3.63
CA VAL A 41 -12.99 1.70 -3.78
C VAL A 41 -12.44 1.75 -5.21
N SER A 42 -12.05 2.94 -5.62
CA SER A 42 -11.51 3.14 -6.96
C SER A 42 -10.03 3.50 -6.87
N LEU A 43 -9.26 2.94 -7.79
CA LEU A 43 -7.83 3.19 -7.83
C LEU A 43 -7.47 3.84 -9.17
N LYS A 44 -6.20 4.21 -9.29
CA LYS A 44 -5.72 4.83 -10.50
C LYS A 44 -4.38 4.22 -10.89
N GLY A 45 -4.21 4.00 -12.19
CA GLY A 45 -2.98 3.41 -12.71
C GLY A 45 -2.07 4.50 -13.28
N ASN A 46 -0.89 4.62 -12.68
CA ASN A 46 0.07 5.61 -13.12
C ASN A 46 1.16 4.91 -13.95
N LYS A 47 1.49 5.52 -15.08
CA LYS A 47 2.50 4.98 -15.95
C LYS A 47 3.48 6.08 -16.35
N SER A 48 4.73 5.68 -16.56
CA SER A 48 5.77 6.63 -16.93
C SER A 48 6.23 6.34 -18.37
N ARG A 49 6.41 7.42 -19.12
CA ARG A 49 6.85 7.30 -20.50
C ARG A 49 8.38 7.33 -20.57
N GLU A 50 8.97 8.15 -19.71
CA GLU A 50 10.41 8.28 -19.67
C GLU A 50 11.05 6.92 -19.38
N THR A 51 10.65 6.33 -18.27
CA THR A 51 11.18 5.04 -17.87
C THR A 51 10.52 3.92 -18.68
N GLY A 52 9.33 4.22 -19.18
CA GLY A 52 8.59 3.26 -19.96
C GLY A 52 8.21 2.03 -19.13
N THR A 53 7.80 2.29 -17.90
CA THR A 53 7.42 1.24 -16.99
C THR A 53 6.21 1.65 -16.15
N ASP A 54 5.52 0.66 -15.62
CA ASP A 54 4.34 0.92 -14.80
C ASP A 54 4.78 1.30 -13.39
N LEU A 55 4.50 2.55 -13.03
CA LEU A 55 4.86 3.06 -11.72
C LEU A 55 4.20 2.19 -10.65
N GLY A 56 2.98 1.75 -10.95
CA GLY A 56 2.23 0.92 -10.01
C GLY A 56 0.78 1.38 -9.92
N ILE A 57 0.10 0.88 -8.90
CA ILE A 57 -1.29 1.23 -8.67
C ILE A 57 -1.38 2.22 -7.51
N PHE A 58 -2.35 3.12 -7.61
CA PHE A 58 -2.55 4.12 -6.57
C PHE A 58 -4.05 4.29 -6.27
N ILE A 59 -4.34 4.45 -4.99
CA ILE A 59 -5.72 4.63 -4.55
C ILE A 59 -6.25 5.95 -5.11
N LYS A 60 -7.55 5.95 -5.40
CA LYS A 60 -8.19 7.14 -5.93
C LYS A 60 -8.88 7.89 -4.79
N SER A 61 -9.74 7.19 -4.09
CA SER A 61 -10.48 7.78 -2.98
C SER A 61 -11.37 6.72 -2.32
N ILE A 62 -11.55 6.88 -1.02
CA ILE A 62 -12.37 5.96 -0.26
C ILE A 62 -13.83 6.42 -0.32
N ILE A 63 -14.72 5.45 -0.51
CA ILE A 63 -16.14 5.75 -0.58
C ILE A 63 -16.74 5.69 0.82
N HIS A 64 -16.95 6.87 1.39
CA HIS A 64 -17.52 6.97 2.72
C HIS A 64 -18.95 6.43 2.71
N GLY A 65 -19.39 5.98 3.88
CA GLY A 65 -20.73 5.44 4.02
C GLY A 65 -20.78 3.98 3.57
N GLY A 66 -19.60 3.41 3.38
CA GLY A 66 -19.49 2.03 2.95
C GLY A 66 -18.55 1.24 3.86
N ALA A 67 -17.91 0.23 3.27
CA ALA A 67 -16.99 -0.60 4.01
C ALA A 67 -15.63 0.09 4.07
N ALA A 68 -15.02 0.24 2.91
CA ALA A 68 -13.71 0.88 2.82
C ALA A 68 -13.70 2.11 3.74
N PHE A 69 -14.84 2.76 3.84
CA PHE A 69 -14.96 3.93 4.68
C PHE A 69 -14.16 3.79 5.97
N LYS A 70 -14.35 2.64 6.61
CA LYS A 70 -13.65 2.35 7.85
C LYS A 70 -12.16 2.68 7.68
N ASP A 71 -11.50 1.84 6.89
CA ASP A 71 -10.07 2.01 6.64
C ASP A 71 -9.86 3.34 5.91
N GLY A 72 -10.96 3.89 5.42
CA GLY A 72 -10.90 5.15 4.69
C GLY A 72 -9.86 6.09 5.31
N ARG A 73 -9.67 5.94 6.61
CA ARG A 73 -8.71 6.77 7.33
C ARG A 73 -7.46 6.98 6.48
N LEU A 74 -7.18 6.01 5.62
CA LEU A 74 -6.03 6.07 4.76
C LEU A 74 -6.19 7.24 3.77
N ARG A 75 -5.12 7.52 3.05
CA ARG A 75 -5.14 8.59 2.08
C ARG A 75 -4.90 8.05 0.67
N MET A 76 -5.78 8.44 -0.24
CA MET A 76 -5.67 7.99 -1.62
C MET A 76 -4.26 8.23 -2.17
N ASN A 77 -4.10 7.95 -3.45
CA ASN A 77 -2.82 8.12 -4.10
C ASN A 77 -1.78 7.22 -3.43
N ASP A 78 -2.29 6.28 -2.65
CA ASP A 78 -1.42 5.35 -1.94
C ASP A 78 -1.01 4.23 -2.88
N GLN A 79 0.30 4.02 -2.96
CA GLN A 79 0.85 2.97 -3.82
C GLN A 79 0.72 1.61 -3.15
N LEU A 80 0.19 0.66 -3.91
CA LEU A 80 0.02 -0.69 -3.39
C LEU A 80 1.30 -1.49 -3.63
N ILE A 81 2.12 -1.56 -2.59
CA ILE A 81 3.37 -2.28 -2.67
C ILE A 81 3.11 -3.78 -2.56
N ALA A 82 1.84 -4.10 -2.31
CA ALA A 82 1.43 -5.48 -2.18
C ALA A 82 0.01 -5.55 -1.62
N VAL A 83 -0.54 -6.76 -1.59
CA VAL A 83 -1.88 -6.96 -1.09
C VAL A 83 -2.05 -8.43 -0.68
N ASN A 84 -2.67 -8.63 0.47
CA ASN A 84 -2.90 -9.96 0.98
C ASN A 84 -1.64 -10.80 0.79
N GLY A 85 -0.53 -10.26 1.27
CA GLY A 85 0.75 -10.96 1.16
C GLY A 85 1.09 -11.26 -0.30
N GLU A 86 0.49 -10.47 -1.18
CA GLU A 86 0.71 -10.64 -2.60
C GLU A 86 1.43 -9.42 -3.18
N THR A 87 2.28 -9.68 -4.16
CA THR A 87 3.04 -8.62 -4.80
C THR A 87 2.21 -7.95 -5.88
N LEU A 88 2.48 -6.67 -6.09
CA LEU A 88 1.76 -5.91 -7.10
C LEU A 88 2.76 -5.22 -8.02
N LEU A 89 3.74 -4.56 -7.41
CA LEU A 89 4.76 -3.86 -8.16
C LEU A 89 5.36 -4.80 -9.21
N GLY A 90 5.48 -6.06 -8.81
CA GLY A 90 6.03 -7.07 -9.69
C GLY A 90 5.21 -7.18 -10.98
N LYS A 91 3.93 -6.88 -10.85
CA LYS A 91 3.02 -6.93 -11.99
C LYS A 91 2.83 -5.53 -12.55
N SER A 92 1.83 -5.40 -13.42
CA SER A 92 1.52 -4.12 -14.02
C SER A 92 0.20 -3.58 -13.47
N ASN A 93 -0.18 -2.41 -13.98
CA ASN A 93 -1.41 -1.78 -13.54
C ASN A 93 -2.57 -2.76 -13.69
N HIS A 94 -2.63 -3.37 -14.87
CA HIS A 94 -3.69 -4.33 -15.16
C HIS A 94 -3.57 -5.52 -14.21
N GLU A 95 -2.58 -6.35 -14.48
CA GLU A 95 -2.36 -7.54 -13.66
C GLU A 95 -2.57 -7.21 -12.18
N ALA A 96 -1.74 -6.30 -11.68
CA ALA A 96 -1.83 -5.89 -10.30
C ALA A 96 -3.30 -5.79 -9.89
N MET A 97 -3.97 -4.80 -10.46
CA MET A 97 -5.37 -4.58 -10.17
C MET A 97 -6.16 -5.90 -10.23
N GLU A 98 -5.72 -6.76 -11.14
CA GLU A 98 -6.37 -8.05 -11.31
C GLU A 98 -6.20 -8.90 -10.05
N THR A 99 -5.07 -8.70 -9.38
CA THR A 99 -4.79 -9.44 -8.16
C THR A 99 -5.63 -8.91 -7.00
N LEU A 100 -5.65 -7.58 -6.89
CA LEU A 100 -6.41 -6.94 -5.83
C LEU A 100 -7.83 -7.53 -5.80
N ARG A 101 -8.58 -7.25 -6.84
CA ARG A 101 -9.95 -7.73 -6.94
C ARG A 101 -9.99 -9.24 -6.67
N ARG A 102 -9.29 -9.98 -7.52
CA ARG A 102 -9.24 -11.42 -7.39
C ARG A 102 -8.96 -11.81 -5.94
N SER A 103 -8.15 -11.00 -5.28
CA SER A 103 -7.79 -11.25 -3.89
C SER A 103 -9.01 -11.04 -3.01
N MET A 104 -9.84 -10.07 -3.39
CA MET A 104 -11.04 -9.77 -2.64
C MET A 104 -12.02 -10.94 -2.66
N SER A 105 -11.98 -11.69 -3.76
CA SER A 105 -12.85 -12.83 -3.92
C SER A 105 -12.12 -14.11 -3.48
N MET A 106 -10.82 -13.98 -3.32
CA MET A 106 -9.99 -15.11 -2.91
C MET A 106 -9.77 -15.10 -1.40
N GLU A 107 -9.30 -13.96 -0.91
CA GLU A 107 -9.04 -13.82 0.51
C GLU A 107 -10.35 -13.68 1.29
N GLY A 108 -11.25 -12.86 0.73
CA GLY A 108 -12.54 -12.64 1.35
C GLY A 108 -13.41 -13.89 1.30
N ASN A 109 -12.90 -14.89 0.57
CA ASN A 109 -13.62 -16.14 0.43
C ASN A 109 -13.35 -17.01 1.65
N ILE A 110 -12.08 -17.30 1.89
CA ILE A 110 -11.69 -18.11 3.02
C ILE A 110 -11.31 -17.21 4.19
N ARG A 111 -10.60 -16.14 3.87
CA ARG A 111 -10.16 -15.19 4.89
C ARG A 111 -11.34 -14.30 5.31
N GLY A 112 -12.03 -13.77 4.32
CA GLY A 112 -13.17 -12.90 4.57
C GLY A 112 -12.73 -11.44 4.66
N MET A 113 -11.51 -11.19 4.20
CA MET A 113 -10.97 -9.84 4.22
C MET A 113 -9.81 -9.70 3.22
N ILE A 114 -9.35 -8.47 3.07
CA ILE A 114 -8.26 -8.19 2.15
C ILE A 114 -7.29 -7.20 2.80
N GLN A 115 -6.01 -7.44 2.59
CA GLN A 115 -4.98 -6.58 3.15
C GLN A 115 -4.48 -5.59 2.09
N LEU A 116 -4.00 -4.46 2.56
CA LEU A 116 -3.49 -3.43 1.67
C LEU A 116 -2.20 -2.85 2.25
N VAL A 117 -1.12 -3.01 1.49
CA VAL A 117 0.17 -2.52 1.92
C VAL A 117 0.47 -1.20 1.19
N ILE A 118 0.73 -0.17 1.98
CA ILE A 118 1.03 1.13 1.42
C ILE A 118 2.45 1.55 1.84
N LEU A 119 3.07 2.35 0.99
CA LEU A 119 4.42 2.82 1.27
C LEU A 119 4.47 4.34 1.07
N ARG A 120 4.75 5.05 2.15
CA ARG A 120 4.84 6.49 2.10
C ARG A 120 6.27 6.95 2.40
N ARG A 121 6.74 7.88 1.58
CA ARG A 121 8.09 8.41 1.74
C ARG A 121 8.23 9.09 3.10
N SER A 122 9.48 9.27 3.50
CA SER A 122 9.76 9.92 4.78
C SER A 122 9.00 11.24 4.89
N GLY A 123 9.22 12.09 3.89
CA GLY A 123 8.57 13.38 3.85
C GLY A 123 8.02 13.69 2.46
N PRO A 124 8.07 15.00 2.09
CA PRO A 124 7.59 15.44 0.80
C PRO A 124 8.57 15.05 -0.31
N SER A 125 9.85 15.00 0.06
CA SER A 125 10.89 14.64 -0.88
C SER A 125 10.71 15.44 -2.18
N SER A 126 11.44 16.54 -2.26
CA SER A 126 11.38 17.40 -3.44
C SER A 126 12.57 18.36 -3.44
N GLY A 127 13.55 18.02 -4.26
CA GLY A 127 14.74 18.85 -4.38
C GLY A 127 14.47 20.11 -5.21
N GLY A 1 -13.78 25.87 40.70
CA GLY A 1 -13.56 27.29 40.89
C GLY A 1 -12.08 27.65 40.72
N SER A 2 -11.83 28.58 39.81
CA SER A 2 -10.47 29.02 39.54
C SER A 2 -9.65 27.85 38.99
N SER A 3 -8.95 28.12 37.90
CA SER A 3 -8.12 27.10 37.27
C SER A 3 -7.25 27.74 36.18
N GLY A 4 -6.03 27.25 36.08
CA GLY A 4 -5.10 27.76 35.09
C GLY A 4 -3.67 27.31 35.40
N SER A 5 -3.03 26.73 34.40
CA SER A 5 -1.66 26.26 34.56
C SER A 5 -1.00 26.10 33.19
N SER A 6 0.25 26.53 33.10
CA SER A 6 0.99 26.44 31.86
C SER A 6 2.48 26.28 32.16
N GLY A 7 3.23 25.98 31.12
CA GLY A 7 4.68 25.79 31.25
C GLY A 7 5.23 24.94 30.10
N LEU A 8 5.64 25.62 29.05
CA LEU A 8 6.19 24.95 27.88
C LEU A 8 5.08 24.18 27.17
N LYS A 9 4.59 24.78 26.10
CA LYS A 9 3.52 24.16 25.33
C LYS A 9 4.08 22.98 24.54
N GLY A 10 4.23 21.87 25.25
CA GLY A 10 4.76 20.66 24.63
C GLY A 10 6.10 20.93 23.93
N GLU A 11 6.63 19.89 23.31
CA GLU A 11 7.90 20.02 22.62
C GLU A 11 8.08 18.85 21.64
N PRO A 12 8.90 19.09 20.58
CA PRO A 12 9.16 18.08 19.58
C PRO A 12 10.12 17.02 20.11
N ASP A 13 11.17 17.50 20.76
CA ASP A 13 12.17 16.60 21.32
C ASP A 13 12.82 15.79 20.20
N CYS A 14 14.10 15.52 20.37
CA CYS A 14 14.84 14.76 19.37
C CYS A 14 16.29 14.64 19.86
N TYR A 15 16.89 13.49 19.54
CA TYR A 15 18.26 13.23 19.94
C TYR A 15 19.17 13.15 18.71
N ALA A 16 20.47 13.03 18.99
CA ALA A 16 21.45 12.95 17.92
C ALA A 16 21.42 11.54 17.32
N LEU A 17 20.51 11.36 16.37
CA LEU A 17 20.37 10.07 15.71
C LEU A 17 20.26 10.28 14.20
N SER A 18 20.65 9.25 13.46
CA SER A 18 20.61 9.31 12.01
C SER A 18 19.98 8.03 11.46
N LEU A 19 18.66 7.95 11.59
CA LEU A 19 17.92 6.79 11.11
C LEU A 19 16.70 7.26 10.34
N GLU A 20 16.51 6.68 9.16
CA GLU A 20 15.39 7.02 8.32
C GLU A 20 15.23 6.00 7.19
N SER A 21 14.00 5.89 6.70
CA SER A 21 13.70 4.96 5.62
C SER A 21 12.22 5.02 5.28
N SER A 22 11.90 4.49 4.11
CA SER A 22 10.52 4.47 3.64
C SER A 22 9.59 4.04 4.78
N GLU A 23 8.32 4.39 4.63
CA GLU A 23 7.33 4.04 5.63
C GLU A 23 6.24 3.16 5.01
N GLN A 24 5.82 2.16 5.79
CA GLN A 24 4.78 1.26 5.33
C GLN A 24 3.64 1.20 6.35
N LEU A 25 2.43 0.99 5.82
CA LEU A 25 1.25 0.92 6.67
C LEU A 25 0.43 -0.31 6.27
N THR A 26 0.10 -1.11 7.28
CA THR A 26 -0.68 -2.31 7.04
C THR A 26 -2.13 -2.09 7.47
N LEU A 27 -3.00 -2.02 6.46
CA LEU A 27 -4.41 -1.81 6.72
C LEU A 27 -5.21 -2.99 6.16
N GLU A 28 -6.03 -3.56 7.02
CA GLU A 28 -6.86 -4.70 6.63
C GLU A 28 -8.28 -4.24 6.33
N ILE A 29 -8.93 -5.00 5.46
CA ILE A 29 -10.30 -4.69 5.08
C ILE A 29 -11.06 -5.99 4.81
N PRO A 30 -12.11 -6.22 5.65
CA PRO A 30 -12.91 -7.42 5.51
C PRO A 30 -13.85 -7.32 4.31
N LEU A 31 -14.14 -8.46 3.72
CA LEU A 31 -15.04 -8.51 2.57
C LEU A 31 -16.11 -9.58 2.79
N ASN A 32 -16.90 -9.35 3.83
CA ASN A 32 -17.97 -10.28 4.17
C ASN A 32 -19.24 -9.89 3.42
N ASP A 33 -19.72 -8.69 3.72
CA ASP A 33 -20.93 -8.18 3.08
C ASP A 33 -20.54 -7.36 1.85
N SER A 34 -19.39 -6.71 1.95
CA SER A 34 -18.90 -5.89 0.86
C SER A 34 -18.27 -6.77 -0.22
N GLY A 35 -17.71 -7.89 0.23
CA GLY A 35 -17.08 -8.83 -0.68
C GLY A 35 -18.02 -9.21 -1.82
N SER A 36 -19.29 -9.37 -1.47
CA SER A 36 -20.29 -9.74 -2.46
C SER A 36 -20.07 -8.92 -3.75
N ALA A 37 -19.94 -7.61 -3.57
CA ALA A 37 -19.72 -6.73 -4.70
C ALA A 37 -18.23 -6.50 -4.89
N GLY A 38 -17.56 -6.25 -3.78
CA GLY A 38 -16.12 -6.01 -3.81
C GLY A 38 -15.72 -4.98 -2.76
N LEU A 39 -14.43 -4.64 -2.77
CA LEU A 39 -13.89 -3.67 -1.83
C LEU A 39 -14.90 -2.53 -1.68
N GLY A 40 -15.02 -1.74 -2.73
CA GLY A 40 -15.94 -0.61 -2.73
C GLY A 40 -15.17 0.72 -2.74
N VAL A 41 -14.09 0.73 -3.51
CA VAL A 41 -13.27 1.91 -3.61
C VAL A 41 -12.72 2.02 -5.04
N SER A 42 -12.48 3.25 -5.46
CA SER A 42 -11.95 3.50 -6.79
C SER A 42 -10.43 3.71 -6.73
N LEU A 43 -9.74 3.10 -7.68
CA LEU A 43 -8.30 3.21 -7.74
C LEU A 43 -7.89 3.90 -9.04
N LYS A 44 -6.59 4.07 -9.22
CA LYS A 44 -6.07 4.71 -10.40
C LYS A 44 -4.66 4.17 -10.70
N GLY A 45 -4.42 3.93 -11.98
CA GLY A 45 -3.13 3.41 -12.42
C GLY A 45 -2.27 4.51 -13.03
N ASN A 46 -1.02 4.55 -12.59
CA ASN A 46 -0.09 5.54 -13.08
C ASN A 46 1.05 4.84 -13.83
N LYS A 47 1.42 5.43 -14.97
CA LYS A 47 2.48 4.87 -15.78
C LYS A 47 3.52 5.96 -16.07
N SER A 48 4.78 5.53 -16.17
CA SER A 48 5.86 6.46 -16.44
C SER A 48 6.41 6.22 -17.84
N ARG A 49 6.44 7.30 -18.62
CA ARG A 49 6.94 7.23 -19.98
C ARG A 49 8.46 7.37 -20.00
N GLU A 50 8.93 8.44 -19.37
CA GLU A 50 10.36 8.69 -19.31
C GLU A 50 11.12 7.39 -19.08
N THR A 51 10.91 6.80 -17.91
CA THR A 51 11.58 5.56 -17.55
C THR A 51 11.05 4.42 -18.43
N GLY A 52 9.75 4.43 -18.66
CA GLY A 52 9.11 3.40 -19.47
C GLY A 52 8.74 2.19 -18.62
N THR A 53 8.14 2.47 -17.47
CA THR A 53 7.73 1.41 -16.56
C THR A 53 6.39 1.74 -15.93
N ASP A 54 5.83 0.76 -15.23
CA ASP A 54 4.56 0.94 -14.57
C ASP A 54 4.79 1.46 -13.16
N LEU A 55 4.56 2.75 -12.99
CA LEU A 55 4.74 3.39 -11.70
C LEU A 55 4.17 2.48 -10.60
N GLY A 56 3.06 1.84 -10.93
CA GLY A 56 2.41 0.95 -9.99
C GLY A 56 0.92 1.28 -9.85
N ILE A 57 0.33 0.77 -8.78
CA ILE A 57 -1.08 1.01 -8.52
C ILE A 57 -1.22 1.98 -7.35
N PHE A 58 -2.28 2.78 -7.40
CA PHE A 58 -2.55 3.74 -6.34
C PHE A 58 -4.04 3.85 -6.06
N ILE A 59 -4.36 4.29 -4.85
CA ILE A 59 -5.75 4.44 -4.45
C ILE A 59 -6.28 5.77 -4.99
N LYS A 60 -7.58 5.76 -5.30
CA LYS A 60 -8.22 6.96 -5.83
C LYS A 60 -8.92 7.69 -4.69
N SER A 61 -9.75 6.96 -3.96
CA SER A 61 -10.49 7.53 -2.84
C SER A 61 -11.27 6.44 -2.12
N ILE A 62 -11.79 6.80 -0.96
CA ILE A 62 -12.56 5.87 -0.15
C ILE A 62 -14.03 6.30 -0.16
N ILE A 63 -14.90 5.31 -0.29
CA ILE A 63 -16.33 5.57 -0.31
C ILE A 63 -16.89 5.47 1.11
N HIS A 64 -17.29 6.62 1.64
CA HIS A 64 -17.84 6.67 2.98
C HIS A 64 -19.24 6.04 2.99
N GLY A 65 -19.57 5.43 4.12
CA GLY A 65 -20.87 4.80 4.28
C GLY A 65 -20.82 3.35 3.76
N GLY A 66 -19.61 2.89 3.50
CA GLY A 66 -19.42 1.53 3.01
C GLY A 66 -18.53 0.72 3.96
N ALA A 67 -17.78 -0.19 3.37
CA ALA A 67 -16.87 -1.03 4.14
C ALA A 67 -15.50 -0.35 4.24
N ALA A 68 -14.99 0.03 3.08
CA ALA A 68 -13.70 0.69 3.00
C ALA A 68 -13.71 1.92 3.92
N PHE A 69 -14.86 2.57 3.96
CA PHE A 69 -15.01 3.76 4.79
C PHE A 69 -14.23 3.62 6.10
N LYS A 70 -14.35 2.45 6.70
CA LYS A 70 -13.68 2.18 7.96
C LYS A 70 -12.18 2.46 7.79
N ASP A 71 -11.61 1.84 6.77
CA ASP A 71 -10.19 2.01 6.50
C ASP A 71 -9.97 3.36 5.81
N GLY A 72 -11.07 3.95 5.37
CA GLY A 72 -11.01 5.24 4.71
C GLY A 72 -9.94 6.13 5.33
N ARG A 73 -9.73 5.93 6.62
CA ARG A 73 -8.74 6.71 7.35
C ARG A 73 -7.51 6.96 6.47
N LEU A 74 -7.25 6.01 5.58
CA LEU A 74 -6.11 6.12 4.68
C LEU A 74 -6.31 7.32 3.77
N ARG A 75 -5.30 7.55 2.92
CA ARG A 75 -5.35 8.67 2.00
C ARG A 75 -5.05 8.19 0.58
N MET A 76 -5.99 8.48 -0.32
CA MET A 76 -5.83 8.09 -1.71
C MET A 76 -4.41 8.33 -2.20
N ASN A 77 -4.10 7.75 -3.34
CA ASN A 77 -2.78 7.90 -3.93
C ASN A 77 -1.83 6.89 -3.29
N ASP A 78 -2.37 6.12 -2.36
CA ASP A 78 -1.58 5.11 -1.67
C ASP A 78 -1.11 4.06 -2.67
N GLN A 79 0.21 4.02 -2.85
CA GLN A 79 0.80 3.07 -3.79
C GLN A 79 0.66 1.64 -3.26
N LEU A 80 0.05 0.80 -4.08
CA LEU A 80 -0.16 -0.59 -3.71
C LEU A 80 1.11 -1.38 -4.01
N ILE A 81 1.71 -1.91 -2.95
CA ILE A 81 2.92 -2.69 -3.09
C ILE A 81 2.59 -4.17 -2.92
N ALA A 82 1.78 -4.46 -1.91
CA ALA A 82 1.38 -5.82 -1.63
C ALA A 82 -0.06 -5.83 -1.09
N VAL A 83 -0.84 -6.75 -1.60
CA VAL A 83 -2.24 -6.87 -1.17
C VAL A 83 -2.47 -8.27 -0.61
N ASN A 84 -2.99 -8.31 0.61
CA ASN A 84 -3.27 -9.56 1.27
C ASN A 84 -2.06 -10.49 1.13
N GLY A 85 -0.89 -9.87 1.07
CA GLY A 85 0.35 -10.62 0.95
C GLY A 85 0.77 -10.71 -0.52
N GLU A 86 -0.22 -10.67 -1.41
CA GLU A 86 0.04 -10.74 -2.83
C GLU A 86 1.00 -9.64 -3.25
N THR A 87 2.02 -10.03 -4.00
CA THR A 87 3.02 -9.08 -4.48
C THR A 87 2.52 -8.38 -5.75
N LEU A 88 2.64 -7.06 -5.74
CA LEU A 88 2.22 -6.27 -6.89
C LEU A 88 3.45 -5.68 -7.58
N LEU A 89 4.51 -5.55 -6.81
CA LEU A 89 5.76 -4.99 -7.32
C LEU A 89 6.10 -5.69 -8.64
N GLY A 90 6.43 -6.97 -8.52
CA GLY A 90 6.80 -7.77 -9.67
C GLY A 90 5.75 -7.64 -10.78
N LYS A 91 4.51 -7.46 -10.35
CA LYS A 91 3.40 -7.33 -11.28
C LYS A 91 3.37 -5.89 -11.82
N SER A 92 2.41 -5.64 -12.71
CA SER A 92 2.26 -4.33 -13.29
C SER A 92 0.90 -3.74 -12.92
N ASN A 93 0.64 -2.55 -13.46
CA ASN A 93 -0.62 -1.87 -13.18
C ASN A 93 -1.77 -2.81 -13.52
N HIS A 94 -1.70 -3.39 -14.71
CA HIS A 94 -2.73 -4.30 -15.16
C HIS A 94 -2.82 -5.51 -14.20
N GLU A 95 -1.82 -6.37 -14.32
CA GLU A 95 -1.77 -7.55 -13.47
C GLU A 95 -2.19 -7.21 -12.04
N ALA A 96 -1.40 -6.33 -11.43
CA ALA A 96 -1.69 -5.91 -10.06
C ALA A 96 -3.20 -5.77 -9.88
N MET A 97 -3.74 -4.74 -10.52
CA MET A 97 -5.17 -4.49 -10.42
C MET A 97 -5.98 -5.76 -10.67
N GLU A 98 -5.45 -6.59 -11.58
CA GLU A 98 -6.11 -7.84 -11.91
C GLU A 98 -6.05 -8.80 -10.73
N THR A 99 -4.98 -8.68 -9.97
CA THR A 99 -4.78 -9.53 -8.81
C THR A 99 -5.75 -9.14 -7.69
N LEU A 100 -5.90 -7.84 -7.52
CA LEU A 100 -6.79 -7.31 -6.48
C LEU A 100 -8.15 -8.00 -6.60
N ARG A 101 -8.89 -7.61 -7.63
CA ARG A 101 -10.21 -8.16 -7.86
C ARG A 101 -10.20 -9.67 -7.63
N ARG A 102 -9.09 -10.29 -8.04
CA ARG A 102 -8.93 -11.73 -7.89
C ARG A 102 -8.93 -12.11 -6.41
N SER A 103 -7.96 -11.57 -5.68
CA SER A 103 -7.84 -11.84 -4.27
C SER A 103 -9.12 -11.41 -3.54
N MET A 104 -9.70 -10.31 -4.02
CA MET A 104 -10.92 -9.79 -3.42
C MET A 104 -12.02 -10.85 -3.42
N SER A 105 -11.98 -11.70 -4.44
CA SER A 105 -12.97 -12.75 -4.57
C SER A 105 -12.42 -14.06 -4.00
N MET A 106 -11.10 -14.16 -4.01
CA MET A 106 -10.43 -15.35 -3.51
C MET A 106 -10.19 -15.25 -2.00
N GLU A 107 -9.33 -14.31 -1.65
CA GLU A 107 -9.00 -14.09 -0.25
C GLU A 107 -10.26 -13.85 0.57
N GLY A 108 -11.33 -13.51 -0.14
CA GLY A 108 -12.61 -13.26 0.50
C GLY A 108 -13.48 -14.52 0.52
N ASN A 109 -12.99 -15.55 -0.15
CA ASN A 109 -13.70 -16.81 -0.21
C ASN A 109 -13.20 -17.73 0.90
N ILE A 110 -11.90 -17.98 0.88
CA ILE A 110 -11.28 -18.84 1.88
C ILE A 110 -11.13 -18.06 3.19
N ARG A 111 -10.76 -16.79 3.05
CA ARG A 111 -10.57 -15.93 4.21
C ARG A 111 -11.84 -15.12 4.47
N GLY A 112 -12.08 -14.15 3.60
CA GLY A 112 -13.25 -13.30 3.73
C GLY A 112 -12.85 -11.84 3.96
N MET A 113 -11.61 -11.54 3.58
CA MET A 113 -11.09 -10.20 3.73
C MET A 113 -9.90 -9.96 2.81
N ILE A 114 -9.38 -8.74 2.87
CA ILE A 114 -8.24 -8.38 2.05
C ILE A 114 -7.46 -7.24 2.72
N GLN A 115 -6.15 -7.34 2.66
CA GLN A 115 -5.29 -6.33 3.26
C GLN A 115 -4.68 -5.44 2.17
N LEU A 116 -4.23 -4.26 2.60
CA LEU A 116 -3.62 -3.31 1.68
C LEU A 116 -2.33 -2.78 2.29
N VAL A 117 -1.24 -3.00 1.58
CA VAL A 117 0.06 -2.54 2.03
C VAL A 117 0.48 -1.30 1.23
N ILE A 118 0.61 -0.19 1.94
CA ILE A 118 1.00 1.06 1.32
C ILE A 118 2.45 1.38 1.68
N LEU A 119 3.07 2.18 0.83
CA LEU A 119 4.46 2.57 1.06
C LEU A 119 4.67 4.00 0.54
N ARG A 120 5.09 4.86 1.46
CA ARG A 120 5.33 6.25 1.12
C ARG A 120 6.79 6.62 1.40
N ARG A 121 7.30 7.56 0.61
CA ARG A 121 8.67 8.02 0.77
C ARG A 121 8.89 8.55 2.18
N SER A 122 10.15 8.85 2.48
CA SER A 122 10.50 9.38 3.78
C SER A 122 9.58 10.54 4.16
N GLY A 123 9.63 11.57 3.33
CA GLY A 123 8.81 12.75 3.55
C GLY A 123 8.91 13.72 2.38
N PRO A 124 9.28 14.99 2.71
CA PRO A 124 9.42 16.02 1.70
C PRO A 124 10.70 15.83 0.88
N SER A 125 10.69 14.78 0.06
CA SER A 125 11.84 14.47 -0.77
C SER A 125 13.12 14.54 0.07
N SER A 126 13.48 13.40 0.63
CA SER A 126 14.68 13.32 1.44
C SER A 126 15.91 13.07 0.55
N GLY A 127 15.85 11.97 -0.18
CA GLY A 127 16.94 11.60 -1.07
C GLY A 127 18.11 11.01 -0.28
N GLY A 1 67.29 -25.96 12.37
CA GLY A 1 66.55 -24.94 13.08
C GLY A 1 65.06 -24.98 12.70
N SER A 2 64.79 -24.59 11.47
CA SER A 2 63.42 -24.58 10.97
C SER A 2 62.53 -23.75 11.89
N SER A 3 62.24 -22.54 11.45
CA SER A 3 61.41 -21.64 12.22
C SER A 3 60.77 -20.60 11.31
N GLY A 4 59.47 -20.39 11.52
CA GLY A 4 58.74 -19.42 10.71
C GLY A 4 57.27 -19.81 10.59
N SER A 5 56.42 -18.80 10.58
CA SER A 5 54.98 -19.03 10.46
C SER A 5 54.25 -17.70 10.33
N SER A 6 53.03 -17.78 9.81
CA SER A 6 52.22 -16.59 9.62
C SER A 6 50.84 -16.98 9.08
N GLY A 7 49.88 -16.09 9.29
CA GLY A 7 48.53 -16.33 8.83
C GLY A 7 48.00 -15.13 8.05
N LEU A 8 46.69 -14.90 8.17
CA LEU A 8 46.06 -13.80 7.48
C LEU A 8 44.55 -13.83 7.77
N LYS A 9 44.06 -12.73 8.32
CA LYS A 9 42.65 -12.62 8.63
C LYS A 9 41.83 -12.76 7.35
N GLY A 10 40.51 -12.73 7.53
CA GLY A 10 39.61 -12.85 6.39
C GLY A 10 38.38 -11.95 6.58
N GLU A 11 37.69 -12.17 7.69
CA GLU A 11 36.50 -11.39 7.99
C GLU A 11 35.40 -11.67 6.95
N PRO A 12 34.29 -12.28 7.44
CA PRO A 12 33.18 -12.61 6.57
C PRO A 12 32.37 -11.35 6.22
N ASP A 13 32.16 -10.52 7.23
CA ASP A 13 31.41 -9.29 7.04
C ASP A 13 29.94 -9.63 6.80
N CYS A 14 29.09 -8.68 7.18
CA CYS A 14 27.65 -8.87 7.01
C CYS A 14 27.02 -7.49 6.79
N TYR A 15 25.87 -7.50 6.14
CA TYR A 15 25.14 -6.26 5.87
C TYR A 15 24.90 -5.48 7.16
N ALA A 16 24.24 -4.34 7.00
CA ALA A 16 23.93 -3.49 8.13
C ALA A 16 22.43 -3.58 8.45
N LEU A 17 22.13 -3.74 9.72
CA LEU A 17 20.76 -3.83 10.17
C LEU A 17 19.98 -4.75 9.21
N SER A 18 18.66 -4.69 9.32
CA SER A 18 17.80 -5.51 8.48
C SER A 18 16.33 -5.23 8.81
N LEU A 19 15.47 -5.81 8.00
CA LEU A 19 14.04 -5.63 8.19
C LEU A 19 13.73 -4.14 8.36
N GLU A 20 12.45 -3.85 8.60
CA GLU A 20 12.02 -2.49 8.78
C GLU A 20 12.75 -1.57 7.81
N SER A 21 12.20 -1.46 6.61
CA SER A 21 12.80 -0.62 5.58
C SER A 21 11.78 0.43 5.10
N SER A 22 12.04 1.67 5.48
CA SER A 22 11.16 2.76 5.09
C SER A 22 9.89 2.74 5.95
N GLU A 23 8.91 3.51 5.51
CA GLU A 23 7.64 3.59 6.23
C GLU A 23 6.53 2.92 5.43
N GLN A 24 5.88 1.96 6.06
CA GLN A 24 4.79 1.24 5.42
C GLN A 24 3.70 0.91 6.43
N LEU A 25 2.46 0.96 5.96
CA LEU A 25 1.32 0.67 6.80
C LEU A 25 0.54 -0.51 6.23
N THR A 26 -0.17 -1.20 7.11
CA THR A 26 -0.95 -2.35 6.70
C THR A 26 -2.37 -2.27 7.29
N LEU A 27 -3.32 -1.99 6.42
CA LEU A 27 -4.71 -1.88 6.83
C LEU A 27 -5.52 -3.02 6.21
N GLU A 28 -6.28 -3.69 7.06
CA GLU A 28 -7.10 -4.81 6.62
C GLU A 28 -8.53 -4.35 6.36
N ILE A 29 -9.21 -5.10 5.51
CA ILE A 29 -10.59 -4.77 5.17
C ILE A 29 -11.37 -6.06 4.92
N PRO A 30 -12.47 -6.23 5.72
CA PRO A 30 -13.30 -7.41 5.59
C PRO A 30 -14.17 -7.35 4.34
N LEU A 31 -14.18 -8.45 3.60
CA LEU A 31 -14.96 -8.53 2.39
C LEU A 31 -16.12 -9.52 2.59
N ASN A 32 -16.83 -9.33 3.68
CA ASN A 32 -17.95 -10.20 4.00
C ASN A 32 -19.16 -9.80 3.14
N ASP A 33 -19.62 -8.58 3.36
CA ASP A 33 -20.77 -8.07 2.61
C ASP A 33 -20.27 -7.36 1.35
N SER A 34 -19.10 -6.75 1.48
CA SER A 34 -18.51 -6.02 0.36
C SER A 34 -17.95 -7.01 -0.65
N GLY A 35 -17.26 -8.02 -0.13
CA GLY A 35 -16.66 -9.04 -0.98
C GLY A 35 -17.59 -9.42 -2.12
N SER A 36 -18.88 -9.48 -1.81
CA SER A 36 -19.88 -9.82 -2.80
C SER A 36 -19.51 -9.21 -4.16
N ALA A 37 -19.52 -7.88 -4.20
CA ALA A 37 -19.18 -7.16 -5.40
C ALA A 37 -17.70 -6.80 -5.39
N GLY A 38 -17.18 -6.64 -4.18
CA GLY A 38 -15.77 -6.29 -4.01
C GLY A 38 -15.61 -5.19 -2.96
N LEU A 39 -14.36 -4.83 -2.72
CA LEU A 39 -14.05 -3.80 -1.74
C LEU A 39 -15.08 -2.68 -1.85
N GLY A 40 -15.05 -1.98 -2.97
CA GLY A 40 -15.98 -0.89 -3.20
C GLY A 40 -15.24 0.45 -3.30
N VAL A 41 -13.98 0.37 -3.72
CA VAL A 41 -13.15 1.56 -3.86
C VAL A 41 -12.53 1.57 -5.26
N SER A 42 -12.31 2.77 -5.76
CA SER A 42 -11.71 2.94 -7.08
C SER A 42 -10.24 3.31 -6.94
N LEU A 43 -9.43 2.74 -7.83
CA LEU A 43 -8.00 3.00 -7.81
C LEU A 43 -7.61 3.70 -9.11
N LYS A 44 -6.34 4.06 -9.19
CA LYS A 44 -5.82 4.73 -10.37
C LYS A 44 -4.45 4.14 -10.74
N GLY A 45 -4.15 4.19 -12.02
CA GLY A 45 -2.89 3.67 -12.52
C GLY A 45 -1.92 4.80 -12.88
N ASN A 46 -0.69 4.67 -12.42
CA ASN A 46 0.32 5.66 -12.69
C ASN A 46 1.41 5.05 -13.58
N LYS A 47 1.64 5.71 -14.71
CA LYS A 47 2.65 5.24 -15.65
C LYS A 47 3.74 6.29 -15.77
N SER A 48 4.94 5.82 -16.10
CA SER A 48 6.08 6.70 -16.26
C SER A 48 6.59 6.66 -17.70
N ARG A 49 6.79 7.84 -18.26
CA ARG A 49 7.28 7.95 -19.63
C ARG A 49 8.80 7.84 -19.66
N GLU A 50 9.43 8.61 -18.77
CA GLU A 50 10.89 8.61 -18.70
C GLU A 50 11.43 7.20 -18.86
N THR A 51 10.97 6.31 -17.98
CA THR A 51 11.41 4.93 -18.01
C THR A 51 10.58 4.13 -19.02
N GLY A 52 9.28 4.42 -19.04
CA GLY A 52 8.38 3.74 -19.96
C GLY A 52 7.84 2.45 -19.34
N THR A 53 7.36 2.57 -18.10
CA THR A 53 6.82 1.42 -17.40
C THR A 53 5.65 1.85 -16.50
N ASP A 54 5.01 0.85 -15.91
CA ASP A 54 3.89 1.12 -15.03
C ASP A 54 4.36 1.06 -13.58
N LEU A 55 4.42 2.24 -12.96
CA LEU A 55 4.85 2.33 -11.58
C LEU A 55 4.11 1.29 -10.74
N GLY A 56 2.79 1.33 -10.82
CA GLY A 56 1.96 0.39 -10.08
C GLY A 56 0.51 0.88 -10.01
N ILE A 57 -0.11 0.59 -8.87
CA ILE A 57 -1.49 1.00 -8.66
C ILE A 57 -1.56 1.96 -7.46
N PHE A 58 -2.46 2.91 -7.57
CA PHE A 58 -2.64 3.90 -6.52
C PHE A 58 -4.13 4.19 -6.28
N ILE A 59 -4.52 4.14 -5.02
CA ILE A 59 -5.90 4.39 -4.65
C ILE A 59 -6.34 5.72 -5.25
N LYS A 60 -7.65 5.82 -5.49
CA LYS A 60 -8.21 7.03 -6.06
C LYS A 60 -9.00 7.78 -4.98
N SER A 61 -9.88 7.06 -4.32
CA SER A 61 -10.70 7.63 -3.27
C SER A 61 -11.55 6.54 -2.61
N ILE A 62 -11.83 6.74 -1.33
CA ILE A 62 -12.64 5.80 -0.58
C ILE A 62 -14.10 6.24 -0.61
N ILE A 63 -14.98 5.26 -0.77
CA ILE A 63 -16.41 5.54 -0.81
C ILE A 63 -17.00 5.38 0.59
N HIS A 64 -17.14 6.49 1.28
CA HIS A 64 -17.69 6.48 2.62
C HIS A 64 -19.03 5.73 2.62
N GLY A 65 -19.66 5.73 3.79
CA GLY A 65 -20.94 5.04 3.94
C GLY A 65 -20.92 3.68 3.26
N GLY A 66 -19.76 3.04 3.34
CA GLY A 66 -19.59 1.72 2.73
C GLY A 66 -18.74 0.81 3.62
N ALA A 67 -18.05 -0.11 2.97
CA ALA A 67 -17.20 -1.04 3.70
C ALA A 67 -15.80 -0.44 3.83
N ALA A 68 -15.20 -0.13 2.69
CA ALA A 68 -13.87 0.45 2.67
C ALA A 68 -13.84 1.67 3.58
N PHE A 69 -14.98 2.34 3.66
CA PHE A 69 -15.09 3.53 4.49
C PHE A 69 -14.34 3.34 5.81
N LYS A 70 -14.48 2.15 6.37
CA LYS A 70 -13.83 1.84 7.64
C LYS A 70 -12.34 2.15 7.52
N ASP A 71 -11.74 1.68 6.43
CA ASP A 71 -10.33 1.91 6.19
C ASP A 71 -10.14 3.25 5.49
N GLY A 72 -11.25 3.79 5.00
CA GLY A 72 -11.21 5.07 4.30
C GLY A 72 -10.23 6.03 4.97
N ARG A 73 -10.05 5.85 6.27
CA ARG A 73 -9.15 6.68 7.04
C ARG A 73 -7.89 6.98 6.22
N LEU A 74 -7.55 6.04 5.34
CA LEU A 74 -6.38 6.19 4.50
C LEU A 74 -6.61 7.33 3.51
N ARG A 75 -5.60 7.58 2.68
CA ARG A 75 -5.69 8.64 1.69
C ARG A 75 -5.33 8.09 0.30
N MET A 76 -6.10 8.50 -0.68
CA MET A 76 -5.88 8.06 -2.04
C MET A 76 -4.41 8.19 -2.43
N ASN A 77 -4.10 7.76 -3.64
CA ASN A 77 -2.73 7.82 -4.14
C ASN A 77 -1.84 6.93 -3.26
N ASP A 78 -2.45 5.91 -2.68
CA ASP A 78 -1.73 4.99 -1.82
C ASP A 78 -1.20 3.83 -2.66
N GLN A 79 0.03 3.99 -3.12
CA GLN A 79 0.67 2.96 -3.93
C GLN A 79 0.58 1.60 -3.24
N LEU A 80 0.08 0.63 -3.98
CA LEU A 80 -0.07 -0.72 -3.45
C LEU A 80 1.23 -1.49 -3.68
N ILE A 81 2.09 -1.45 -2.67
CA ILE A 81 3.37 -2.13 -2.74
C ILE A 81 3.14 -3.63 -2.60
N ALA A 82 1.89 -3.99 -2.32
CA ALA A 82 1.52 -5.39 -2.16
C ALA A 82 0.04 -5.49 -1.81
N VAL A 83 -0.41 -6.72 -1.61
CA VAL A 83 -1.80 -6.97 -1.28
C VAL A 83 -1.96 -8.42 -0.85
N ASN A 84 -2.46 -8.60 0.36
CA ASN A 84 -2.67 -9.94 0.89
C ASN A 84 -1.35 -10.72 0.85
N GLY A 85 -0.27 -9.97 0.76
CA GLY A 85 1.05 -10.58 0.70
C GLY A 85 1.53 -10.73 -0.74
N GLU A 86 0.62 -10.46 -1.66
CA GLU A 86 0.93 -10.56 -3.08
C GLU A 86 1.50 -9.24 -3.59
N THR A 87 2.62 -9.35 -4.29
CA THR A 87 3.28 -8.18 -4.83
C THR A 87 2.47 -7.60 -5.99
N LEU A 88 2.65 -6.31 -6.21
CA LEU A 88 1.93 -5.62 -7.28
C LEU A 88 2.94 -4.89 -8.16
N LEU A 89 3.90 -4.24 -7.51
CA LEU A 89 4.93 -3.50 -8.23
C LEU A 89 5.50 -4.39 -9.35
N GLY A 90 5.67 -5.66 -9.02
CA GLY A 90 6.20 -6.61 -9.99
C GLY A 90 5.28 -6.74 -11.19
N LYS A 91 3.99 -6.52 -10.95
CA LYS A 91 3.00 -6.61 -12.01
C LYS A 91 2.75 -5.21 -12.59
N SER A 92 1.79 -5.16 -13.50
CA SER A 92 1.45 -3.90 -14.14
C SER A 92 0.14 -3.36 -13.56
N ASN A 93 -0.35 -2.29 -14.19
CA ASN A 93 -1.59 -1.68 -13.74
C ASN A 93 -2.73 -2.68 -13.87
N HIS A 94 -2.83 -3.27 -15.06
CA HIS A 94 -3.87 -4.24 -15.31
C HIS A 94 -3.69 -5.45 -14.40
N GLU A 95 -2.65 -6.22 -14.69
CA GLU A 95 -2.35 -7.41 -13.90
C GLU A 95 -2.62 -7.14 -12.42
N ALA A 96 -1.82 -6.23 -11.87
CA ALA A 96 -1.95 -5.89 -10.47
C ALA A 96 -3.44 -5.84 -10.10
N MET A 97 -4.12 -4.85 -10.66
CA MET A 97 -5.53 -4.67 -10.39
C MET A 97 -6.28 -6.00 -10.54
N GLU A 98 -5.85 -6.79 -11.52
CA GLU A 98 -6.47 -8.07 -11.77
C GLU A 98 -6.28 -9.00 -10.57
N THR A 99 -5.17 -8.79 -9.88
CA THR A 99 -4.86 -9.60 -8.71
C THR A 99 -5.68 -9.14 -7.51
N LEU A 100 -5.74 -7.82 -7.34
CA LEU A 100 -6.49 -7.24 -6.25
C LEU A 100 -7.85 -7.92 -6.13
N ARG A 101 -8.73 -7.60 -7.07
CA ARG A 101 -10.06 -8.18 -7.08
C ARG A 101 -9.98 -9.69 -6.89
N ARG A 102 -8.84 -10.24 -7.28
CA ARG A 102 -8.63 -11.68 -7.16
C ARG A 102 -8.39 -12.06 -5.69
N SER A 103 -7.34 -11.50 -5.13
CA SER A 103 -7.00 -11.77 -3.74
C SER A 103 -8.15 -11.35 -2.83
N MET A 104 -9.08 -10.60 -3.41
CA MET A 104 -10.24 -10.13 -2.66
C MET A 104 -11.24 -11.27 -2.45
N SER A 105 -11.51 -11.99 -3.53
CA SER A 105 -12.45 -13.09 -3.47
C SER A 105 -11.69 -14.42 -3.29
N MET A 106 -10.53 -14.49 -3.94
CA MET A 106 -9.71 -15.68 -3.85
C MET A 106 -9.03 -15.79 -2.48
N GLU A 107 -8.20 -14.80 -2.19
CA GLU A 107 -7.48 -14.77 -0.93
C GLU A 107 -8.43 -14.38 0.21
N GLY A 108 -9.55 -13.79 -0.17
CA GLY A 108 -10.54 -13.36 0.79
C GLY A 108 -11.61 -14.43 0.99
N ASN A 109 -11.55 -15.45 0.14
CA ASN A 109 -12.51 -16.53 0.20
C ASN A 109 -12.20 -17.41 1.43
N ILE A 110 -10.91 -17.55 1.70
CA ILE A 110 -10.48 -18.35 2.83
C ILE A 110 -10.19 -17.43 4.01
N ARG A 111 -9.70 -16.24 3.70
CA ARG A 111 -9.38 -15.27 4.73
C ARG A 111 -10.65 -14.55 5.19
N GLY A 112 -11.19 -13.74 4.29
CA GLY A 112 -12.40 -12.99 4.59
C GLY A 112 -12.14 -11.49 4.54
N MET A 113 -10.97 -11.13 4.04
CA MET A 113 -10.59 -9.74 3.93
C MET A 113 -9.44 -9.56 2.94
N ILE A 114 -8.87 -8.36 2.96
CA ILE A 114 -7.76 -8.05 2.07
C ILE A 114 -6.83 -7.04 2.75
N GLN A 115 -5.54 -7.33 2.68
CA GLN A 115 -4.55 -6.46 3.28
C GLN A 115 -3.98 -5.49 2.24
N LEU A 116 -3.98 -4.21 2.60
CA LEU A 116 -3.47 -3.19 1.71
C LEU A 116 -2.21 -2.57 2.31
N VAL A 117 -1.11 -2.74 1.59
CA VAL A 117 0.17 -2.20 2.05
C VAL A 117 0.51 -0.95 1.23
N ILE A 118 0.78 0.12 1.95
CA ILE A 118 1.13 1.39 1.31
C ILE A 118 2.55 1.78 1.72
N LEU A 119 3.22 2.45 0.79
CA LEU A 119 4.59 2.89 1.03
C LEU A 119 4.63 4.42 1.03
N ARG A 120 5.09 4.96 2.15
CA ARG A 120 5.20 6.40 2.29
C ARG A 120 6.55 6.78 2.88
N ARG A 121 7.35 7.47 2.06
CA ARG A 121 8.67 7.89 2.48
C ARG A 121 8.68 9.40 2.74
N SER A 122 8.23 10.15 1.75
CA SER A 122 8.18 11.60 1.86
C SER A 122 6.84 12.03 2.45
N GLY A 123 5.77 11.70 1.74
CA GLY A 123 4.44 12.04 2.18
C GLY A 123 3.66 12.75 1.07
N PRO A 124 2.42 13.20 1.43
CA PRO A 124 1.57 13.88 0.47
C PRO A 124 2.06 15.33 0.25
N SER A 125 3.26 15.42 -0.30
CA SER A 125 3.84 16.73 -0.58
C SER A 125 3.53 17.15 -2.01
N SER A 126 3.01 18.36 -2.14
CA SER A 126 2.65 18.89 -3.44
C SER A 126 2.37 20.39 -3.33
N GLY A 127 2.56 21.08 -4.45
CA GLY A 127 2.33 22.51 -4.49
C GLY A 127 1.16 22.86 -5.42
#